data_2CP3
#
_entry.id   2CP3
#
_entity_poly.entity_id   1
_entity_poly.type   'polypeptide(L)'
_entity_poly.pdbx_seq_one_letter_code
;GSSGSSGLRLGDRVLVGGTKTGVVRYVGETDFAKGEWCGVELDEPLGKNDGAVAGTRYFQCPPKFGLFAPIHKVIRIGSG
PSSG
;
_entity_poly.pdbx_strand_id   A
#
# COMPACT_ATOMS: atom_id res chain seq x y z
N GLY A 1 8.54 8.44 -14.55
CA GLY A 1 9.99 8.54 -14.28
C GLY A 1 10.54 7.30 -13.59
N SER A 2 11.03 6.35 -14.39
CA SER A 2 11.58 5.12 -13.85
C SER A 2 13.04 5.29 -13.48
N SER A 3 13.29 5.60 -12.21
CA SER A 3 14.65 5.80 -11.72
C SER A 3 14.99 4.78 -10.63
N GLY A 4 14.25 4.83 -9.53
CA GLY A 4 14.49 3.90 -8.44
C GLY A 4 13.41 3.96 -7.38
N SER A 5 13.05 5.18 -6.97
CA SER A 5 12.01 5.37 -5.96
C SER A 5 10.62 5.24 -6.57
N SER A 6 10.24 4.02 -6.94
CA SER A 6 8.94 3.77 -7.53
C SER A 6 8.60 2.27 -7.49
N GLY A 7 7.31 1.97 -7.42
CA GLY A 7 6.87 0.59 -7.38
C GLY A 7 6.71 0.09 -5.95
N LEU A 8 7.69 0.36 -5.11
CA LEU A 8 7.66 -0.06 -3.72
C LEU A 8 7.67 -1.59 -3.61
N ARG A 9 8.59 -2.12 -2.84
CA ARG A 9 8.70 -3.56 -2.65
C ARG A 9 7.47 -4.12 -1.96
N LEU A 10 7.21 -5.41 -2.19
CA LEU A 10 6.04 -6.07 -1.59
C LEU A 10 6.34 -6.50 -0.16
N GLY A 11 6.26 -5.55 0.77
CA GLY A 11 6.53 -5.85 2.17
C GLY A 11 7.47 -4.84 2.81
N ASP A 12 7.23 -3.56 2.55
CA ASP A 12 8.06 -2.50 3.11
C ASP A 12 7.21 -1.44 3.79
N ARG A 13 7.73 -0.87 4.87
CA ARG A 13 7.01 0.16 5.61
C ARG A 13 6.98 1.48 4.83
N VAL A 14 5.79 1.87 4.40
CA VAL A 14 5.63 3.11 3.64
C VAL A 14 4.66 4.06 4.33
N LEU A 15 4.81 5.34 4.07
CA LEU A 15 3.93 6.36 4.67
C LEU A 15 2.71 6.60 3.80
N VAL A 16 1.53 6.54 4.42
CA VAL A 16 0.28 6.76 3.70
C VAL A 16 -0.46 7.98 4.24
N GLY A 17 -0.47 9.05 3.46
CA GLY A 17 -1.15 10.26 3.89
C GLY A 17 -0.20 11.27 4.50
N GLY A 18 0.84 10.78 5.17
CA GLY A 18 1.81 11.67 5.78
C GLY A 18 1.78 11.60 7.31
N THR A 19 1.44 10.42 7.83
CA THR A 19 1.38 10.23 9.27
C THR A 19 1.14 8.75 9.61
N LYS A 20 0.22 8.13 8.88
CA LYS A 20 -0.10 6.73 9.09
C LYS A 20 0.93 5.82 8.42
N THR A 21 1.69 5.09 9.23
CA THR A 21 2.71 4.19 8.72
C THR A 21 2.13 2.80 8.47
N GLY A 22 2.39 2.24 7.30
CA GLY A 22 1.89 0.92 6.97
C GLY A 22 2.79 0.19 5.99
N VAL A 23 2.81 -1.14 6.10
CA VAL A 23 3.64 -1.96 5.22
C VAL A 23 2.87 -2.35 3.96
N VAL A 24 3.55 -2.31 2.82
CA VAL A 24 2.93 -2.67 1.55
C VAL A 24 2.56 -4.15 1.51
N ARG A 25 1.31 -4.43 1.17
CA ARG A 25 0.82 -5.80 1.10
C ARG A 25 0.56 -6.21 -0.35
N TYR A 26 0.14 -5.25 -1.16
CA TYR A 26 -0.15 -5.51 -2.57
C TYR A 26 0.33 -4.35 -3.44
N VAL A 27 0.76 -4.69 -4.66
CA VAL A 27 1.25 -3.68 -5.60
C VAL A 27 0.89 -4.05 -7.03
N GLY A 28 0.12 -3.18 -7.68
CA GLY A 28 -0.28 -3.43 -9.05
C GLY A 28 -1.61 -2.78 -9.40
N GLU A 29 -2.08 -3.02 -10.61
CA GLU A 29 -3.35 -2.45 -11.06
C GLU A 29 -4.52 -3.05 -10.30
N THR A 30 -5.66 -2.38 -10.34
CA THR A 30 -6.85 -2.85 -9.65
C THR A 30 -7.97 -3.14 -10.63
N ASP A 31 -9.17 -3.40 -10.10
CA ASP A 31 -10.32 -3.70 -10.95
C ASP A 31 -11.48 -2.74 -10.65
N PHE A 32 -11.14 -1.52 -10.27
CA PHE A 32 -12.14 -0.51 -9.96
C PHE A 32 -11.72 0.86 -10.50
N ALA A 33 -10.47 1.23 -10.26
CA ALA A 33 -9.96 2.51 -10.73
C ALA A 33 -8.78 2.32 -11.69
N LYS A 34 -8.70 3.18 -12.68
CA LYS A 34 -7.62 3.11 -13.66
C LYS A 34 -6.28 3.48 -13.04
N GLY A 35 -5.22 2.81 -13.48
CA GLY A 35 -3.89 3.09 -12.96
C GLY A 35 -3.41 2.01 -11.99
N GLU A 36 -2.26 2.24 -11.38
CA GLU A 36 -1.69 1.29 -10.44
C GLU A 36 -1.89 1.76 -9.00
N TRP A 37 -2.36 0.86 -8.15
CA TRP A 37 -2.59 1.18 -6.74
C TRP A 37 -1.73 0.31 -5.83
N CYS A 38 -1.52 0.77 -4.60
CA CYS A 38 -0.71 0.03 -3.64
C CYS A 38 -1.48 -0.17 -2.33
N GLY A 39 -1.68 -1.43 -1.96
CA GLY A 39 -2.39 -1.73 -0.72
C GLY A 39 -1.50 -1.67 0.49
N VAL A 40 -1.62 -0.58 1.26
CA VAL A 40 -0.82 -0.40 2.46
C VAL A 40 -1.59 -0.83 3.71
N GLU A 41 -0.98 -1.70 4.50
CA GLU A 41 -1.60 -2.19 5.73
C GLU A 41 -1.09 -1.42 6.94
N LEU A 42 -2.01 -0.86 7.71
CA LEU A 42 -1.65 -0.11 8.91
C LEU A 42 -1.62 -1.00 10.14
N ASP A 43 -1.11 -0.47 11.24
CA ASP A 43 -1.02 -1.22 12.49
C ASP A 43 -2.28 -1.04 13.33
N GLU A 44 -2.91 0.13 13.19
CA GLU A 44 -4.13 0.42 13.94
C GLU A 44 -5.35 0.39 13.03
N PRO A 45 -6.55 0.28 13.62
CA PRO A 45 -7.80 0.24 12.84
C PRO A 45 -8.13 1.58 12.21
N LEU A 46 -7.27 2.03 11.31
CA LEU A 46 -7.47 3.31 10.63
C LEU A 46 -7.57 3.11 9.11
N GLY A 47 -8.10 1.96 8.71
CA GLY A 47 -8.24 1.67 7.30
C GLY A 47 -9.68 1.75 6.82
N LYS A 48 -9.90 1.49 5.54
CA LYS A 48 -11.23 1.55 4.97
C LYS A 48 -11.71 0.15 4.59
N ASN A 49 -10.78 -0.69 4.15
CA ASN A 49 -11.11 -2.07 3.76
C ASN A 49 -10.07 -3.04 4.26
N ASP A 50 -10.19 -4.31 3.85
CA ASP A 50 -9.25 -5.33 4.26
C ASP A 50 -8.58 -5.97 3.05
N GLY A 51 -8.27 -5.15 2.05
CA GLY A 51 -7.63 -5.65 0.84
C GLY A 51 -8.59 -6.42 -0.04
N ALA A 52 -9.87 -6.07 0.02
CA ALA A 52 -10.89 -6.72 -0.79
C ALA A 52 -11.76 -5.70 -1.52
N VAL A 53 -11.70 -5.71 -2.84
CA VAL A 53 -12.48 -4.79 -3.65
C VAL A 53 -13.57 -5.52 -4.42
N ALA A 54 -14.81 -5.40 -3.95
CA ALA A 54 -15.94 -6.05 -4.60
C ALA A 54 -15.77 -7.56 -4.62
N GLY A 55 -15.19 -8.10 -3.55
CA GLY A 55 -14.98 -9.53 -3.46
C GLY A 55 -13.57 -9.93 -3.86
N THR A 56 -12.96 -9.15 -4.75
CA THR A 56 -11.61 -9.42 -5.21
C THR A 56 -10.59 -9.14 -4.12
N ARG A 57 -10.04 -10.19 -3.54
CA ARG A 57 -9.05 -10.06 -2.48
C ARG A 57 -7.66 -10.40 -2.99
N TYR A 58 -6.79 -9.39 -3.07
CA TYR A 58 -5.43 -9.59 -3.54
C TYR A 58 -4.53 -10.11 -2.42
N PHE A 59 -4.84 -9.69 -1.19
CA PHE A 59 -4.06 -10.11 -0.03
C PHE A 59 -4.95 -10.26 1.19
N GLN A 60 -4.77 -11.37 1.91
CA GLN A 60 -5.56 -11.64 3.11
C GLN A 60 -5.17 -10.69 4.24
N CYS A 61 -6.14 -9.90 4.71
CA CYS A 61 -5.90 -8.96 5.79
C CYS A 61 -7.13 -8.81 6.67
N PRO A 62 -6.93 -8.51 7.97
CA PRO A 62 -8.03 -8.34 8.92
C PRO A 62 -8.87 -7.10 8.64
N PRO A 63 -10.16 -7.11 9.01
CA PRO A 63 -11.06 -5.97 8.79
C PRO A 63 -10.52 -4.68 9.38
N LYS A 64 -10.61 -3.59 8.61
CA LYS A 64 -10.14 -2.29 9.06
C LYS A 64 -8.63 -2.33 9.34
N PHE A 65 -7.85 -2.43 8.28
CA PHE A 65 -6.40 -2.47 8.40
C PHE A 65 -5.72 -2.09 7.09
N GLY A 66 -6.22 -2.65 5.99
CA GLY A 66 -5.65 -2.37 4.69
C GLY A 66 -6.30 -1.17 4.03
N LEU A 67 -5.49 -0.31 3.40
CA LEU A 67 -5.99 0.87 2.74
C LEU A 67 -5.40 1.00 1.34
N PHE A 68 -6.26 0.93 0.33
CA PHE A 68 -5.83 1.04 -1.06
C PHE A 68 -5.59 2.50 -1.44
N ALA A 69 -4.36 2.80 -1.84
CA ALA A 69 -4.00 4.17 -2.23
C ALA A 69 -3.09 4.16 -3.45
N PRO A 70 -3.19 5.19 -4.30
CA PRO A 70 -2.37 5.29 -5.52
C PRO A 70 -0.88 5.17 -5.21
N ILE A 71 -0.14 4.55 -6.14
CA ILE A 71 1.30 4.37 -5.96
C ILE A 71 2.02 5.72 -5.81
N HIS A 72 1.68 6.66 -6.69
CA HIS A 72 2.29 7.98 -6.64
C HIS A 72 1.94 8.71 -5.35
N LYS A 73 0.89 8.25 -4.67
CA LYS A 73 0.47 8.86 -3.42
C LYS A 73 1.03 8.09 -2.22
N VAL A 74 2.13 7.38 -2.44
CA VAL A 74 2.76 6.60 -1.37
C VAL A 74 4.22 7.01 -1.18
N ILE A 75 4.61 7.21 0.06
CA ILE A 75 5.98 7.60 0.38
C ILE A 75 6.74 6.47 1.05
N ARG A 76 8.01 6.33 0.72
CA ARG A 76 8.86 5.29 1.29
C ARG A 76 9.65 5.82 2.48
N ILE A 77 9.87 4.95 3.46
CA ILE A 77 10.63 5.33 4.65
C ILE A 77 12.05 4.77 4.62
N GLY A 78 12.21 3.62 3.97
CA GLY A 78 13.51 3.01 3.87
C GLY A 78 14.33 3.57 2.74
N SER A 79 15.66 3.61 2.92
CA SER A 79 16.56 4.14 1.91
C SER A 79 17.61 3.10 1.52
N GLY A 80 17.72 2.83 0.23
CA GLY A 80 18.70 1.87 -0.25
C GLY A 80 20.09 2.45 -0.37
N PRO A 81 20.31 3.38 -1.32
CA PRO A 81 21.62 4.00 -1.52
C PRO A 81 21.97 4.98 -0.40
N SER A 82 22.08 4.47 0.81
CA SER A 82 22.41 5.29 1.97
C SER A 82 23.53 4.65 2.80
N SER A 83 24.15 5.45 3.66
CA SER A 83 25.23 4.96 4.51
C SER A 83 25.11 5.52 5.92
N GLY A 84 24.98 6.85 6.02
CA GLY A 84 24.85 7.48 7.31
C GLY A 84 26.19 8.00 7.84
N GLY A 1 15.99 0.90 -13.33
CA GLY A 1 17.28 1.30 -13.96
C GLY A 1 17.28 2.75 -14.41
N SER A 2 17.83 3.63 -13.60
CA SER A 2 17.89 5.05 -13.92
C SER A 2 16.49 5.63 -14.10
N SER A 3 16.43 6.90 -14.47
CA SER A 3 15.15 7.58 -14.67
C SER A 3 14.33 7.58 -13.39
N GLY A 4 13.10 8.08 -13.48
CA GLY A 4 12.23 8.13 -12.32
C GLY A 4 11.03 7.21 -12.45
N SER A 5 11.27 5.97 -12.86
CA SER A 5 10.22 4.99 -13.02
C SER A 5 9.65 4.57 -11.67
N SER A 6 10.50 4.57 -10.65
CA SER A 6 10.08 4.19 -9.30
C SER A 6 9.57 2.75 -9.28
N GLY A 7 9.47 2.19 -8.08
CA GLY A 7 9.00 0.82 -7.95
C GLY A 7 8.93 0.36 -6.50
N LEU A 8 7.82 -0.23 -6.11
CA LEU A 8 7.64 -0.71 -4.75
C LEU A 8 7.48 -2.23 -4.73
N ARG A 9 8.09 -2.86 -3.72
CA ARG A 9 8.01 -4.31 -3.58
C ARG A 9 6.84 -4.71 -2.70
N LEU A 10 6.61 -6.02 -2.59
CA LEU A 10 5.52 -6.54 -1.77
C LEU A 10 6.01 -6.91 -0.38
N GLY A 11 6.13 -5.90 0.48
CA GLY A 11 6.59 -6.13 1.84
C GLY A 11 7.58 -5.08 2.30
N ASP A 12 7.20 -3.81 2.16
CA ASP A 12 8.07 -2.71 2.56
C ASP A 12 7.32 -1.74 3.47
N ARG A 13 8.07 -1.01 4.29
CA ARG A 13 7.48 -0.05 5.21
C ARG A 13 7.28 1.30 4.54
N VAL A 14 6.01 1.67 4.32
CA VAL A 14 5.69 2.93 3.68
C VAL A 14 4.87 3.83 4.62
N LEU A 15 4.62 5.06 4.18
CA LEU A 15 3.86 6.01 4.98
C LEU A 15 2.70 6.59 4.18
N VAL A 16 1.49 6.44 4.72
CA VAL A 16 0.30 6.95 4.05
C VAL A 16 -0.07 8.34 4.57
N GLY A 17 -0.14 9.31 3.66
CA GLY A 17 -0.48 10.66 4.05
C GLY A 17 0.55 11.28 4.97
N GLY A 18 1.78 10.78 4.92
CA GLY A 18 2.83 11.30 5.76
C GLY A 18 2.49 11.22 7.24
N THR A 19 1.80 10.16 7.63
CA THR A 19 1.41 9.98 9.02
C THR A 19 1.17 8.50 9.34
N LYS A 20 0.07 7.97 8.81
CA LYS A 20 -0.28 6.58 9.03
C LYS A 20 0.79 5.64 8.45
N THR A 21 1.52 4.97 9.34
CA THR A 21 2.57 4.05 8.93
C THR A 21 2.02 2.66 8.71
N GLY A 22 2.38 2.04 7.58
CA GLY A 22 1.90 0.71 7.27
C GLY A 22 2.80 0.00 6.27
N VAL A 23 2.74 -1.33 6.28
CA VAL A 23 3.55 -2.13 5.36
C VAL A 23 2.81 -2.38 4.06
N VAL A 24 3.57 -2.54 2.97
CA VAL A 24 2.98 -2.80 1.66
C VAL A 24 2.47 -4.23 1.56
N ARG A 25 1.22 -4.38 1.13
CA ARG A 25 0.61 -5.69 0.98
C ARG A 25 0.24 -5.96 -0.47
N TYR A 26 -0.26 -4.94 -1.15
CA TYR A 26 -0.66 -5.07 -2.55
C TYR A 26 0.14 -4.11 -3.43
N VAL A 27 0.69 -4.63 -4.52
CA VAL A 27 1.47 -3.82 -5.44
C VAL A 27 1.25 -4.26 -6.89
N GLY A 28 0.40 -3.52 -7.59
CA GLY A 28 0.11 -3.85 -8.98
C GLY A 28 -1.04 -3.05 -9.54
N GLU A 29 -1.40 -3.32 -10.79
CA GLU A 29 -2.49 -2.61 -11.44
C GLU A 29 -3.85 -3.09 -10.92
N THR A 30 -4.89 -2.31 -11.17
CA THR A 30 -6.23 -2.67 -10.72
C THR A 30 -7.20 -2.69 -11.90
N ASP A 31 -8.45 -3.02 -11.62
CA ASP A 31 -9.49 -3.09 -12.65
C ASP A 31 -10.59 -2.07 -12.39
N PHE A 32 -10.96 -1.92 -11.12
CA PHE A 32 -12.00 -0.97 -10.74
C PHE A 32 -11.60 0.46 -11.12
N ALA A 33 -10.30 0.73 -11.09
CA ALA A 33 -9.79 2.05 -11.43
C ALA A 33 -8.61 1.96 -12.39
N LYS A 34 -8.25 3.09 -12.99
CA LYS A 34 -7.13 3.13 -13.92
C LYS A 34 -5.83 3.51 -13.22
N GLY A 35 -4.72 2.99 -13.73
CA GLY A 35 -3.43 3.28 -13.12
C GLY A 35 -2.97 2.21 -12.16
N GLU A 36 -1.85 2.44 -11.51
CA GLU A 36 -1.30 1.48 -10.55
C GLU A 36 -1.59 1.91 -9.13
N TRP A 37 -2.17 1.00 -8.35
CA TRP A 37 -2.51 1.28 -6.96
C TRP A 37 -1.67 0.44 -6.01
N CYS A 38 -1.72 0.76 -4.72
CA CYS A 38 -0.96 0.03 -3.71
C CYS A 38 -1.78 -0.13 -2.43
N GLY A 39 -1.65 -1.30 -1.81
CA GLY A 39 -2.38 -1.57 -0.58
C GLY A 39 -1.49 -1.54 0.64
N VAL A 40 -1.59 -0.47 1.43
CA VAL A 40 -0.78 -0.33 2.63
C VAL A 40 -1.60 -0.66 3.88
N GLU A 41 -1.20 -1.71 4.58
CA GLU A 41 -1.89 -2.13 5.80
C GLU A 41 -1.33 -1.42 7.03
N LEU A 42 -2.09 -0.46 7.55
CA LEU A 42 -1.67 0.29 8.72
C LEU A 42 -1.65 -0.59 9.96
N ASP A 43 -0.88 -0.18 10.97
CA ASP A 43 -0.78 -0.93 12.21
C ASP A 43 -1.99 -0.67 13.10
N GLU A 44 -2.46 0.58 13.12
CA GLU A 44 -3.60 0.95 13.92
C GLU A 44 -4.89 0.83 13.12
N PRO A 45 -6.03 0.66 13.82
CA PRO A 45 -7.34 0.53 13.16
C PRO A 45 -7.79 1.83 12.49
N LEU A 46 -7.04 2.25 11.48
CA LEU A 46 -7.36 3.48 10.75
C LEU A 46 -7.67 3.18 9.29
N GLY A 47 -8.16 1.97 9.02
CA GLY A 47 -8.48 1.58 7.66
C GLY A 47 -9.97 1.36 7.47
N LYS A 48 -10.41 1.34 6.21
CA LYS A 48 -11.81 1.13 5.90
C LYS A 48 -12.02 -0.20 5.16
N ASN A 49 -11.07 -0.52 4.28
CA ASN A 49 -11.14 -1.76 3.51
C ASN A 49 -10.32 -2.87 4.17
N ASP A 50 -10.35 -4.05 3.58
CA ASP A 50 -9.60 -5.18 4.10
C ASP A 50 -8.83 -5.89 2.99
N GLY A 51 -8.33 -5.11 2.04
CA GLY A 51 -7.58 -5.68 0.93
C GLY A 51 -8.45 -6.50 0.00
N ALA A 52 -9.73 -6.14 -0.08
CA ALA A 52 -10.67 -6.86 -0.94
C ALA A 52 -11.65 -5.89 -1.60
N VAL A 53 -11.46 -5.65 -2.89
CA VAL A 53 -12.33 -4.75 -3.63
C VAL A 53 -13.04 -5.48 -4.76
N ALA A 54 -14.34 -5.23 -4.89
CA ALA A 54 -15.15 -5.86 -5.92
C ALA A 54 -15.13 -7.39 -5.77
N GLY A 55 -15.04 -7.86 -4.53
CA GLY A 55 -15.02 -9.28 -4.28
C GLY A 55 -13.72 -9.93 -4.69
N THR A 56 -12.64 -9.14 -4.66
CA THR A 56 -11.32 -9.64 -5.02
C THR A 56 -10.30 -9.34 -3.93
N ARG A 57 -9.93 -10.37 -3.18
CA ARG A 57 -8.96 -10.22 -2.10
C ARG A 57 -7.54 -10.49 -2.60
N TYR A 58 -6.77 -9.43 -2.82
CA TYR A 58 -5.40 -9.57 -3.29
C TYR A 58 -4.48 -10.04 -2.17
N PHE A 59 -4.78 -9.62 -0.95
CA PHE A 59 -3.98 -10.01 0.21
C PHE A 59 -4.86 -10.22 1.44
N GLN A 60 -4.65 -11.32 2.14
CA GLN A 60 -5.42 -11.65 3.32
C GLN A 60 -5.13 -10.65 4.44
N CYS A 61 -6.13 -9.85 4.80
CA CYS A 61 -5.98 -8.86 5.86
C CYS A 61 -7.29 -8.67 6.62
N PRO A 62 -7.21 -8.32 7.92
CA PRO A 62 -8.38 -8.11 8.76
C PRO A 62 -9.15 -6.84 8.37
N PRO A 63 -10.36 -6.66 8.92
CA PRO A 63 -11.20 -5.49 8.63
C PRO A 63 -10.64 -4.22 9.24
N LYS A 64 -10.77 -3.11 8.52
CA LYS A 64 -10.27 -1.82 9.00
C LYS A 64 -8.76 -1.86 9.21
N PHE A 65 -8.01 -2.09 8.13
CA PHE A 65 -6.56 -2.15 8.20
C PHE A 65 -5.93 -1.92 6.83
N GLY A 66 -6.49 -2.57 5.81
CA GLY A 66 -5.97 -2.42 4.47
C GLY A 66 -6.51 -1.19 3.77
N LEU A 67 -5.61 -0.29 3.39
CA LEU A 67 -6.01 0.94 2.71
C LEU A 67 -5.41 1.00 1.31
N PHE A 68 -6.28 1.08 0.30
CA PHE A 68 -5.85 1.15 -1.09
C PHE A 68 -5.61 2.59 -1.52
N ALA A 69 -4.36 2.92 -1.81
CA ALA A 69 -4.00 4.26 -2.24
C ALA A 69 -3.13 4.23 -3.49
N PRO A 70 -3.24 5.25 -4.36
CA PRO A 70 -2.47 5.34 -5.60
C PRO A 70 -0.97 5.22 -5.34
N ILE A 71 -0.24 4.80 -6.37
CA ILE A 71 1.22 4.64 -6.26
C ILE A 71 1.88 5.98 -5.92
N HIS A 72 1.46 7.03 -6.61
CA HIS A 72 2.02 8.36 -6.38
C HIS A 72 1.70 8.85 -4.97
N LYS A 73 0.69 8.25 -4.35
CA LYS A 73 0.29 8.62 -3.00
C LYS A 73 0.95 7.73 -1.95
N VAL A 74 2.07 7.12 -2.32
CA VAL A 74 2.80 6.25 -1.41
C VAL A 74 4.23 6.72 -1.22
N ILE A 75 4.48 7.42 -0.10
CA ILE A 75 5.80 7.93 0.20
C ILE A 75 6.61 6.94 1.04
N ARG A 76 7.57 6.27 0.41
CA ARG A 76 8.40 5.30 1.11
C ARG A 76 9.21 5.97 2.22
N ILE A 77 9.13 5.40 3.42
CA ILE A 77 9.85 5.95 4.57
C ILE A 77 10.92 4.98 5.05
N GLY A 78 10.61 3.69 5.00
CA GLY A 78 11.57 2.68 5.44
C GLY A 78 12.81 2.64 4.57
N SER A 79 13.96 2.94 5.17
CA SER A 79 15.22 2.95 4.44
C SER A 79 16.40 2.72 5.39
N GLY A 80 16.69 1.46 5.68
CA GLY A 80 17.78 1.13 6.58
C GLY A 80 17.89 -0.37 6.83
N PRO A 81 18.18 -1.15 5.80
CA PRO A 81 18.31 -2.61 5.94
C PRO A 81 19.57 -3.01 6.71
N SER A 82 20.68 -2.38 6.37
CA SER A 82 21.96 -2.66 7.04
C SER A 82 22.09 -1.87 8.33
N SER A 83 23.03 -2.26 9.17
CA SER A 83 23.25 -1.58 10.44
C SER A 83 22.01 -1.65 11.32
N GLY A 84 21.86 -2.76 12.04
CA GLY A 84 20.71 -2.93 12.91
C GLY A 84 21.08 -3.51 14.26
N GLY A 1 17.32 7.66 -19.78
CA GLY A 1 16.72 8.90 -20.33
C GLY A 1 15.35 9.20 -19.75
N SER A 2 14.32 8.55 -20.30
CA SER A 2 12.96 8.74 -19.82
C SER A 2 12.12 7.49 -20.05
N SER A 3 12.10 6.61 -19.05
CA SER A 3 11.34 5.37 -19.14
C SER A 3 11.32 4.65 -17.80
N GLY A 4 11.20 5.42 -16.72
CA GLY A 4 11.17 4.84 -15.39
C GLY A 4 9.76 4.66 -14.87
N SER A 5 9.45 3.45 -14.40
CA SER A 5 8.13 3.15 -13.86
C SER A 5 8.17 2.97 -12.35
N SER A 6 9.31 2.48 -11.86
CA SER A 6 9.48 2.27 -10.42
C SER A 6 8.47 1.24 -9.91
N GLY A 7 8.64 0.85 -8.64
CA GLY A 7 7.73 -0.11 -8.05
C GLY A 7 8.13 -0.49 -6.64
N LEU A 8 7.21 -0.30 -5.70
CA LEU A 8 7.47 -0.62 -4.30
C LEU A 8 7.52 -2.13 -4.08
N ARG A 9 8.49 -2.59 -3.29
CA ARG A 9 8.64 -4.00 -3.01
C ARG A 9 7.72 -4.43 -1.87
N LEU A 10 7.34 -5.71 -1.86
CA LEU A 10 6.47 -6.25 -0.84
C LEU A 10 7.15 -6.22 0.53
N GLY A 11 6.40 -5.83 1.56
CA GLY A 11 6.95 -5.78 2.89
C GLY A 11 7.80 -4.54 3.13
N ASP A 12 7.34 -3.41 2.59
CA ASP A 12 8.07 -2.15 2.74
C ASP A 12 7.25 -1.14 3.54
N ARG A 13 7.87 -0.56 4.55
CA ARG A 13 7.19 0.43 5.40
C ARG A 13 6.98 1.73 4.64
N VAL A 14 5.73 2.04 4.31
CA VAL A 14 5.40 3.26 3.60
C VAL A 14 4.49 4.16 4.42
N LEU A 15 4.30 5.39 3.96
CA LEU A 15 3.46 6.35 4.66
C LEU A 15 2.24 6.71 3.81
N VAL A 16 1.06 6.35 4.30
CA VAL A 16 -0.19 6.64 3.59
C VAL A 16 -0.83 7.92 4.10
N GLY A 17 -0.75 8.98 3.30
CA GLY A 17 -1.34 10.25 3.69
C GLY A 17 -0.32 11.19 4.30
N GLY A 18 0.71 10.62 4.92
CA GLY A 18 1.75 11.42 5.54
C GLY A 18 1.73 11.32 7.06
N THR A 19 1.22 10.20 7.57
CA THR A 19 1.15 9.97 9.01
C THR A 19 0.93 8.50 9.32
N LYS A 20 -0.05 7.89 8.65
CA LYS A 20 -0.35 6.48 8.85
C LYS A 20 0.74 5.59 8.27
N THR A 21 1.51 4.95 9.15
CA THR A 21 2.59 4.07 8.73
C THR A 21 2.09 2.65 8.53
N GLY A 22 2.23 2.14 7.31
CA GLY A 22 1.79 0.79 7.02
C GLY A 22 2.72 0.07 6.06
N VAL A 23 2.71 -1.27 6.12
CA VAL A 23 3.57 -2.08 5.26
C VAL A 23 2.86 -2.41 3.96
N VAL A 24 3.61 -2.40 2.86
CA VAL A 24 3.05 -2.70 1.54
C VAL A 24 2.63 -4.17 1.46
N ARG A 25 1.35 -4.39 1.15
CA ARG A 25 0.82 -5.75 1.03
C ARG A 25 0.57 -6.11 -0.42
N TYR A 26 0.24 -5.10 -1.23
CA TYR A 26 -0.03 -5.31 -2.65
C TYR A 26 0.65 -4.25 -3.49
N VAL A 27 1.04 -4.63 -4.71
CA VAL A 27 1.71 -3.71 -5.62
C VAL A 27 1.39 -4.04 -7.07
N GLY A 28 0.55 -3.22 -7.69
CA GLY A 28 0.17 -3.44 -9.07
C GLY A 28 -1.01 -2.61 -9.50
N GLU A 29 -1.58 -2.92 -10.66
CA GLU A 29 -2.72 -2.19 -11.18
C GLU A 29 -4.03 -2.87 -10.77
N THR A 30 -5.10 -2.08 -10.67
CA THR A 30 -6.40 -2.61 -10.28
C THR A 30 -7.37 -2.57 -11.47
N ASP A 31 -8.60 -2.98 -11.21
CA ASP A 31 -9.63 -2.99 -12.25
C ASP A 31 -10.67 -1.90 -12.00
N PHE A 32 -11.03 -1.72 -10.73
CA PHE A 32 -12.01 -0.71 -10.36
C PHE A 32 -11.48 0.69 -10.64
N ALA A 33 -10.22 0.92 -10.29
CA ALA A 33 -9.60 2.23 -10.50
C ALA A 33 -8.57 2.17 -11.63
N LYS A 34 -8.44 3.26 -12.38
CA LYS A 34 -7.50 3.33 -13.48
C LYS A 34 -6.13 3.81 -13.00
N GLY A 35 -5.14 2.94 -13.11
CA GLY A 35 -3.80 3.29 -12.69
C GLY A 35 -3.18 2.23 -11.79
N GLU A 36 -2.04 2.55 -11.20
CA GLU A 36 -1.35 1.62 -10.32
C GLU A 36 -1.62 1.96 -8.86
N TRP A 37 -2.12 0.97 -8.11
CA TRP A 37 -2.44 1.16 -6.70
C TRP A 37 -1.60 0.22 -5.83
N CYS A 38 -1.42 0.61 -4.57
CA CYS A 38 -0.64 -0.20 -3.63
C CYS A 38 -1.36 -0.33 -2.30
N GLY A 39 -1.63 -1.57 -1.90
CA GLY A 39 -2.32 -1.81 -0.65
C GLY A 39 -1.41 -1.70 0.56
N VAL A 40 -1.74 -0.77 1.46
CA VAL A 40 -0.93 -0.56 2.65
C VAL A 40 -1.69 -1.01 3.90
N GLU A 41 -1.05 -1.86 4.69
CA GLU A 41 -1.66 -2.37 5.92
C GLU A 41 -1.19 -1.57 7.14
N LEU A 42 -2.09 -0.77 7.69
CA LEU A 42 -1.76 0.05 8.86
C LEU A 42 -1.67 -0.81 10.11
N ASP A 43 -0.77 -0.43 11.01
CA ASP A 43 -0.59 -1.16 12.26
C ASP A 43 -1.81 -1.05 13.15
N GLU A 44 -2.45 0.11 13.13
CA GLU A 44 -3.65 0.35 13.93
C GLU A 44 -4.91 0.30 13.07
N PRO A 45 -6.04 -0.15 13.65
CA PRO A 45 -7.30 -0.24 12.93
C PRO A 45 -7.92 1.12 12.65
N LEU A 46 -7.37 1.81 11.64
CA LEU A 46 -7.87 3.13 11.27
C LEU A 46 -8.14 3.21 9.77
N GLY A 47 -8.51 2.08 9.18
CA GLY A 47 -8.78 2.03 7.76
C GLY A 47 -10.26 1.88 7.46
N LYS A 48 -10.58 1.47 6.24
CA LYS A 48 -11.97 1.27 5.82
C LYS A 48 -12.08 0.14 4.81
N ASN A 49 -11.19 -0.83 4.92
CA ASN A 49 -11.20 -1.97 4.01
C ASN A 49 -10.37 -3.12 4.57
N ASP A 50 -10.39 -4.26 3.88
CA ASP A 50 -9.62 -5.43 4.30
C ASP A 50 -8.79 -5.98 3.16
N GLY A 51 -8.33 -5.09 2.28
CA GLY A 51 -7.52 -5.52 1.16
C GLY A 51 -8.34 -6.20 0.08
N ALA A 52 -9.62 -5.83 -0.02
CA ALA A 52 -10.52 -6.42 -1.01
C ALA A 52 -11.50 -5.38 -1.55
N VAL A 53 -11.85 -5.51 -2.81
CA VAL A 53 -12.79 -4.58 -3.44
C VAL A 53 -13.88 -5.33 -4.21
N ALA A 54 -15.12 -5.12 -3.79
CA ALA A 54 -16.26 -5.78 -4.43
C ALA A 54 -16.15 -7.29 -4.32
N GLY A 55 -15.53 -7.77 -3.24
CA GLY A 55 -15.37 -9.19 -3.04
C GLY A 55 -13.99 -9.68 -3.43
N THR A 56 -13.38 -9.01 -4.41
CA THR A 56 -12.05 -9.39 -4.87
C THR A 56 -10.99 -8.99 -3.85
N ARG A 57 -10.40 -9.99 -3.21
CA ARG A 57 -9.36 -9.75 -2.21
C ARG A 57 -7.98 -10.12 -2.75
N TYR A 58 -7.04 -9.20 -2.65
CA TYR A 58 -5.68 -9.43 -3.13
C TYR A 58 -4.82 -10.07 -2.04
N PHE A 59 -4.86 -9.49 -0.85
CA PHE A 59 -4.08 -10.01 0.27
C PHE A 59 -4.96 -10.17 1.51
N GLN A 60 -4.85 -11.33 2.16
CA GLN A 60 -5.63 -11.61 3.35
C GLN A 60 -5.27 -10.65 4.48
N CYS A 61 -6.21 -9.79 4.85
CA CYS A 61 -5.99 -8.82 5.92
C CYS A 61 -7.29 -8.53 6.67
N PRO A 62 -7.18 -8.14 7.95
CA PRO A 62 -8.35 -7.84 8.77
C PRO A 62 -9.07 -6.57 8.32
N PRO A 63 -10.32 -6.35 8.81
CA PRO A 63 -11.10 -5.17 8.45
C PRO A 63 -10.57 -3.90 9.10
N LYS A 64 -10.73 -2.78 8.40
CA LYS A 64 -10.27 -1.49 8.91
C LYS A 64 -8.77 -1.51 9.14
N PHE A 65 -8.05 -2.29 8.34
CA PHE A 65 -6.61 -2.40 8.45
C PHE A 65 -5.94 -2.22 7.09
N GLY A 66 -6.47 -2.89 6.08
CA GLY A 66 -5.91 -2.79 4.75
C GLY A 66 -6.56 -1.68 3.93
N LEU A 67 -5.73 -0.79 3.39
CA LEU A 67 -6.22 0.31 2.59
C LEU A 67 -5.53 0.35 1.22
N PHE A 68 -6.20 0.96 0.24
CA PHE A 68 -5.65 1.07 -1.10
C PHE A 68 -5.35 2.52 -1.46
N ALA A 69 -4.11 2.79 -1.83
CA ALA A 69 -3.70 4.13 -2.21
C ALA A 69 -2.80 4.12 -3.44
N PRO A 70 -2.89 5.15 -4.29
CA PRO A 70 -2.09 5.25 -5.51
C PRO A 70 -0.59 5.15 -5.22
N ILE A 71 0.15 4.55 -6.14
CA ILE A 71 1.59 4.38 -5.98
C ILE A 71 2.28 5.74 -5.85
N HIS A 72 1.93 6.67 -6.73
CA HIS A 72 2.51 8.01 -6.72
C HIS A 72 2.19 8.74 -5.41
N LYS A 73 1.17 8.25 -4.71
CA LYS A 73 0.76 8.87 -3.44
C LYS A 73 1.37 8.12 -2.25
N VAL A 74 2.49 7.45 -2.49
CA VAL A 74 3.17 6.71 -1.43
C VAL A 74 4.55 7.28 -1.15
N ILE A 75 4.92 7.30 0.13
CA ILE A 75 6.22 7.83 0.53
C ILE A 75 7.02 6.79 1.31
N ARG A 76 8.23 6.50 0.84
CA ARG A 76 9.09 5.52 1.49
C ARG A 76 9.61 6.05 2.82
N ILE A 77 9.52 5.23 3.85
CA ILE A 77 9.97 5.62 5.19
C ILE A 77 10.63 4.45 5.91
N GLY A 78 11.24 3.55 5.14
CA GLY A 78 11.90 2.40 5.72
C GLY A 78 12.93 1.79 4.80
N SER A 79 13.92 2.59 4.42
CA SER A 79 14.98 2.12 3.53
C SER A 79 15.97 1.24 4.28
N GLY A 80 16.72 0.43 3.55
CA GLY A 80 17.70 -0.44 4.16
C GLY A 80 19.12 -0.07 3.81
N PRO A 81 19.66 1.01 4.41
CA PRO A 81 21.03 1.47 4.15
C PRO A 81 22.08 0.51 4.71
N SER A 82 23.08 0.20 3.90
CA SER A 82 24.14 -0.70 4.32
C SER A 82 25.30 0.07 4.95
N SER A 83 26.27 -0.67 5.49
CA SER A 83 27.43 -0.04 6.13
C SER A 83 28.72 -0.62 5.57
N GLY A 84 29.19 -0.04 4.46
CA GLY A 84 30.42 -0.51 3.85
C GLY A 84 30.84 0.35 2.67
N GLY A 1 2.20 17.08 -11.25
CA GLY A 1 3.17 18.17 -10.98
C GLY A 1 4.61 17.68 -10.96
N SER A 2 4.91 16.77 -10.05
CA SER A 2 6.25 16.22 -9.92
C SER A 2 6.24 14.70 -10.04
N SER A 3 6.69 14.20 -11.18
CA SER A 3 6.73 12.76 -11.42
C SER A 3 8.09 12.32 -11.95
N GLY A 4 8.47 11.08 -11.66
CA GLY A 4 9.75 10.57 -12.12
C GLY A 4 9.95 9.11 -11.78
N SER A 5 10.44 8.84 -10.58
CA SER A 5 10.67 7.47 -10.13
C SER A 5 9.72 7.09 -9.01
N SER A 6 8.86 6.12 -9.26
CA SER A 6 7.88 5.67 -8.27
C SER A 6 7.68 4.16 -8.37
N GLY A 7 8.07 3.44 -7.32
CA GLY A 7 7.92 2.00 -7.30
C GLY A 7 8.27 1.39 -5.96
N LEU A 8 7.46 0.45 -5.51
CA LEU A 8 7.69 -0.21 -4.22
C LEU A 8 7.66 -1.73 -4.38
N ARG A 9 7.78 -2.44 -3.27
CA ARG A 9 7.78 -3.89 -3.28
C ARG A 9 6.64 -4.44 -2.43
N LEU A 10 6.54 -5.77 -2.35
CA LEU A 10 5.50 -6.41 -1.56
C LEU A 10 6.00 -6.76 -0.16
N GLY A 11 5.94 -5.76 0.73
CA GLY A 11 6.39 -5.98 2.10
C GLY A 11 7.38 -4.93 2.55
N ASP A 12 7.02 -3.66 2.38
CA ASP A 12 7.88 -2.55 2.78
C ASP A 12 7.10 -1.51 3.58
N ARG A 13 7.79 -0.84 4.49
CA ARG A 13 7.16 0.18 5.33
C ARG A 13 7.02 1.49 4.55
N VAL A 14 5.78 1.91 4.33
CA VAL A 14 5.50 3.15 3.60
C VAL A 14 4.61 4.08 4.42
N LEU A 15 4.58 5.35 4.04
CA LEU A 15 3.77 6.34 4.73
C LEU A 15 2.60 6.80 3.86
N VAL A 16 1.40 6.38 4.22
CA VAL A 16 0.20 6.75 3.47
C VAL A 16 -0.44 8.00 4.05
N GLY A 17 -0.41 9.09 3.29
CA GLY A 17 -0.99 10.33 3.75
C GLY A 17 0.03 11.26 4.37
N GLY A 18 1.08 10.69 4.93
CA GLY A 18 2.12 11.48 5.56
C GLY A 18 2.10 11.39 7.07
N THR A 19 1.63 10.25 7.58
CA THR A 19 1.55 10.03 9.02
C THR A 19 1.25 8.57 9.33
N LYS A 20 0.32 7.99 8.58
CA LYS A 20 -0.07 6.60 8.78
C LYS A 20 0.99 5.66 8.21
N THR A 21 1.74 5.02 9.09
CA THR A 21 2.79 4.09 8.67
C THR A 21 2.22 2.67 8.50
N GLY A 22 2.27 2.18 7.27
CA GLY A 22 1.77 0.85 6.99
C GLY A 22 2.66 0.07 6.05
N VAL A 23 2.59 -1.26 6.12
CA VAL A 23 3.39 -2.12 5.27
C VAL A 23 2.67 -2.44 3.96
N VAL A 24 3.43 -2.46 2.87
CA VAL A 24 2.85 -2.76 1.56
C VAL A 24 2.45 -4.23 1.46
N ARG A 25 1.19 -4.47 1.11
CA ARG A 25 0.68 -5.82 0.98
C ARG A 25 0.41 -6.16 -0.49
N TYR A 26 0.05 -5.15 -1.27
CA TYR A 26 -0.24 -5.34 -2.69
C TYR A 26 0.56 -4.35 -3.54
N VAL A 27 0.92 -4.78 -4.74
CA VAL A 27 1.68 -3.93 -5.65
C VAL A 27 1.42 -4.32 -7.11
N GLY A 28 0.58 -3.53 -7.77
CA GLY A 28 0.26 -3.81 -9.16
C GLY A 28 -0.89 -2.96 -9.67
N GLU A 29 -1.83 -3.60 -10.37
CA GLU A 29 -2.98 -2.90 -10.91
C GLU A 29 -4.28 -3.44 -10.30
N THR A 30 -5.32 -2.62 -10.33
CA THR A 30 -6.62 -3.02 -9.78
C THR A 30 -7.66 -3.18 -10.90
N ASP A 31 -8.89 -3.47 -10.51
CA ASP A 31 -9.97 -3.65 -11.47
C ASP A 31 -11.13 -2.70 -11.18
N PHE A 32 -10.82 -1.56 -10.58
CA PHE A 32 -11.84 -0.57 -10.24
C PHE A 32 -11.41 0.83 -10.66
N ALA A 33 -10.14 1.17 -10.38
CA ALA A 33 -9.61 2.48 -10.73
C ALA A 33 -8.38 2.34 -11.62
N LYS A 34 -8.11 3.38 -12.41
CA LYS A 34 -6.97 3.38 -13.31
C LYS A 34 -5.66 3.54 -12.53
N GLY A 35 -4.54 3.53 -13.24
CA GLY A 35 -3.25 3.68 -12.60
C GLY A 35 -2.89 2.48 -11.74
N GLU A 36 -1.82 2.62 -10.97
CA GLU A 36 -1.37 1.54 -10.09
C GLU A 36 -1.67 1.87 -8.63
N TRP A 37 -2.35 0.94 -7.95
CA TRP A 37 -2.70 1.13 -6.55
C TRP A 37 -1.94 0.16 -5.65
N CYS A 38 -1.47 0.65 -4.51
CA CYS A 38 -0.72 -0.18 -3.57
C CYS A 38 -1.45 -0.28 -2.24
N GLY A 39 -1.71 -1.51 -1.79
CA GLY A 39 -2.39 -1.72 -0.53
C GLY A 39 -1.47 -1.59 0.66
N VAL A 40 -1.79 -0.68 1.56
CA VAL A 40 -0.98 -0.47 2.77
C VAL A 40 -1.73 -0.90 4.01
N GLU A 41 -1.17 -1.86 4.74
CA GLU A 41 -1.78 -2.36 5.96
C GLU A 41 -1.28 -1.59 7.17
N LEU A 42 -2.18 -0.87 7.84
CA LEU A 42 -1.83 -0.09 9.01
C LEU A 42 -1.83 -0.96 10.27
N ASP A 43 -1.04 -0.57 11.25
CA ASP A 43 -0.95 -1.32 12.50
C ASP A 43 -2.17 -1.04 13.39
N GLU A 44 -2.63 0.20 13.37
CA GLU A 44 -3.78 0.59 14.18
C GLU A 44 -5.03 0.71 13.30
N PRO A 45 -6.21 0.36 13.86
CA PRO A 45 -7.49 0.45 13.12
C PRO A 45 -7.73 1.84 12.54
N LEU A 46 -7.22 2.07 11.34
CA LEU A 46 -7.38 3.36 10.67
C LEU A 46 -7.66 3.17 9.18
N GLY A 47 -8.31 2.07 8.84
CA GLY A 47 -8.62 1.79 7.45
C GLY A 47 -10.07 1.40 7.25
N LYS A 48 -10.52 1.48 6.00
CA LYS A 48 -11.90 1.15 5.67
C LYS A 48 -11.97 -0.17 4.88
N ASN A 49 -10.89 -0.46 4.15
CA ASN A 49 -10.84 -1.68 3.35
C ASN A 49 -10.13 -2.80 4.11
N ASP A 50 -10.14 -3.99 3.53
CA ASP A 50 -9.51 -5.15 4.16
C ASP A 50 -8.73 -5.96 3.14
N GLY A 51 -8.18 -5.28 2.13
CA GLY A 51 -7.42 -5.95 1.10
C GLY A 51 -8.30 -6.65 0.10
N ALA A 52 -9.51 -6.13 -0.10
CA ALA A 52 -10.46 -6.72 -1.05
C ALA A 52 -11.36 -5.65 -1.65
N VAL A 53 -11.48 -5.67 -2.98
CA VAL A 53 -12.32 -4.70 -3.68
C VAL A 53 -13.01 -5.34 -4.87
N ALA A 54 -14.30 -5.02 -5.05
CA ALA A 54 -15.08 -5.57 -6.15
C ALA A 54 -15.14 -7.08 -6.07
N GLY A 55 -15.14 -7.61 -4.85
CA GLY A 55 -15.21 -9.05 -4.67
C GLY A 55 -13.92 -9.75 -5.06
N THR A 56 -12.81 -9.04 -4.96
CA THR A 56 -11.51 -9.60 -5.31
C THR A 56 -10.46 -9.25 -4.26
N ARG A 57 -10.07 -10.24 -3.47
CA ARG A 57 -9.07 -10.05 -2.42
C ARG A 57 -7.67 -10.32 -2.94
N TYR A 58 -6.78 -9.34 -2.79
CA TYR A 58 -5.41 -9.48 -3.25
C TYR A 58 -4.52 -10.00 -2.13
N PHE A 59 -4.84 -9.65 -0.90
CA PHE A 59 -4.08 -10.09 0.26
C PHE A 59 -4.96 -10.21 1.49
N GLN A 60 -4.84 -11.32 2.20
CA GLN A 60 -5.64 -11.56 3.40
C GLN A 60 -5.32 -10.52 4.47
N CYS A 61 -6.35 -9.83 4.94
CA CYS A 61 -6.18 -8.81 5.96
C CYS A 61 -7.47 -8.64 6.79
N PRO A 62 -7.34 -8.31 8.08
CA PRO A 62 -8.49 -8.13 8.96
C PRO A 62 -9.28 -6.87 8.65
N PRO A 63 -10.59 -6.86 8.92
CA PRO A 63 -11.45 -5.71 8.67
C PRO A 63 -10.94 -4.44 9.34
N LYS A 64 -10.98 -3.32 8.61
CA LYS A 64 -10.51 -2.05 9.15
C LYS A 64 -9.03 -2.11 9.49
N PHE A 65 -8.19 -2.25 8.46
CA PHE A 65 -6.75 -2.31 8.65
C PHE A 65 -6.00 -1.92 7.39
N GLY A 66 -6.46 -2.44 6.25
CA GLY A 66 -5.84 -2.13 4.98
C GLY A 66 -6.29 -0.79 4.43
N LEU A 67 -5.39 -0.10 3.73
CA LEU A 67 -5.70 1.19 3.14
C LEU A 67 -5.12 1.32 1.74
N PHE A 68 -5.99 1.22 0.74
CA PHE A 68 -5.55 1.32 -0.66
C PHE A 68 -5.26 2.77 -1.03
N ALA A 69 -4.14 2.99 -1.70
CA ALA A 69 -3.75 4.33 -2.13
C ALA A 69 -2.90 4.28 -3.39
N PRO A 70 -3.05 5.28 -4.28
CA PRO A 70 -2.29 5.34 -5.53
C PRO A 70 -0.78 5.26 -5.30
N ILE A 71 -0.08 4.59 -6.21
CA ILE A 71 1.37 4.43 -6.10
C ILE A 71 2.06 5.78 -6.03
N HIS A 72 1.69 6.70 -6.92
CA HIS A 72 2.27 8.03 -6.96
C HIS A 72 1.97 8.80 -5.67
N LYS A 73 0.90 8.40 -4.98
CA LYS A 73 0.51 9.05 -3.73
C LYS A 73 1.26 8.45 -2.54
N VAL A 74 1.75 7.23 -2.70
CA VAL A 74 2.47 6.55 -1.63
C VAL A 74 3.87 7.13 -1.46
N ILE A 75 4.37 7.13 -0.23
CA ILE A 75 5.69 7.65 0.08
C ILE A 75 6.50 6.66 0.90
N ARG A 76 7.75 6.43 0.51
CA ARG A 76 8.63 5.52 1.21
C ARG A 76 9.39 6.23 2.33
N ILE A 77 9.22 5.74 3.55
CA ILE A 77 9.88 6.33 4.71
C ILE A 77 10.96 5.39 5.26
N GLY A 78 10.75 4.09 5.10
CA GLY A 78 11.71 3.12 5.58
C GLY A 78 11.54 2.83 7.05
N SER A 79 12.07 3.71 7.90
CA SER A 79 11.97 3.53 9.35
C SER A 79 12.16 4.86 10.06
N GLY A 80 11.11 5.67 10.11
CA GLY A 80 11.19 6.96 10.76
C GLY A 80 11.32 6.84 12.27
N PRO A 81 11.09 7.92 13.02
CA PRO A 81 11.20 7.92 14.48
C PRO A 81 10.08 7.12 15.14
N SER A 82 10.36 5.85 15.41
CA SER A 82 9.38 4.97 16.04
C SER A 82 10.01 3.62 16.41
N SER A 83 9.20 2.75 17.01
CA SER A 83 9.68 1.43 17.40
C SER A 83 8.52 0.55 17.85
N GLY A 84 8.72 -0.76 17.77
CA GLY A 84 7.68 -1.70 18.15
C GLY A 84 7.52 -2.84 17.17
N GLY A 1 10.40 12.28 -21.58
CA GLY A 1 9.81 12.06 -20.23
C GLY A 1 9.42 10.61 -20.01
N SER A 2 10.33 9.70 -20.34
CA SER A 2 10.09 8.27 -20.16
C SER A 2 10.84 7.73 -18.95
N SER A 3 11.99 8.33 -18.66
CA SER A 3 12.80 7.91 -17.52
C SER A 3 12.03 8.04 -16.22
N GLY A 4 11.82 6.92 -15.54
CA GLY A 4 11.10 6.93 -14.29
C GLY A 4 10.38 5.62 -14.02
N SER A 5 11.13 4.62 -13.57
CA SER A 5 10.56 3.31 -13.28
C SER A 5 10.05 3.25 -11.84
N SER A 6 8.74 3.40 -11.67
CA SER A 6 8.13 3.36 -10.35
C SER A 6 7.68 1.94 -9.99
N GLY A 7 7.29 1.75 -8.74
CA GLY A 7 6.84 0.44 -8.30
C GLY A 7 7.51 0.00 -7.00
N LEU A 8 6.70 -0.12 -5.96
CA LEU A 8 7.21 -0.52 -4.65
C LEU A 8 7.21 -2.04 -4.51
N ARG A 9 8.04 -2.55 -3.61
CA ARG A 9 8.15 -3.99 -3.38
C ARG A 9 7.02 -4.48 -2.48
N LEU A 10 6.86 -5.79 -2.39
CA LEU A 10 5.82 -6.38 -1.56
C LEU A 10 6.34 -6.67 -0.16
N GLY A 11 6.02 -5.78 0.78
CA GLY A 11 6.46 -5.94 2.15
C GLY A 11 7.48 -4.89 2.56
N ASP A 12 7.22 -3.64 2.18
CA ASP A 12 8.12 -2.54 2.52
C ASP A 12 7.39 -1.48 3.32
N ARG A 13 8.04 -0.98 4.37
CA ARG A 13 7.46 0.04 5.23
C ARG A 13 7.32 1.36 4.49
N VAL A 14 6.10 1.84 4.36
CA VAL A 14 5.83 3.10 3.66
C VAL A 14 4.94 4.01 4.50
N LEU A 15 4.71 5.23 4.00
CA LEU A 15 3.88 6.20 4.70
C LEU A 15 2.75 6.69 3.80
N VAL A 16 1.53 6.63 4.33
CA VAL A 16 0.35 7.07 3.58
C VAL A 16 -0.14 8.43 4.06
N GLY A 17 0.14 9.46 3.28
CA GLY A 17 -0.29 10.80 3.66
C GLY A 17 0.77 11.54 4.45
N GLY A 18 1.32 10.87 5.47
CA GLY A 18 2.34 11.49 6.29
C GLY A 18 2.31 11.01 7.73
N THR A 19 1.18 10.44 8.14
CA THR A 19 1.03 9.94 9.50
C THR A 19 0.70 8.46 9.51
N LYS A 20 -0.21 8.05 8.62
CA LYS A 20 -0.62 6.65 8.54
C LYS A 20 0.56 5.75 8.16
N THR A 21 1.15 5.10 9.16
CA THR A 21 2.28 4.21 8.93
C THR A 21 1.82 2.79 8.65
N GLY A 22 2.21 2.25 7.50
CA GLY A 22 1.83 0.90 7.14
C GLY A 22 2.75 0.28 6.12
N VAL A 23 2.87 -1.04 6.15
CA VAL A 23 3.72 -1.76 5.21
C VAL A 23 2.96 -2.14 3.95
N VAL A 24 3.66 -2.12 2.81
CA VAL A 24 3.04 -2.46 1.54
C VAL A 24 2.74 -3.95 1.46
N ARG A 25 1.48 -4.29 1.27
CA ARG A 25 1.06 -5.69 1.18
C ARG A 25 0.73 -6.06 -0.26
N TYR A 26 0.27 -5.09 -1.03
CA TYR A 26 -0.08 -5.32 -2.42
C TYR A 26 0.41 -4.18 -3.30
N VAL A 27 0.90 -4.52 -4.49
CA VAL A 27 1.42 -3.52 -5.42
C VAL A 27 1.06 -3.89 -6.86
N GLY A 28 0.80 -2.87 -7.67
CA GLY A 28 0.45 -3.10 -9.07
C GLY A 28 -0.83 -2.40 -9.47
N GLU A 29 -1.34 -2.74 -10.64
CA GLU A 29 -2.57 -2.13 -11.15
C GLU A 29 -3.80 -2.77 -10.51
N THR A 30 -4.98 -2.26 -10.84
CA THR A 30 -6.22 -2.79 -10.30
C THR A 30 -7.33 -2.74 -11.36
N ASP A 31 -8.53 -3.15 -10.95
CA ASP A 31 -9.67 -3.15 -11.86
C ASP A 31 -10.67 -2.08 -11.49
N PHE A 32 -10.82 -1.84 -10.18
CA PHE A 32 -11.75 -0.82 -9.69
C PHE A 32 -11.33 0.57 -10.16
N ALA A 33 -10.02 0.77 -10.31
CA ALA A 33 -9.50 2.05 -10.75
C ALA A 33 -8.35 1.86 -11.74
N LYS A 34 -8.10 2.89 -12.54
CA LYS A 34 -7.03 2.84 -13.53
C LYS A 34 -5.71 3.31 -12.93
N GLY A 35 -4.61 2.68 -13.33
CA GLY A 35 -3.31 3.06 -12.82
C GLY A 35 -2.72 2.01 -11.90
N GLU A 36 -1.65 2.37 -11.20
CA GLU A 36 -0.99 1.46 -10.28
C GLU A 36 -1.31 1.82 -8.83
N TRP A 37 -2.09 0.98 -8.17
CA TRP A 37 -2.47 1.22 -6.78
C TRP A 37 -1.54 0.46 -5.83
N CYS A 38 -1.52 0.89 -4.57
CA CYS A 38 -0.68 0.24 -3.56
C CYS A 38 -1.46 0.02 -2.27
N GLY A 39 -1.51 -1.24 -1.83
CA GLY A 39 -2.22 -1.56 -0.61
C GLY A 39 -1.33 -1.53 0.61
N VAL A 40 -1.45 -0.47 1.40
CA VAL A 40 -0.64 -0.33 2.61
C VAL A 40 -1.40 -0.84 3.84
N GLU A 41 -0.78 -1.79 4.54
CA GLU A 41 -1.38 -2.37 5.74
C GLU A 41 -1.08 -1.52 6.96
N LEU A 42 -2.13 -1.14 7.69
CA LEU A 42 -1.98 -0.33 8.89
C LEU A 42 -2.14 -1.18 10.15
N ASP A 43 -1.56 -0.71 11.25
CA ASP A 43 -1.64 -1.44 12.52
C ASP A 43 -2.98 -1.20 13.20
N GLU A 44 -3.46 0.04 13.12
CA GLU A 44 -4.74 0.39 13.74
C GLU A 44 -5.83 0.53 12.68
N PRO A 45 -7.09 0.18 13.03
CA PRO A 45 -8.22 0.26 12.11
C PRO A 45 -8.36 1.64 11.48
N LEU A 46 -7.68 1.85 10.36
CA LEU A 46 -7.73 3.13 9.67
C LEU A 46 -7.73 2.93 8.15
N GLY A 47 -8.31 1.82 7.71
CA GLY A 47 -8.36 1.53 6.29
C GLY A 47 -9.76 1.61 5.73
N LYS A 48 -9.90 1.37 4.43
CA LYS A 48 -11.20 1.42 3.78
C LYS A 48 -11.86 0.05 3.77
N ASN A 49 -11.05 -0.99 3.71
CA ASN A 49 -11.54 -2.37 3.69
C ASN A 49 -10.43 -3.36 4.00
N ASP A 50 -10.78 -4.64 4.01
CA ASP A 50 -9.80 -5.70 4.29
C ASP A 50 -9.12 -6.16 3.01
N GLY A 51 -8.52 -5.22 2.29
CA GLY A 51 -7.83 -5.55 1.05
C GLY A 51 -8.73 -6.28 0.07
N ALA A 52 -10.03 -6.06 0.18
CA ALA A 52 -10.99 -6.70 -0.70
C ALA A 52 -11.85 -5.67 -1.43
N VAL A 53 -11.60 -5.50 -2.72
CA VAL A 53 -12.35 -4.54 -3.52
C VAL A 53 -13.39 -5.25 -4.38
N ALA A 54 -14.66 -4.93 -4.14
CA ALA A 54 -15.75 -5.54 -4.90
C ALA A 54 -15.78 -7.05 -4.71
N GLY A 55 -15.32 -7.51 -3.56
CA GLY A 55 -15.30 -8.94 -3.27
C GLY A 55 -13.95 -9.57 -3.58
N THR A 56 -13.23 -8.99 -4.53
CA THR A 56 -11.92 -9.51 -4.91
C THR A 56 -10.86 -9.08 -3.91
N ARG A 57 -10.31 -10.06 -3.18
CA ARG A 57 -9.28 -9.79 -2.19
C ARG A 57 -7.92 -10.31 -2.65
N TYR A 58 -7.01 -9.39 -2.96
CA TYR A 58 -5.67 -9.76 -3.41
C TYR A 58 -4.83 -10.28 -2.26
N PHE A 59 -4.94 -9.63 -1.11
CA PHE A 59 -4.17 -10.03 0.08
C PHE A 59 -5.10 -10.18 1.28
N GLN A 60 -4.78 -11.14 2.14
CA GLN A 60 -5.57 -11.39 3.34
C GLN A 60 -5.19 -10.42 4.46
N CYS A 61 -6.18 -9.71 4.98
CA CYS A 61 -5.95 -8.74 6.05
C CYS A 61 -7.22 -8.53 6.87
N PRO A 62 -7.07 -8.12 8.14
CA PRO A 62 -8.21 -7.89 9.03
C PRO A 62 -9.17 -6.85 8.47
N PRO A 63 -10.35 -6.68 9.11
CA PRO A 63 -11.36 -5.71 8.66
C PRO A 63 -10.92 -4.28 8.91
N LYS A 64 -10.99 -3.45 7.87
CA LYS A 64 -10.60 -2.05 7.97
C LYS A 64 -9.12 -1.91 8.31
N PHE A 65 -8.29 -2.71 7.64
CA PHE A 65 -6.85 -2.68 7.87
C PHE A 65 -6.10 -2.32 6.59
N GLY A 66 -6.38 -3.06 5.52
CA GLY A 66 -5.73 -2.81 4.26
C GLY A 66 -6.14 -1.50 3.64
N LEU A 67 -5.18 -0.61 3.42
CA LEU A 67 -5.45 0.70 2.83
C LEU A 67 -5.02 0.73 1.37
N PHE A 68 -5.99 0.93 0.48
CA PHE A 68 -5.71 0.98 -0.95
C PHE A 68 -5.55 2.43 -1.42
N ALA A 69 -4.33 2.79 -1.78
CA ALA A 69 -4.05 4.14 -2.25
C ALA A 69 -3.12 4.12 -3.47
N PRO A 70 -3.24 5.12 -4.35
CA PRO A 70 -2.41 5.21 -5.56
C PRO A 70 -0.92 5.11 -5.24
N ILE A 71 -0.16 4.53 -6.17
CA ILE A 71 1.28 4.37 -5.98
C ILE A 71 1.96 5.72 -5.77
N HIS A 72 1.58 6.70 -6.59
CA HIS A 72 2.14 8.04 -6.50
C HIS A 72 1.88 8.65 -5.12
N LYS A 73 0.80 8.22 -4.48
CA LYS A 73 0.44 8.72 -3.16
C LYS A 73 1.33 8.10 -2.08
N VAL A 74 1.79 6.88 -2.33
CA VAL A 74 2.65 6.18 -1.38
C VAL A 74 3.99 6.89 -1.23
N ILE A 75 4.55 6.85 -0.02
CA ILE A 75 5.83 7.49 0.25
C ILE A 75 6.75 6.57 1.04
N ARG A 76 7.89 6.23 0.43
CA ARG A 76 8.86 5.35 1.07
C ARG A 76 9.43 5.99 2.34
N ILE A 77 9.44 5.24 3.43
CA ILE A 77 9.97 5.73 4.70
C ILE A 77 10.77 4.66 5.41
N GLY A 78 11.40 3.79 4.64
CA GLY A 78 12.21 2.72 5.23
C GLY A 78 13.69 3.01 5.16
N SER A 79 14.09 4.17 5.68
CA SER A 79 15.49 4.56 5.69
C SER A 79 15.93 5.02 7.07
N GLY A 80 17.24 5.07 7.30
CA GLY A 80 17.76 5.49 8.58
C GLY A 80 19.21 5.95 8.50
N PRO A 81 20.16 5.02 8.73
CA PRO A 81 21.59 5.35 8.67
C PRO A 81 21.98 6.03 7.36
N SER A 82 21.28 5.69 6.29
CA SER A 82 21.55 6.28 4.99
C SER A 82 20.58 7.41 4.68
N SER A 83 20.19 8.15 5.72
CA SER A 83 19.26 9.27 5.56
C SER A 83 19.94 10.60 5.87
N GLY A 84 20.35 10.76 7.12
CA GLY A 84 21.02 11.99 7.53
C GLY A 84 20.09 13.19 7.47
N GLY A 1 2.68 -11.48 -12.16
CA GLY A 1 3.17 -12.88 -12.04
C GLY A 1 3.77 -13.16 -10.67
N SER A 2 5.05 -13.50 -10.65
CA SER A 2 5.75 -13.79 -9.40
C SER A 2 6.95 -12.88 -9.22
N SER A 3 7.71 -12.70 -10.30
CA SER A 3 8.90 -11.85 -10.26
C SER A 3 8.61 -10.48 -10.86
N GLY A 4 9.20 -9.44 -10.28
CA GLY A 4 8.99 -8.10 -10.78
C GLY A 4 9.71 -7.05 -9.94
N SER A 5 9.48 -5.79 -10.28
CA SER A 5 10.11 -4.68 -9.55
C SER A 5 9.15 -3.52 -9.39
N SER A 6 8.82 -2.87 -10.50
CA SER A 6 7.90 -1.73 -10.49
C SER A 6 8.49 -0.57 -9.68
N GLY A 7 8.37 -0.66 -8.36
CA GLY A 7 8.89 0.38 -7.50
C GLY A 7 8.93 -0.02 -6.05
N LEU A 8 7.76 -0.34 -5.49
CA LEU A 8 7.68 -0.76 -4.09
C LEU A 8 7.53 -2.28 -3.98
N ARG A 9 8.45 -2.90 -3.25
CA ARG A 9 8.43 -4.34 -3.07
C ARG A 9 7.52 -4.73 -1.90
N LEU A 10 7.06 -5.97 -1.90
CA LEU A 10 6.19 -6.46 -0.83
C LEU A 10 6.96 -6.55 0.49
N GLY A 11 6.29 -6.14 1.57
CA GLY A 11 6.92 -6.19 2.88
C GLY A 11 7.76 -4.95 3.16
N ASP A 12 7.36 -3.82 2.58
CA ASP A 12 8.07 -2.57 2.77
C ASP A 12 7.21 -1.55 3.51
N ARG A 13 7.84 -0.81 4.42
CA ARG A 13 7.14 0.19 5.20
C ARG A 13 6.99 1.49 4.42
N VAL A 14 5.76 1.94 4.24
CA VAL A 14 5.49 3.17 3.51
C VAL A 14 4.56 4.09 4.30
N LEU A 15 4.37 5.31 3.79
CA LEU A 15 3.51 6.29 4.45
C LEU A 15 2.36 6.68 3.54
N VAL A 16 1.13 6.55 4.05
CA VAL A 16 -0.05 6.89 3.28
C VAL A 16 -0.63 8.22 3.74
N GLY A 17 -0.39 9.27 2.96
CA GLY A 17 -0.91 10.59 3.30
C GLY A 17 0.13 11.43 4.04
N GLY A 18 1.05 10.77 4.73
CA GLY A 18 2.08 11.48 5.47
C GLY A 18 1.93 11.33 6.97
N THR A 19 1.33 10.22 7.39
CA THR A 19 1.12 9.96 8.81
C THR A 19 0.80 8.48 9.05
N LYS A 20 -0.09 7.94 8.22
CA LYS A 20 -0.48 6.54 8.34
C LYS A 20 0.68 5.61 7.97
N THR A 21 1.36 5.09 8.99
CA THR A 21 2.49 4.19 8.78
C THR A 21 2.02 2.74 8.66
N GLY A 22 2.28 2.14 7.50
CA GLY A 22 1.88 0.76 7.28
C GLY A 22 2.77 0.07 6.26
N VAL A 23 2.74 -1.26 6.28
CA VAL A 23 3.55 -2.06 5.35
C VAL A 23 2.77 -2.36 4.08
N VAL A 24 3.48 -2.43 2.96
CA VAL A 24 2.86 -2.71 1.67
C VAL A 24 2.48 -4.19 1.56
N ARG A 25 1.21 -4.44 1.22
CA ARG A 25 0.72 -5.80 1.07
C ARG A 25 0.45 -6.14 -0.38
N TYR A 26 0.11 -5.12 -1.17
CA TYR A 26 -0.18 -5.30 -2.58
C TYR A 26 0.47 -4.19 -3.42
N VAL A 27 0.99 -4.57 -4.58
CA VAL A 27 1.64 -3.62 -5.47
C VAL A 27 1.31 -3.91 -6.93
N GLY A 28 0.58 -3.00 -7.56
CA GLY A 28 0.20 -3.18 -8.95
C GLY A 28 -0.98 -2.31 -9.35
N GLU A 29 -1.58 -2.63 -10.49
CA GLU A 29 -2.73 -1.87 -10.99
C GLU A 29 -4.03 -2.44 -10.47
N THR A 30 -5.15 -1.85 -10.88
CA THR A 30 -6.46 -2.29 -10.45
C THR A 30 -7.46 -2.22 -11.60
N ASP A 31 -8.67 -2.72 -11.36
CA ASP A 31 -9.72 -2.71 -12.37
C ASP A 31 -10.82 -1.72 -12.00
N PHE A 32 -11.06 -1.57 -10.71
CA PHE A 32 -12.09 -0.66 -10.22
C PHE A 32 -11.65 0.80 -10.39
N ALA A 33 -10.40 1.08 -10.09
CA ALA A 33 -9.85 2.42 -10.20
C ALA A 33 -8.87 2.51 -11.36
N LYS A 34 -8.62 3.73 -11.83
CA LYS A 34 -7.69 3.96 -12.93
C LYS A 34 -6.31 4.33 -12.41
N GLY A 35 -5.28 3.72 -12.99
CA GLY A 35 -3.92 3.99 -12.57
C GLY A 35 -3.34 2.89 -11.72
N GLU A 36 -2.12 3.10 -11.24
CA GLU A 36 -1.45 2.11 -10.40
C GLU A 36 -1.69 2.40 -8.92
N TRP A 37 -2.14 1.39 -8.19
CA TRP A 37 -2.42 1.53 -6.77
C TRP A 37 -1.48 0.64 -5.94
N CYS A 38 -1.45 0.88 -4.64
CA CYS A 38 -0.60 0.10 -3.74
C CYS A 38 -1.25 -0.04 -2.36
N GLY A 39 -1.55 -1.27 -1.98
CA GLY A 39 -2.16 -1.51 -0.69
C GLY A 39 -1.18 -1.42 0.46
N VAL A 40 -1.62 -0.85 1.57
CA VAL A 40 -0.77 -0.70 2.75
C VAL A 40 -1.51 -1.07 4.02
N GLU A 41 -1.03 -2.10 4.72
CA GLU A 41 -1.65 -2.55 5.95
C GLU A 41 -1.15 -1.74 7.14
N LEU A 42 -2.04 -0.96 7.74
CA LEU A 42 -1.69 -0.13 8.89
C LEU A 42 -1.58 -0.99 10.15
N ASP A 43 -0.92 -0.45 11.17
CA ASP A 43 -0.74 -1.15 12.44
C ASP A 43 -1.89 -0.84 13.39
N GLU A 44 -2.42 0.37 13.30
CA GLU A 44 -3.52 0.80 14.16
C GLU A 44 -4.82 0.87 13.37
N PRO A 45 -5.95 0.51 14.01
CA PRO A 45 -7.27 0.53 13.36
C PRO A 45 -7.59 1.90 12.76
N LEU A 46 -7.26 2.07 11.48
CA LEU A 46 -7.51 3.33 10.80
C LEU A 46 -7.72 3.10 9.30
N GLY A 47 -8.26 1.94 8.95
CA GLY A 47 -8.50 1.61 7.56
C GLY A 47 -9.98 1.56 7.22
N LYS A 48 -10.29 1.60 5.94
CA LYS A 48 -11.68 1.55 5.48
C LYS A 48 -11.98 0.20 4.83
N ASN A 49 -10.96 -0.42 4.24
CA ASN A 49 -11.12 -1.71 3.58
C ASN A 49 -10.23 -2.76 4.22
N ASP A 50 -10.22 -3.96 3.63
CA ASP A 50 -9.42 -5.06 4.16
C ASP A 50 -8.69 -5.78 3.02
N GLY A 51 -8.22 -5.00 2.05
CA GLY A 51 -7.51 -5.58 0.92
C GLY A 51 -8.42 -6.36 0.00
N ALA A 52 -9.70 -5.97 -0.04
CA ALA A 52 -10.68 -6.63 -0.88
C ALA A 52 -11.59 -5.62 -1.57
N VAL A 53 -11.38 -5.42 -2.86
CA VAL A 53 -12.19 -4.48 -3.63
C VAL A 53 -13.14 -5.20 -4.58
N ALA A 54 -14.40 -4.78 -4.60
CA ALA A 54 -15.39 -5.39 -5.47
C ALA A 54 -15.55 -6.88 -5.17
N GLY A 55 -15.23 -7.28 -3.94
CA GLY A 55 -15.33 -8.67 -3.56
C GLY A 55 -14.04 -9.42 -3.71
N THR A 56 -13.22 -9.01 -4.68
CA THR A 56 -11.94 -9.66 -4.93
C THR A 56 -10.92 -9.28 -3.85
N ARG A 57 -10.36 -10.30 -3.20
CA ARG A 57 -9.36 -10.07 -2.16
C ARG A 57 -7.96 -10.35 -2.66
N TYR A 58 -7.21 -9.29 -2.94
CA TYR A 58 -5.85 -9.43 -3.44
C TYR A 58 -4.93 -10.00 -2.35
N PHE A 59 -5.17 -9.61 -1.10
CA PHE A 59 -4.37 -10.09 0.02
C PHE A 59 -5.23 -10.26 1.26
N GLN A 60 -4.79 -11.15 2.15
CA GLN A 60 -5.52 -11.42 3.38
C GLN A 60 -5.24 -10.35 4.43
N CYS A 61 -6.30 -9.67 4.88
CA CYS A 61 -6.16 -8.62 5.87
C CYS A 61 -7.47 -8.44 6.65
N PRO A 62 -7.37 -8.08 7.94
CA PRO A 62 -8.56 -7.87 8.79
C PRO A 62 -9.29 -6.58 8.46
N PRO A 63 -10.56 -6.47 8.87
CA PRO A 63 -11.39 -5.28 8.62
C PRO A 63 -10.79 -4.03 9.25
N LYS A 64 -10.85 -2.92 8.52
CA LYS A 64 -10.32 -1.65 9.00
C LYS A 64 -8.82 -1.75 9.25
N PHE A 65 -8.09 -2.26 8.25
CA PHE A 65 -6.65 -2.41 8.36
C PHE A 65 -5.97 -2.23 7.01
N GLY A 66 -6.52 -2.89 5.99
CA GLY A 66 -5.97 -2.80 4.66
C GLY A 66 -6.46 -1.57 3.91
N LEU A 67 -5.53 -0.66 3.60
CA LEU A 67 -5.88 0.56 2.88
C LEU A 67 -5.41 0.49 1.43
N PHE A 68 -6.10 1.22 0.56
CA PHE A 68 -5.76 1.25 -0.86
C PHE A 68 -5.50 2.67 -1.34
N ALA A 69 -4.24 2.99 -1.64
CA ALA A 69 -3.87 4.32 -2.10
C ALA A 69 -2.99 4.23 -3.35
N PRO A 70 -3.10 5.23 -4.23
CA PRO A 70 -2.30 5.27 -5.47
C PRO A 70 -0.81 5.14 -5.20
N ILE A 71 -0.08 4.58 -6.18
CA ILE A 71 1.36 4.40 -6.04
C ILE A 71 2.07 5.73 -5.84
N HIS A 72 1.71 6.73 -6.65
CA HIS A 72 2.32 8.05 -6.55
C HIS A 72 2.02 8.69 -5.21
N LYS A 73 1.00 8.18 -4.51
CA LYS A 73 0.62 8.71 -3.21
C LYS A 73 1.24 7.89 -2.08
N VAL A 74 2.35 7.23 -2.38
CA VAL A 74 3.04 6.41 -1.38
C VAL A 74 4.44 6.95 -1.11
N ILE A 75 4.69 7.32 0.15
CA ILE A 75 5.99 7.85 0.54
C ILE A 75 6.83 6.78 1.22
N ARG A 76 7.91 6.36 0.56
CA ARG A 76 8.80 5.34 1.11
C ARG A 76 9.57 5.88 2.31
N ILE A 77 9.72 5.05 3.33
CA ILE A 77 10.44 5.45 4.53
C ILE A 77 11.35 4.33 5.02
N GLY A 78 12.55 4.25 4.44
CA GLY A 78 13.50 3.22 4.83
C GLY A 78 14.93 3.69 4.73
N SER A 79 15.80 3.11 5.55
CA SER A 79 17.21 3.47 5.54
C SER A 79 18.10 2.23 5.41
N GLY A 80 19.29 2.42 4.87
CA GLY A 80 20.21 1.31 4.69
C GLY A 80 20.77 1.24 3.29
N PRO A 81 19.93 0.95 2.29
CA PRO A 81 20.36 0.86 0.89
C PRO A 81 20.73 2.22 0.30
N SER A 82 21.78 2.23 -0.53
CA SER A 82 22.24 3.46 -1.15
C SER A 82 22.95 3.17 -2.46
N SER A 83 24.03 2.39 -2.39
CA SER A 83 24.80 2.04 -3.57
C SER A 83 24.52 0.61 -4.00
N GLY A 84 25.00 0.24 -5.18
CA GLY A 84 24.79 -1.11 -5.68
C GLY A 84 25.35 -1.30 -7.08
N GLY A 1 1.99 13.30 -9.22
CA GLY A 1 3.40 13.69 -8.95
C GLY A 1 4.24 12.51 -8.47
N SER A 2 5.32 12.24 -9.20
CA SER A 2 6.22 11.14 -8.85
C SER A 2 7.54 11.67 -8.30
N SER A 3 7.73 11.50 -7.00
CA SER A 3 8.95 11.96 -6.35
C SER A 3 9.86 10.78 -5.98
N GLY A 4 9.23 9.65 -5.69
CA GLY A 4 9.99 8.46 -5.32
C GLY A 4 9.11 7.25 -5.08
N SER A 5 8.23 6.96 -6.05
CA SER A 5 7.34 5.82 -5.94
C SER A 5 6.83 5.39 -7.31
N SER A 6 7.46 4.35 -7.86
CA SER A 6 7.07 3.84 -9.17
C SER A 6 7.54 2.40 -9.35
N GLY A 7 7.59 1.66 -8.25
CA GLY A 7 8.02 0.27 -8.30
C GLY A 7 8.34 -0.29 -6.93
N LEU A 8 7.46 -0.04 -5.97
CA LEU A 8 7.65 -0.53 -4.62
C LEU A 8 7.57 -2.05 -4.56
N ARG A 9 8.24 -2.64 -3.58
CA ARG A 9 8.25 -4.10 -3.43
C ARG A 9 7.11 -4.55 -2.52
N LEU A 10 7.10 -5.84 -2.20
CA LEU A 10 6.06 -6.41 -1.33
C LEU A 10 6.63 -6.74 0.04
N GLY A 11 6.65 -5.75 0.92
CA GLY A 11 7.17 -5.97 2.27
C GLY A 11 8.05 -4.81 2.73
N ASP A 12 7.58 -3.59 2.52
CA ASP A 12 8.32 -2.41 2.93
C ASP A 12 7.41 -1.41 3.63
N ARG A 13 7.93 -0.79 4.69
CA ARG A 13 7.16 0.18 5.46
C ARG A 13 7.08 1.52 4.71
N VAL A 14 5.86 1.90 4.31
CA VAL A 14 5.64 3.14 3.60
C VAL A 14 4.81 4.11 4.42
N LEU A 15 4.56 5.30 3.86
CA LEU A 15 3.78 6.32 4.55
C LEU A 15 2.54 6.68 3.74
N VAL A 16 1.37 6.56 4.38
CA VAL A 16 0.10 6.87 3.71
C VAL A 16 -0.54 8.11 4.34
N GLY A 17 -1.02 9.01 3.49
CA GLY A 17 -1.66 10.22 3.97
C GLY A 17 -0.70 11.11 4.74
N GLY A 18 0.59 10.94 4.50
CA GLY A 18 1.59 11.75 5.18
C GLY A 18 1.50 11.63 6.69
N THR A 19 1.25 10.41 7.18
CA THR A 19 1.14 10.17 8.61
C THR A 19 0.93 8.68 8.89
N LYS A 20 -0.14 8.13 8.34
CA LYS A 20 -0.46 6.72 8.53
C LYS A 20 0.67 5.83 8.02
N THR A 21 1.39 5.20 8.94
CA THR A 21 2.50 4.33 8.59
C THR A 21 2.02 2.89 8.41
N GLY A 22 2.25 2.33 7.23
CA GLY A 22 1.83 0.97 6.95
C GLY A 22 2.76 0.26 5.98
N VAL A 23 2.78 -1.07 6.05
CA VAL A 23 3.63 -1.86 5.16
C VAL A 23 2.89 -2.22 3.89
N VAL A 24 3.59 -2.14 2.76
CA VAL A 24 3.01 -2.46 1.46
C VAL A 24 2.66 -3.95 1.37
N ARG A 25 1.40 -4.23 1.06
CA ARG A 25 0.93 -5.62 0.94
C ARG A 25 0.65 -5.97 -0.51
N TYR A 26 0.25 -4.98 -1.30
CA TYR A 26 -0.05 -5.19 -2.70
C TYR A 26 0.64 -4.15 -3.58
N VAL A 27 1.04 -4.55 -4.78
CA VAL A 27 1.72 -3.65 -5.71
C VAL A 27 1.41 -4.03 -7.15
N GLY A 28 0.49 -3.28 -7.77
CA GLY A 28 0.13 -3.55 -9.14
C GLY A 28 -1.19 -2.90 -9.53
N GLU A 29 -1.79 -3.39 -10.62
CA GLU A 29 -3.06 -2.85 -11.09
C GLU A 29 -4.22 -3.37 -10.25
N THR A 30 -5.44 -2.95 -10.60
CA THR A 30 -6.63 -3.38 -9.88
C THR A 30 -7.75 -3.71 -10.85
N ASP A 31 -8.91 -4.06 -10.31
CA ASP A 31 -10.07 -4.40 -11.12
C ASP A 31 -11.23 -3.44 -10.85
N PHE A 32 -10.90 -2.21 -10.51
CA PHE A 32 -11.92 -1.20 -10.23
C PHE A 32 -11.51 0.16 -10.79
N ALA A 33 -10.26 0.55 -10.54
CA ALA A 33 -9.75 1.83 -11.01
C ALA A 33 -8.68 1.62 -12.08
N LYS A 34 -8.51 2.61 -12.95
CA LYS A 34 -7.52 2.54 -14.02
C LYS A 34 -6.20 3.13 -13.56
N GLY A 35 -5.13 2.33 -13.66
CA GLY A 35 -3.82 2.80 -13.26
C GLY A 35 -3.09 1.80 -12.40
N GLU A 36 -2.42 2.28 -11.36
CA GLU A 36 -1.67 1.41 -10.45
C GLU A 36 -1.91 1.83 -9.00
N TRP A 37 -2.22 0.85 -8.15
CA TRP A 37 -2.46 1.10 -6.74
C TRP A 37 -1.58 0.22 -5.87
N CYS A 38 -1.47 0.58 -4.58
CA CYS A 38 -0.67 -0.18 -3.64
C CYS A 38 -1.36 -0.31 -2.29
N GLY A 39 -1.53 -1.54 -1.83
CA GLY A 39 -2.18 -1.76 -0.55
C GLY A 39 -1.24 -1.60 0.62
N VAL A 40 -1.69 -0.89 1.65
CA VAL A 40 -0.88 -0.66 2.83
C VAL A 40 -1.64 -1.04 4.11
N GLU A 41 -1.05 -1.93 4.89
CA GLU A 41 -1.66 -2.39 6.13
C GLU A 41 -1.19 -1.56 7.31
N LEU A 42 -2.14 -1.04 8.08
CA LEU A 42 -1.83 -0.22 9.24
C LEU A 42 -1.77 -1.05 10.51
N ASP A 43 -1.19 -0.49 11.57
CA ASP A 43 -1.07 -1.19 12.84
C ASP A 43 -2.35 -1.07 13.65
N GLU A 44 -2.97 0.11 13.61
CA GLU A 44 -4.20 0.35 14.35
C GLU A 44 -5.38 0.51 13.38
N PRO A 45 -6.60 0.18 13.84
CA PRO A 45 -7.81 0.28 13.02
C PRO A 45 -7.99 1.68 12.44
N LEU A 46 -7.39 1.93 11.28
CA LEU A 46 -7.49 3.23 10.63
C LEU A 46 -7.51 3.07 9.11
N GLY A 47 -8.07 1.96 8.65
CA GLY A 47 -8.15 1.70 7.22
C GLY A 47 -9.56 1.86 6.68
N LYS A 48 -9.77 1.45 5.44
CA LYS A 48 -11.09 1.56 4.80
C LYS A 48 -11.64 0.17 4.51
N ASN A 49 -10.78 -0.74 4.08
CA ASN A 49 -11.19 -2.11 3.77
C ASN A 49 -10.16 -3.11 4.28
N ASP A 50 -10.41 -4.39 3.98
CA ASP A 50 -9.51 -5.46 4.41
C ASP A 50 -8.73 -6.01 3.22
N GLY A 51 -8.33 -5.13 2.30
CA GLY A 51 -7.59 -5.56 1.14
C GLY A 51 -8.46 -6.24 0.11
N ALA A 52 -9.68 -5.74 -0.06
CA ALA A 52 -10.62 -6.31 -1.02
C ALA A 52 -11.42 -5.23 -1.71
N VAL A 53 -11.85 -5.50 -2.94
CA VAL A 53 -12.63 -4.54 -3.71
C VAL A 53 -13.68 -5.25 -4.56
N ALA A 54 -14.94 -4.92 -4.33
CA ALA A 54 -16.04 -5.52 -5.08
C ALA A 54 -16.06 -7.04 -4.89
N GLY A 55 -15.60 -7.50 -3.74
CA GLY A 55 -15.58 -8.92 -3.45
C GLY A 55 -14.23 -9.55 -3.75
N THR A 56 -13.51 -8.97 -4.70
CA THR A 56 -12.20 -9.48 -5.08
C THR A 56 -11.13 -9.07 -4.07
N ARG A 57 -10.48 -10.07 -3.48
CA ARG A 57 -9.44 -9.81 -2.48
C ARG A 57 -8.06 -10.19 -3.03
N TYR A 58 -7.16 -9.20 -3.05
CA TYR A 58 -5.80 -9.43 -3.55
C TYR A 58 -4.94 -10.08 -2.48
N PHE A 59 -4.85 -9.43 -1.32
CA PHE A 59 -4.05 -9.94 -0.22
C PHE A 59 -4.91 -10.19 1.01
N GLN A 60 -4.46 -11.10 1.87
CA GLN A 60 -5.19 -11.44 3.09
C GLN A 60 -4.83 -10.48 4.22
N CYS A 61 -5.83 -9.72 4.68
CA CYS A 61 -5.63 -8.77 5.76
C CYS A 61 -6.86 -8.68 6.65
N PRO A 62 -6.68 -8.30 7.93
CA PRO A 62 -7.78 -8.17 8.88
C PRO A 62 -8.74 -7.03 8.53
N PRO A 63 -9.87 -6.94 9.23
CA PRO A 63 -10.87 -5.89 8.98
C PRO A 63 -10.39 -4.52 9.44
N LYS A 64 -10.61 -3.51 8.60
CA LYS A 64 -10.20 -2.14 8.92
C LYS A 64 -8.68 -2.07 9.10
N PHE A 65 -7.94 -2.59 8.14
CA PHE A 65 -6.48 -2.58 8.20
C PHE A 65 -5.88 -2.36 6.81
N GLY A 66 -6.36 -3.14 5.84
CA GLY A 66 -5.85 -3.02 4.49
C GLY A 66 -6.35 -1.76 3.79
N LEU A 67 -5.48 -0.78 3.64
CA LEU A 67 -5.83 0.47 2.99
C LEU A 67 -5.25 0.55 1.59
N PHE A 68 -6.08 0.93 0.62
CA PHE A 68 -5.64 1.05 -0.76
C PHE A 68 -5.34 2.50 -1.13
N ALA A 69 -4.14 2.73 -1.62
CA ALA A 69 -3.71 4.07 -2.01
C ALA A 69 -2.87 4.04 -3.28
N PRO A 70 -3.00 5.07 -4.14
CA PRO A 70 -2.25 5.16 -5.39
C PRO A 70 -0.75 5.02 -5.17
N ILE A 71 -0.09 4.32 -6.09
CA ILE A 71 1.35 4.11 -6.00
C ILE A 71 2.10 5.44 -5.95
N HIS A 72 1.74 6.36 -6.84
CA HIS A 72 2.38 7.67 -6.90
C HIS A 72 2.13 8.46 -5.62
N LYS A 73 1.08 8.10 -4.90
CA LYS A 73 0.73 8.77 -3.65
C LYS A 73 1.53 8.21 -2.48
N VAL A 74 2.00 6.98 -2.62
CA VAL A 74 2.77 6.32 -1.57
C VAL A 74 4.14 6.98 -1.42
N ILE A 75 4.55 7.19 -0.16
CA ILE A 75 5.84 7.81 0.12
C ILE A 75 6.74 6.85 0.90
N ARG A 76 7.81 6.41 0.25
CA ARG A 76 8.77 5.50 0.88
C ARG A 76 9.37 6.12 2.13
N ILE A 77 9.29 5.40 3.24
CA ILE A 77 9.83 5.89 4.51
C ILE A 77 10.68 4.82 5.19
N GLY A 78 11.99 5.04 5.20
CA GLY A 78 12.90 4.08 5.82
C GLY A 78 14.30 4.62 5.98
N SER A 79 14.43 5.72 6.72
CA SER A 79 15.72 6.34 6.95
C SER A 79 15.87 6.77 8.40
N GLY A 80 17.01 7.38 8.73
CA GLY A 80 17.26 7.83 10.08
C GLY A 80 18.57 8.59 10.22
N PRO A 81 18.64 9.54 11.16
CA PRO A 81 19.86 10.33 11.38
C PRO A 81 20.98 9.52 12.01
N SER A 82 20.60 8.50 12.77
CA SER A 82 21.57 7.64 13.43
C SER A 82 21.70 6.30 12.70
N SER A 83 22.66 5.49 13.12
CA SER A 83 22.89 4.19 12.50
C SER A 83 23.40 3.18 13.53
N GLY A 84 22.84 1.98 13.49
CA GLY A 84 23.26 0.95 14.43
C GLY A 84 22.48 -0.34 14.25
N GLY A 1 -0.20 8.96 -12.09
CA GLY A 1 1.23 9.02 -11.67
C GLY A 1 2.09 9.79 -12.65
N SER A 2 1.64 10.99 -13.00
CA SER A 2 2.38 11.84 -13.93
C SER A 2 3.16 12.93 -13.18
N SER A 3 3.59 12.61 -11.97
CA SER A 3 4.34 13.55 -11.15
C SER A 3 5.40 12.84 -10.32
N GLY A 4 6.61 12.74 -10.87
CA GLY A 4 7.69 12.07 -10.16
C GLY A 4 7.73 10.58 -10.43
N SER A 5 8.33 9.84 -9.50
CA SER A 5 8.42 8.39 -9.64
C SER A 5 8.66 7.73 -8.29
N SER A 6 7.74 6.85 -7.89
CA SER A 6 7.85 6.15 -6.61
C SER A 6 8.00 4.64 -6.83
N GLY A 7 9.24 4.16 -6.80
CA GLY A 7 9.48 2.75 -7.01
C GLY A 7 9.53 1.98 -5.70
N LEU A 8 8.43 1.31 -5.37
CA LEU A 8 8.35 0.53 -4.14
C LEU A 8 8.13 -0.95 -4.45
N ARG A 9 8.44 -1.80 -3.48
CA ARG A 9 8.29 -3.24 -3.64
C ARG A 9 7.39 -3.82 -2.55
N LEU A 10 7.28 -5.13 -2.51
CA LEU A 10 6.45 -5.81 -1.52
C LEU A 10 7.19 -5.91 -0.18
N GLY A 11 6.50 -5.56 0.90
CA GLY A 11 7.10 -5.62 2.21
C GLY A 11 7.99 -4.42 2.50
N ASP A 12 7.42 -3.22 2.39
CA ASP A 12 8.17 -2.00 2.64
C ASP A 12 7.33 -1.00 3.43
N ARG A 13 7.87 -0.54 4.55
CA ARG A 13 7.18 0.42 5.41
C ARG A 13 6.93 1.72 4.67
N VAL A 14 5.66 2.06 4.46
CA VAL A 14 5.28 3.29 3.76
C VAL A 14 4.34 4.13 4.60
N LEU A 15 4.14 5.37 4.18
CA LEU A 15 3.25 6.29 4.89
C LEU A 15 2.09 6.72 4.00
N VAL A 16 0.89 6.27 4.32
CA VAL A 16 -0.30 6.62 3.55
C VAL A 16 -1.00 7.83 4.14
N GLY A 17 -0.99 8.93 3.39
CA GLY A 17 -1.64 10.15 3.85
C GLY A 17 -0.68 11.08 4.57
N GLY A 18 0.43 10.53 5.06
CA GLY A 18 1.40 11.33 5.76
C GLY A 18 1.22 11.28 7.27
N THR A 19 0.68 10.16 7.75
CA THR A 19 0.44 9.98 9.18
C THR A 19 0.27 8.50 9.52
N LYS A 20 -0.53 7.80 8.70
CA LYS A 20 -0.77 6.38 8.92
C LYS A 20 0.34 5.53 8.32
N THR A 21 1.11 4.88 9.18
CA THR A 21 2.21 4.03 8.73
C THR A 21 1.73 2.61 8.47
N GLY A 22 2.11 2.08 7.31
CA GLY A 22 1.71 0.74 6.94
C GLY A 22 2.63 0.12 5.91
N VAL A 23 2.72 -1.21 5.92
CA VAL A 23 3.56 -1.93 4.97
C VAL A 23 2.80 -2.28 3.70
N VAL A 24 3.53 -2.37 2.59
CA VAL A 24 2.92 -2.69 1.31
C VAL A 24 2.60 -4.18 1.21
N ARG A 25 1.33 -4.50 1.02
CA ARG A 25 0.89 -5.88 0.92
C ARG A 25 0.53 -6.24 -0.52
N TYR A 26 0.15 -5.23 -1.30
CA TYR A 26 -0.21 -5.44 -2.70
C TYR A 26 0.50 -4.43 -3.60
N VAL A 27 0.88 -4.88 -4.78
CA VAL A 27 1.57 -4.02 -5.74
C VAL A 27 1.17 -4.37 -7.18
N GLY A 28 0.68 -3.36 -7.90
CA GLY A 28 0.27 -3.57 -9.27
C GLY A 28 -0.98 -2.79 -9.63
N GLU A 29 -1.69 -3.23 -10.66
CA GLU A 29 -2.90 -2.57 -11.10
C GLU A 29 -4.13 -3.12 -10.37
N THR A 30 -5.31 -2.65 -10.75
CA THR A 30 -6.55 -3.10 -10.14
C THR A 30 -7.63 -3.32 -11.19
N ASP A 31 -8.86 -3.57 -10.72
CA ASP A 31 -9.97 -3.80 -11.62
C ASP A 31 -11.14 -2.86 -11.29
N PHE A 32 -10.81 -1.69 -10.76
CA PHE A 32 -11.83 -0.70 -10.41
C PHE A 32 -11.40 0.70 -10.85
N ALA A 33 -10.14 1.04 -10.58
CA ALA A 33 -9.61 2.35 -10.94
C ALA A 33 -8.50 2.23 -11.98
N LYS A 34 -8.05 3.36 -12.50
CA LYS A 34 -7.00 3.37 -13.51
C LYS A 34 -5.66 3.78 -12.89
N GLY A 35 -4.57 3.26 -13.44
CA GLY A 35 -3.26 3.58 -12.94
C GLY A 35 -2.69 2.49 -12.05
N GLU A 36 -1.65 2.81 -11.30
CA GLU A 36 -1.02 1.85 -10.40
C GLU A 36 -1.45 2.08 -8.96
N TRP A 37 -1.74 0.99 -8.26
CA TRP A 37 -2.17 1.07 -6.86
C TRP A 37 -1.38 0.10 -6.00
N CYS A 38 -1.16 0.48 -4.74
CA CYS A 38 -0.42 -0.36 -3.81
C CYS A 38 -1.15 -0.46 -2.47
N GLY A 39 -1.47 -1.68 -2.06
CA GLY A 39 -2.17 -1.89 -0.80
C GLY A 39 -1.25 -1.72 0.39
N VAL A 40 -1.68 -0.92 1.36
CA VAL A 40 -0.89 -0.67 2.56
C VAL A 40 -1.57 -1.28 3.79
N GLU A 41 -0.76 -1.86 4.67
CA GLU A 41 -1.27 -2.49 5.88
C GLU A 41 -0.85 -1.70 7.12
N LEU A 42 -1.79 -0.95 7.69
CA LEU A 42 -1.51 -0.15 8.89
C LEU A 42 -1.37 -1.03 10.12
N ASP A 43 -0.82 -0.47 11.18
CA ASP A 43 -0.64 -1.21 12.43
C ASP A 43 -1.83 -1.01 13.37
N GLU A 44 -2.45 0.16 13.29
CA GLU A 44 -3.59 0.47 14.12
C GLU A 44 -4.87 0.62 13.27
N PRO A 45 -6.04 0.37 13.88
CA PRO A 45 -7.32 0.47 13.17
C PRO A 45 -7.50 1.82 12.48
N LEU A 46 -7.04 1.92 11.25
CA LEU A 46 -7.15 3.15 10.48
C LEU A 46 -7.34 2.86 8.99
N GLY A 47 -7.98 1.73 8.70
CA GLY A 47 -8.22 1.35 7.31
C GLY A 47 -9.68 1.44 6.93
N LYS A 48 -10.00 1.05 5.70
CA LYS A 48 -11.37 1.08 5.21
C LYS A 48 -11.90 -0.34 4.96
N ASN A 49 -11.02 -1.21 4.47
CA ASN A 49 -11.40 -2.58 4.19
C ASN A 49 -10.27 -3.55 4.57
N ASP A 50 -10.45 -4.83 4.24
CA ASP A 50 -9.45 -5.83 4.54
C ASP A 50 -8.66 -6.22 3.29
N GLY A 51 -8.32 -5.21 2.48
CA GLY A 51 -7.57 -5.46 1.27
C GLY A 51 -8.41 -6.11 0.19
N ALA A 52 -9.72 -5.87 0.23
CA ALA A 52 -10.63 -6.44 -0.76
C ALA A 52 -11.53 -5.37 -1.35
N VAL A 53 -11.50 -5.25 -2.67
CA VAL A 53 -12.32 -4.26 -3.36
C VAL A 53 -13.36 -4.95 -4.26
N ALA A 54 -14.61 -4.54 -4.12
CA ALA A 54 -15.70 -5.11 -4.91
C ALA A 54 -15.82 -6.61 -4.67
N GLY A 55 -15.76 -7.02 -3.41
CA GLY A 55 -15.86 -8.42 -3.07
C GLY A 55 -14.74 -9.24 -3.66
N THR A 56 -13.59 -8.61 -3.87
CA THR A 56 -12.43 -9.29 -4.43
C THR A 56 -11.19 -9.04 -3.59
N ARG A 57 -10.84 -10.00 -2.74
CA ARG A 57 -9.67 -9.89 -1.88
C ARG A 57 -8.39 -10.23 -2.63
N TYR A 58 -7.52 -9.25 -2.80
CA TYR A 58 -6.26 -9.44 -3.50
C TYR A 58 -5.21 -10.06 -2.58
N PHE A 59 -5.18 -9.58 -1.35
CA PHE A 59 -4.22 -10.09 -0.37
C PHE A 59 -4.89 -10.33 0.98
N GLN A 60 -4.56 -11.45 1.61
CA GLN A 60 -5.13 -11.80 2.90
C GLN A 60 -4.80 -10.74 3.95
N CYS A 61 -5.79 -10.36 4.74
CA CYS A 61 -5.61 -9.35 5.77
C CYS A 61 -6.89 -9.18 6.60
N PRO A 62 -6.74 -8.83 7.89
CA PRO A 62 -7.88 -8.64 8.79
C PRO A 62 -8.63 -7.34 8.51
N PRO A 63 -9.86 -7.21 9.05
CA PRO A 63 -10.68 -6.01 8.84
C PRO A 63 -10.01 -4.75 9.38
N LYS A 64 -10.20 -3.63 8.68
CA LYS A 64 -9.61 -2.37 9.08
C LYS A 64 -8.09 -2.44 9.12
N PHE A 65 -7.52 -3.25 8.23
CA PHE A 65 -6.08 -3.43 8.17
C PHE A 65 -5.60 -3.50 6.72
N GLY A 66 -6.23 -2.70 5.85
CA GLY A 66 -5.87 -2.70 4.45
C GLY A 66 -6.38 -1.48 3.72
N LEU A 67 -5.47 -0.58 3.34
CA LEU A 67 -5.86 0.64 2.64
C LEU A 67 -5.16 0.73 1.28
N PHE A 68 -5.94 0.95 0.23
CA PHE A 68 -5.41 1.05 -1.12
C PHE A 68 -5.13 2.51 -1.49
N ALA A 69 -3.94 2.78 -1.99
CA ALA A 69 -3.56 4.13 -2.39
C ALA A 69 -2.60 4.10 -3.57
N PRO A 70 -2.68 5.11 -4.45
CA PRO A 70 -1.81 5.20 -5.63
C PRO A 70 -0.34 5.14 -5.26
N ILE A 71 0.47 4.51 -6.13
CA ILE A 71 1.90 4.39 -5.89
C ILE A 71 2.56 5.75 -5.76
N HIS A 72 2.23 6.66 -6.67
CA HIS A 72 2.80 8.00 -6.65
C HIS A 72 2.38 8.76 -5.39
N LYS A 73 1.32 8.30 -4.74
CA LYS A 73 0.81 8.93 -3.53
C LYS A 73 1.35 8.22 -2.28
N VAL A 74 2.48 7.54 -2.43
CA VAL A 74 3.08 6.81 -1.32
C VAL A 74 4.39 7.45 -0.89
N ILE A 75 4.57 7.62 0.41
CA ILE A 75 5.79 8.22 0.95
C ILE A 75 6.66 7.18 1.64
N ARG A 76 7.83 6.93 1.07
CA ARG A 76 8.76 5.95 1.64
C ARG A 76 9.26 6.41 3.01
N ILE A 77 9.42 5.45 3.92
CA ILE A 77 9.89 5.74 5.27
C ILE A 77 10.66 4.56 5.85
N GLY A 78 11.34 3.82 4.98
CA GLY A 78 12.11 2.67 5.42
C GLY A 78 13.27 2.36 4.49
N SER A 79 13.02 2.42 3.19
CA SER A 79 14.05 2.14 2.19
C SER A 79 14.50 0.69 2.26
N GLY A 80 13.53 -0.21 2.43
CA GLY A 80 13.85 -1.62 2.52
C GLY A 80 14.68 -1.97 3.74
N PRO A 81 14.03 -2.17 4.90
CA PRO A 81 14.73 -2.51 6.14
C PRO A 81 15.65 -3.72 5.98
N SER A 82 16.90 -3.45 5.60
CA SER A 82 17.88 -4.52 5.40
C SER A 82 19.10 -4.31 6.29
N SER A 83 19.55 -3.06 6.37
CA SER A 83 20.72 -2.73 7.17
C SER A 83 21.96 -3.47 6.70
N GLY A 84 22.79 -2.79 5.92
CA GLY A 84 24.00 -3.42 5.41
C GLY A 84 24.99 -2.40 4.87
N GLY A 1 11.38 16.29 -9.17
CA GLY A 1 10.46 15.26 -8.61
C GLY A 1 11.16 14.35 -7.63
N SER A 2 11.37 13.10 -8.03
CA SER A 2 12.03 12.11 -7.18
C SER A 2 12.34 10.84 -7.96
N SER A 3 13.43 10.17 -7.59
CA SER A 3 13.84 8.94 -8.24
C SER A 3 13.03 7.75 -7.73
N GLY A 4 12.47 6.97 -8.65
CA GLY A 4 11.69 5.82 -8.26
C GLY A 4 10.20 6.10 -8.30
N SER A 5 9.50 5.71 -7.23
CA SER A 5 8.06 5.93 -7.12
C SER A 5 7.32 5.21 -8.25
N SER A 6 7.88 4.07 -8.68
CA SER A 6 7.28 3.29 -9.75
C SER A 6 7.25 1.81 -9.38
N GLY A 7 8.42 1.24 -9.12
CA GLY A 7 8.49 -0.16 -8.76
C GLY A 7 8.80 -0.37 -7.29
N LEU A 8 7.81 -0.82 -6.53
CA LEU A 8 7.99 -1.06 -5.10
C LEU A 8 8.06 -2.55 -4.81
N ARG A 9 8.48 -2.88 -3.59
CA ARG A 9 8.60 -4.28 -3.18
C ARG A 9 7.49 -4.66 -2.21
N LEU A 10 7.13 -5.94 -2.19
CA LEU A 10 6.08 -6.43 -1.30
C LEU A 10 6.62 -6.65 0.11
N GLY A 11 6.14 -5.86 1.06
CA GLY A 11 6.58 -5.99 2.43
C GLY A 11 7.49 -4.85 2.86
N ASP A 12 7.18 -3.65 2.40
CA ASP A 12 7.98 -2.47 2.74
C ASP A 12 7.15 -1.46 3.53
N ARG A 13 7.80 -0.79 4.47
CA ARG A 13 7.11 0.20 5.31
C ARG A 13 6.98 1.53 4.57
N VAL A 14 5.75 1.86 4.18
CA VAL A 14 5.50 3.11 3.47
C VAL A 14 4.62 4.04 4.29
N LEU A 15 4.56 5.31 3.87
CA LEU A 15 3.75 6.31 4.58
C LEU A 15 2.53 6.69 3.75
N VAL A 16 1.36 6.58 4.36
CA VAL A 16 0.11 6.91 3.70
C VAL A 16 -0.52 8.18 4.28
N GLY A 17 -0.39 9.28 3.56
CA GLY A 17 -0.95 10.54 4.02
C GLY A 17 0.07 11.39 4.75
N GLY A 18 1.10 10.75 5.30
CA GLY A 18 2.13 11.48 6.02
C GLY A 18 1.98 11.35 7.52
N THR A 19 1.37 10.25 7.97
CA THR A 19 1.17 10.01 9.39
C THR A 19 0.88 8.55 9.66
N LYS A 20 0.02 7.95 8.85
CA LYS A 20 -0.34 6.55 8.99
C LYS A 20 0.72 5.65 8.36
N THR A 21 1.51 5.01 9.21
CA THR A 21 2.56 4.11 8.74
C THR A 21 2.02 2.71 8.51
N GLY A 22 2.23 2.19 7.30
CA GLY A 22 1.76 0.86 6.96
C GLY A 22 2.66 0.15 5.98
N VAL A 23 2.70 -1.17 6.06
CA VAL A 23 3.53 -1.97 5.17
C VAL A 23 2.79 -2.33 3.89
N VAL A 24 3.49 -2.29 2.77
CA VAL A 24 2.88 -2.61 1.48
C VAL A 24 2.54 -4.09 1.40
N ARG A 25 1.29 -4.39 1.07
CA ARG A 25 0.82 -5.77 0.95
C ARG A 25 0.56 -6.13 -0.50
N TYR A 26 0.22 -5.13 -1.31
CA TYR A 26 -0.06 -5.35 -2.72
C TYR A 26 0.58 -4.26 -3.58
N VAL A 27 1.18 -4.66 -4.69
CA VAL A 27 1.82 -3.71 -5.59
C VAL A 27 1.49 -4.03 -7.05
N GLY A 28 0.78 -3.12 -7.71
CA GLY A 28 0.42 -3.33 -9.10
C GLY A 28 -0.80 -2.53 -9.50
N GLU A 29 -1.36 -2.85 -10.66
CA GLU A 29 -2.55 -2.15 -11.16
C GLU A 29 -3.82 -2.73 -10.56
N THR A 30 -4.86 -1.90 -10.47
CA THR A 30 -6.14 -2.33 -9.91
C THR A 30 -7.12 -2.69 -11.01
N ASP A 31 -8.35 -3.02 -10.63
CA ASP A 31 -9.38 -3.39 -11.59
C ASP A 31 -10.35 -2.23 -11.80
N PHE A 32 -10.56 -1.45 -10.75
CA PHE A 32 -11.47 -0.30 -10.81
C PHE A 32 -10.74 0.95 -11.30
N ALA A 33 -9.55 1.19 -10.75
CA ALA A 33 -8.76 2.35 -11.14
C ALA A 33 -8.04 2.11 -12.46
N LYS A 34 -7.25 3.09 -12.89
CA LYS A 34 -6.51 3.00 -14.13
C LYS A 34 -5.03 3.30 -13.93
N GLY A 35 -4.58 3.21 -12.68
CA GLY A 35 -3.19 3.48 -12.38
C GLY A 35 -2.57 2.41 -11.50
N GLU A 36 -1.42 2.71 -10.91
CA GLU A 36 -0.73 1.78 -10.03
C GLU A 36 -1.02 2.08 -8.57
N TRP A 37 -1.81 1.21 -7.94
CA TRP A 37 -2.16 1.38 -6.53
C TRP A 37 -1.48 0.33 -5.67
N CYS A 38 -1.21 0.70 -4.41
CA CYS A 38 -0.56 -0.22 -3.48
C CYS A 38 -1.35 -0.31 -2.18
N GLY A 39 -1.73 -1.54 -1.82
CA GLY A 39 -2.49 -1.75 -0.60
C GLY A 39 -1.60 -1.75 0.64
N VAL A 40 -1.65 -0.65 1.39
CA VAL A 40 -0.85 -0.53 2.59
C VAL A 40 -1.62 -1.02 3.82
N GLU A 41 -0.96 -1.82 4.65
CA GLU A 41 -1.59 -2.35 5.86
C GLU A 41 -1.08 -1.63 7.10
N LEU A 42 -1.93 -0.78 7.66
CA LEU A 42 -1.57 -0.01 8.85
C LEU A 42 -1.54 -0.91 10.08
N ASP A 43 -0.96 -0.41 11.16
CA ASP A 43 -0.87 -1.17 12.41
C ASP A 43 -2.05 -0.86 13.32
N GLU A 44 -2.56 0.37 13.22
CA GLU A 44 -3.70 0.78 14.04
C GLU A 44 -5.00 0.71 13.24
N PRO A 45 -6.15 0.62 13.94
CA PRO A 45 -7.46 0.54 13.29
C PRO A 45 -7.84 1.85 12.59
N LEU A 46 -7.09 2.18 11.53
CA LEU A 46 -7.34 3.40 10.78
C LEU A 46 -7.58 3.08 9.30
N GLY A 47 -8.11 1.90 9.03
CA GLY A 47 -8.38 1.50 7.66
C GLY A 47 -9.86 1.39 7.37
N LYS A 48 -10.20 1.33 6.08
CA LYS A 48 -11.59 1.24 5.67
C LYS A 48 -11.86 -0.09 4.96
N ASN A 49 -10.89 -0.55 4.19
CA ASN A 49 -11.01 -1.80 3.46
C ASN A 49 -10.11 -2.88 4.07
N ASP A 50 -10.23 -4.10 3.57
CA ASP A 50 -9.44 -5.22 4.07
C ASP A 50 -8.76 -5.95 2.91
N GLY A 51 -8.42 -5.20 1.86
CA GLY A 51 -7.77 -5.80 0.72
C GLY A 51 -8.73 -6.58 -0.17
N ALA A 52 -9.99 -6.16 -0.17
CA ALA A 52 -11.01 -6.82 -0.98
C ALA A 52 -11.90 -5.81 -1.69
N VAL A 53 -11.78 -5.75 -3.00
CA VAL A 53 -12.58 -4.82 -3.80
C VAL A 53 -13.36 -5.55 -4.88
N ALA A 54 -14.62 -5.14 -5.06
CA ALA A 54 -15.48 -5.77 -6.07
C ALA A 54 -15.67 -7.26 -5.78
N GLY A 55 -15.65 -7.62 -4.52
CA GLY A 55 -15.82 -9.01 -4.14
C GLY A 55 -14.60 -9.85 -4.47
N THR A 56 -13.43 -9.23 -4.48
CA THR A 56 -12.19 -9.93 -4.79
C THR A 56 -11.09 -9.55 -3.82
N ARG A 57 -10.66 -10.51 -3.00
CA ARG A 57 -9.61 -10.28 -2.02
C ARG A 57 -8.24 -10.57 -2.61
N TYR A 58 -7.46 -9.51 -2.81
CA TYR A 58 -6.12 -9.64 -3.37
C TYR A 58 -5.14 -10.14 -2.32
N PHE A 59 -5.26 -9.62 -1.10
CA PHE A 59 -4.39 -10.01 0.00
C PHE A 59 -5.17 -10.15 1.30
N GLN A 60 -5.01 -11.28 1.97
CA GLN A 60 -5.71 -11.54 3.23
C GLN A 60 -5.31 -10.51 4.28
N CYS A 61 -6.29 -9.73 4.74
CA CYS A 61 -6.07 -8.71 5.75
C CYS A 61 -7.30 -8.49 6.60
N PRO A 62 -7.12 -8.17 7.90
CA PRO A 62 -8.24 -7.94 8.82
C PRO A 62 -8.94 -6.62 8.56
N PRO A 63 -10.26 -6.55 8.85
CA PRO A 63 -11.05 -5.33 8.64
C PRO A 63 -10.43 -4.12 9.33
N LYS A 64 -10.51 -2.96 8.67
CA LYS A 64 -9.95 -1.73 9.21
C LYS A 64 -8.45 -1.83 9.38
N PHE A 65 -7.75 -2.09 8.28
CA PHE A 65 -6.30 -2.21 8.30
C PHE A 65 -5.71 -2.02 6.91
N GLY A 66 -6.32 -2.66 5.92
CA GLY A 66 -5.86 -2.54 4.56
C GLY A 66 -6.40 -1.32 3.86
N LEU A 67 -5.52 -0.40 3.47
CA LEU A 67 -5.92 0.82 2.79
C LEU A 67 -5.26 0.92 1.43
N PHE A 68 -6.08 1.09 0.39
CA PHE A 68 -5.59 1.21 -0.98
C PHE A 68 -5.30 2.67 -1.33
N ALA A 69 -4.09 2.94 -1.79
CA ALA A 69 -3.69 4.28 -2.17
C ALA A 69 -2.77 4.27 -3.37
N PRO A 70 -2.89 5.27 -4.27
CA PRO A 70 -2.05 5.36 -5.47
C PRO A 70 -0.56 5.32 -5.14
N ILE A 71 0.22 4.72 -6.03
CA ILE A 71 1.66 4.64 -5.82
C ILE A 71 2.30 6.02 -5.69
N HIS A 72 1.91 6.93 -6.57
CA HIS A 72 2.44 8.29 -6.54
C HIS A 72 2.01 9.01 -5.27
N LYS A 73 0.96 8.52 -4.64
CA LYS A 73 0.46 9.13 -3.41
C LYS A 73 1.00 8.41 -2.18
N VAL A 74 2.13 7.72 -2.35
CA VAL A 74 2.75 6.98 -1.24
C VAL A 74 4.21 7.38 -1.08
N ILE A 75 4.67 7.40 0.16
CA ILE A 75 6.06 7.76 0.46
C ILE A 75 6.78 6.62 1.17
N ARG A 76 7.83 6.10 0.54
CA ARG A 76 8.60 5.01 1.13
C ARG A 76 9.40 5.49 2.33
N ILE A 77 9.80 4.55 3.18
CA ILE A 77 10.57 4.88 4.37
C ILE A 77 11.82 4.01 4.47
N GLY A 78 11.64 2.70 4.40
CA GLY A 78 12.77 1.80 4.48
C GLY A 78 13.39 1.52 3.13
N SER A 79 14.68 1.80 3.01
CA SER A 79 15.39 1.57 1.76
C SER A 79 16.15 0.26 1.79
N GLY A 80 16.61 -0.13 2.97
CA GLY A 80 17.35 -1.38 3.12
C GLY A 80 17.94 -1.54 4.50
N PRO A 81 18.72 -2.61 4.74
CA PRO A 81 19.34 -2.88 6.03
C PRO A 81 20.45 -1.88 6.36
N SER A 82 21.24 -2.18 7.39
CA SER A 82 22.33 -1.31 7.80
C SER A 82 23.63 -1.73 7.14
N SER A 83 24.21 -0.85 6.34
CA SER A 83 25.46 -1.13 5.65
C SER A 83 26.37 0.10 5.65
N GLY A 84 27.56 -0.07 5.09
CA GLY A 84 28.51 1.03 5.02
C GLY A 84 29.78 0.67 4.30
N GLY A 1 -1.17 -9.05 -13.64
CA GLY A 1 -0.62 -8.87 -15.02
C GLY A 1 0.86 -9.18 -15.11
N SER A 2 1.69 -8.21 -14.80
CA SER A 2 3.14 -8.39 -14.85
C SER A 2 3.80 -7.81 -13.60
N SER A 3 4.38 -8.69 -12.77
CA SER A 3 5.05 -8.26 -11.56
C SER A 3 6.56 -8.43 -11.67
N GLY A 4 7.28 -7.33 -11.52
CA GLY A 4 8.73 -7.38 -11.62
C GLY A 4 9.41 -6.27 -10.80
N SER A 5 9.43 -5.07 -11.36
CA SER A 5 10.05 -3.93 -10.68
C SER A 5 9.48 -2.62 -11.20
N SER A 6 8.31 -2.25 -10.70
CA SER A 6 7.66 -1.01 -11.11
C SER A 6 8.11 0.16 -10.24
N GLY A 7 8.03 -0.03 -8.92
CA GLY A 7 8.44 1.03 -8.00
C GLY A 7 8.71 0.50 -6.61
N LEU A 8 7.64 0.07 -5.93
CA LEU A 8 7.77 -0.45 -4.57
C LEU A 8 7.71 -1.98 -4.58
N ARG A 9 8.35 -2.59 -3.58
CA ARG A 9 8.36 -4.05 -3.47
C ARG A 9 7.31 -4.53 -2.47
N LEU A 10 6.96 -5.81 -2.57
CA LEU A 10 5.96 -6.40 -1.68
C LEU A 10 6.56 -6.66 -0.30
N GLY A 11 6.19 -5.85 0.67
CA GLY A 11 6.70 -6.01 2.02
C GLY A 11 7.56 -4.85 2.47
N ASP A 12 7.20 -3.64 2.03
CA ASP A 12 7.95 -2.44 2.40
C ASP A 12 7.10 -1.48 3.21
N ARG A 13 7.71 -0.82 4.18
CA ARG A 13 7.01 0.12 5.03
C ARG A 13 6.83 1.47 4.33
N VAL A 14 5.59 1.92 4.23
CA VAL A 14 5.28 3.19 3.59
C VAL A 14 4.33 4.02 4.43
N LEU A 15 4.37 5.34 4.25
CA LEU A 15 3.51 6.25 4.99
C LEU A 15 2.30 6.65 4.15
N VAL A 16 1.11 6.37 4.66
CA VAL A 16 -0.12 6.71 3.97
C VAL A 16 -0.74 7.99 4.53
N GLY A 17 -0.62 9.07 3.76
CA GLY A 17 -1.18 10.34 4.20
C GLY A 17 -0.13 11.23 4.85
N GLY A 18 0.83 10.61 5.52
CA GLY A 18 1.88 11.38 6.18
C GLY A 18 1.81 11.26 7.69
N THR A 19 1.39 10.10 8.17
CA THR A 19 1.28 9.86 9.61
C THR A 19 1.04 8.39 9.90
N LYS A 20 0.06 7.80 9.20
CA LYS A 20 -0.26 6.39 9.38
C LYS A 20 0.76 5.50 8.71
N THR A 21 1.56 4.81 9.51
CA THR A 21 2.59 3.92 9.00
C THR A 21 2.02 2.54 8.68
N GLY A 22 2.21 2.09 7.45
CA GLY A 22 1.70 0.79 7.05
C GLY A 22 2.62 0.08 6.08
N VAL A 23 2.61 -1.25 6.11
CA VAL A 23 3.45 -2.04 5.22
C VAL A 23 2.73 -2.31 3.89
N VAL A 24 3.52 -2.44 2.83
CA VAL A 24 2.97 -2.70 1.51
C VAL A 24 2.61 -4.18 1.34
N ARG A 25 1.34 -4.45 1.12
CA ARG A 25 0.86 -5.81 0.95
C ARG A 25 0.63 -6.13 -0.53
N TYR A 26 0.30 -5.11 -1.31
CA TYR A 26 0.05 -5.27 -2.73
C TYR A 26 0.80 -4.23 -3.54
N VAL A 27 1.17 -4.59 -4.76
CA VAL A 27 1.90 -3.68 -5.64
C VAL A 27 1.62 -3.99 -7.11
N GLY A 28 0.80 -3.16 -7.74
CA GLY A 28 0.46 -3.37 -9.14
C GLY A 28 -0.84 -2.70 -9.53
N GLU A 29 -1.47 -3.20 -10.58
CA GLU A 29 -2.73 -2.65 -11.05
C GLU A 29 -3.91 -3.26 -10.30
N THR A 30 -5.12 -2.86 -10.68
CA THR A 30 -6.32 -3.38 -10.04
C THR A 30 -7.39 -3.72 -11.08
N ASP A 31 -8.55 -4.17 -10.61
CA ASP A 31 -9.64 -4.53 -11.50
C ASP A 31 -10.80 -3.56 -11.35
N PHE A 32 -10.48 -2.30 -11.04
CA PHE A 32 -11.50 -1.28 -10.87
C PHE A 32 -10.94 0.10 -11.19
N ALA A 33 -9.77 0.40 -10.63
CA ALA A 33 -9.12 1.69 -10.85
C ALA A 33 -7.86 1.53 -11.71
N LYS A 34 -7.92 2.03 -12.93
CA LYS A 34 -6.78 1.95 -13.84
C LYS A 34 -5.56 2.66 -13.27
N GLY A 35 -4.41 2.45 -13.89
CA GLY A 35 -3.19 3.07 -13.42
C GLY A 35 -2.35 2.14 -12.57
N GLU A 36 -2.02 2.58 -11.36
CA GLU A 36 -1.23 1.79 -10.43
C GLU A 36 -1.62 2.07 -8.99
N TRP A 37 -1.80 1.01 -8.21
CA TRP A 37 -2.17 1.14 -6.81
C TRP A 37 -1.28 0.27 -5.93
N CYS A 38 -1.08 0.69 -4.69
CA CYS A 38 -0.26 -0.05 -3.74
C CYS A 38 -0.98 -0.22 -2.40
N GLY A 39 -1.38 -1.44 -2.10
CA GLY A 39 -2.07 -1.71 -0.85
C GLY A 39 -1.16 -1.54 0.35
N VAL A 40 -1.63 -0.78 1.33
CA VAL A 40 -0.86 -0.54 2.55
C VAL A 40 -1.65 -0.97 3.79
N GLU A 41 -1.04 -1.82 4.61
CA GLU A 41 -1.69 -2.29 5.82
C GLU A 41 -1.25 -1.47 7.03
N LEU A 42 -2.10 -0.55 7.44
CA LEU A 42 -1.80 0.31 8.59
C LEU A 42 -1.69 -0.51 9.86
N ASP A 43 -1.04 0.06 10.87
CA ASP A 43 -0.87 -0.63 12.15
C ASP A 43 -2.07 -0.40 13.07
N GLU A 44 -2.70 0.77 12.93
CA GLU A 44 -3.86 1.11 13.74
C GLU A 44 -5.15 1.02 12.91
N PRO A 45 -6.23 0.49 13.50
CA PRO A 45 -7.52 0.35 12.81
C PRO A 45 -8.00 1.67 12.23
N LEU A 46 -7.60 1.94 11.00
CA LEU A 46 -7.99 3.18 10.33
C LEU A 46 -8.06 2.98 8.82
N GLY A 47 -8.39 1.77 8.39
CA GLY A 47 -8.48 1.47 6.98
C GLY A 47 -9.92 1.33 6.51
N LYS A 48 -10.10 1.16 5.20
CA LYS A 48 -11.43 1.02 4.63
C LYS A 48 -11.67 -0.42 4.17
N ASN A 49 -10.62 -1.09 3.76
CA ASN A 49 -10.71 -2.47 3.30
C ASN A 49 -9.48 -3.27 3.71
N ASP A 50 -9.65 -4.57 3.86
CA ASP A 50 -8.55 -5.45 4.26
C ASP A 50 -7.92 -6.09 3.03
N GLY A 51 -7.68 -5.29 1.99
CA GLY A 51 -7.08 -5.79 0.78
C GLY A 51 -8.10 -6.42 -0.16
N ALA A 52 -9.35 -6.01 -0.02
CA ALA A 52 -10.42 -6.54 -0.86
C ALA A 52 -11.16 -5.42 -1.59
N VAL A 53 -11.80 -5.76 -2.70
CA VAL A 53 -12.53 -4.78 -3.49
C VAL A 53 -13.73 -5.42 -4.17
N ALA A 54 -14.93 -5.05 -3.73
CA ALA A 54 -16.17 -5.59 -4.30
C ALA A 54 -16.25 -7.09 -4.09
N GLY A 55 -15.64 -7.59 -3.02
CA GLY A 55 -15.66 -9.00 -2.73
C GLY A 55 -14.36 -9.70 -3.10
N THR A 56 -13.68 -9.16 -4.10
CA THR A 56 -12.41 -9.74 -4.55
C THR A 56 -11.27 -9.35 -3.61
N ARG A 57 -10.57 -10.35 -3.11
CA ARG A 57 -9.45 -10.11 -2.19
C ARG A 57 -8.13 -10.54 -2.81
N TYR A 58 -7.22 -9.58 -2.98
CA TYR A 58 -5.92 -9.84 -3.58
C TYR A 58 -4.95 -10.39 -2.52
N PHE A 59 -4.89 -9.71 -1.38
CA PHE A 59 -4.01 -10.12 -0.29
C PHE A 59 -4.78 -10.24 1.01
N GLN A 60 -4.55 -11.34 1.73
CA GLN A 60 -5.23 -11.58 3.00
C GLN A 60 -4.83 -10.51 4.03
N CYS A 61 -5.81 -10.07 4.81
CA CYS A 61 -5.57 -9.05 5.84
C CYS A 61 -6.78 -8.91 6.75
N PRO A 62 -6.57 -8.43 7.99
CA PRO A 62 -7.65 -8.26 8.96
C PRO A 62 -8.59 -7.10 8.58
N PRO A 63 -9.88 -7.20 8.96
CA PRO A 63 -10.86 -6.16 8.66
C PRO A 63 -10.47 -4.80 9.24
N LYS A 64 -10.66 -3.75 8.43
CA LYS A 64 -10.32 -2.40 8.86
C LYS A 64 -8.83 -2.29 9.20
N PHE A 65 -7.98 -2.51 8.21
CA PHE A 65 -6.55 -2.44 8.39
C PHE A 65 -5.84 -2.01 7.10
N GLY A 66 -6.23 -2.65 6.00
CA GLY A 66 -5.63 -2.32 4.72
C GLY A 66 -6.14 -1.00 4.16
N LEU A 67 -5.33 -0.35 3.33
CA LEU A 67 -5.71 0.92 2.73
C LEU A 67 -5.08 1.08 1.35
N PHE A 68 -5.90 0.98 0.32
CA PHE A 68 -5.42 1.12 -1.06
C PHE A 68 -5.20 2.57 -1.42
N ALA A 69 -4.03 2.88 -1.96
CA ALA A 69 -3.70 4.25 -2.34
C ALA A 69 -2.76 4.26 -3.54
N PRO A 70 -2.90 5.27 -4.43
CA PRO A 70 -2.07 5.39 -5.63
C PRO A 70 -0.58 5.36 -5.29
N ILE A 71 0.22 4.83 -6.22
CA ILE A 71 1.66 4.74 -6.03
C ILE A 71 2.27 6.10 -5.74
N HIS A 72 1.90 7.09 -6.54
CA HIS A 72 2.41 8.45 -6.37
C HIS A 72 2.00 9.02 -5.01
N LYS A 73 0.91 8.50 -4.46
CA LYS A 73 0.43 8.96 -3.16
C LYS A 73 1.17 8.26 -2.02
N VAL A 74 1.71 7.09 -2.31
CA VAL A 74 2.45 6.32 -1.30
C VAL A 74 3.82 6.94 -1.04
N ILE A 75 4.24 6.91 0.22
CA ILE A 75 5.53 7.47 0.61
C ILE A 75 6.34 6.46 1.41
N ARG A 76 7.67 6.59 1.35
CA ARG A 76 8.56 5.69 2.08
C ARG A 76 9.04 6.33 3.37
N ILE A 77 9.27 5.50 4.38
CA ILE A 77 9.74 5.99 5.67
C ILE A 77 10.74 5.02 6.30
N GLY A 78 11.40 4.23 5.46
CA GLY A 78 12.38 3.27 5.96
C GLY A 78 11.80 2.34 7.00
N SER A 79 12.47 2.22 8.14
CA SER A 79 12.02 1.36 9.21
C SER A 79 12.20 2.04 10.58
N GLY A 80 11.86 1.32 11.63
CA GLY A 80 11.99 1.87 12.97
C GLY A 80 12.71 0.93 13.92
N PRO A 81 11.97 0.24 14.82
CA PRO A 81 12.57 -0.69 15.78
C PRO A 81 13.03 -1.99 15.12
N SER A 82 13.46 -2.95 15.94
CA SER A 82 13.92 -4.23 15.44
C SER A 82 12.95 -5.34 15.83
N SER A 83 12.62 -5.41 17.12
CA SER A 83 11.69 -6.43 17.62
C SER A 83 10.62 -5.80 18.51
N GLY A 84 9.38 -5.83 18.05
CA GLY A 84 8.29 -5.27 18.82
C GLY A 84 7.33 -4.45 17.97
N GLY A 1 15.77 3.41 -14.61
CA GLY A 1 14.39 3.24 -14.06
C GLY A 1 13.33 3.60 -15.08
N SER A 2 12.08 3.29 -14.76
CA SER A 2 10.96 3.57 -15.65
C SER A 2 11.13 2.85 -16.98
N SER A 3 11.76 1.68 -16.94
CA SER A 3 11.99 0.89 -18.14
C SER A 3 11.11 -0.37 -18.14
N GLY A 4 10.95 -0.96 -16.96
CA GLY A 4 10.14 -2.16 -16.84
C GLY A 4 10.11 -2.71 -15.43
N SER A 5 9.74 -1.85 -14.48
CA SER A 5 9.68 -2.25 -13.08
C SER A 5 8.92 -1.21 -12.25
N SER A 6 8.83 -1.44 -10.95
CA SER A 6 8.14 -0.52 -10.05
C SER A 6 9.08 -0.01 -8.97
N GLY A 7 8.56 0.85 -8.10
CA GLY A 7 9.37 1.40 -7.03
C GLY A 7 9.19 0.66 -5.72
N LEU A 8 7.96 0.60 -5.24
CA LEU A 8 7.65 -0.08 -3.98
C LEU A 8 7.67 -1.61 -4.18
N ARG A 9 7.83 -2.34 -3.09
CA ARG A 9 7.86 -3.79 -3.15
C ARG A 9 7.06 -4.40 -2.00
N LEU A 10 6.65 -5.65 -2.16
CA LEU A 10 5.87 -6.34 -1.14
C LEU A 10 6.72 -6.59 0.11
N GLY A 11 6.39 -5.89 1.19
CA GLY A 11 7.12 -6.04 2.44
C GLY A 11 7.99 -4.84 2.75
N ASP A 12 7.49 -3.65 2.44
CA ASP A 12 8.22 -2.41 2.69
C ASP A 12 7.39 -1.44 3.51
N ARG A 13 8.05 -0.57 4.26
CA ARG A 13 7.37 0.41 5.10
C ARG A 13 7.11 1.69 4.31
N VAL A 14 5.83 2.04 4.18
CA VAL A 14 5.44 3.24 3.45
C VAL A 14 4.49 4.11 4.27
N LEU A 15 4.22 5.31 3.79
CA LEU A 15 3.32 6.24 4.49
C LEU A 15 2.01 6.38 3.74
N VAL A 16 0.90 6.37 4.47
CA VAL A 16 -0.42 6.51 3.88
C VAL A 16 -1.14 7.74 4.42
N GLY A 17 -1.28 8.74 3.55
CA GLY A 17 -1.94 9.97 3.96
C GLY A 17 -0.97 11.05 4.41
N GLY A 18 0.20 10.62 4.87
CA GLY A 18 1.20 11.57 5.33
C GLY A 18 1.47 11.46 6.81
N THR A 19 1.30 10.26 7.36
CA THR A 19 1.52 10.03 8.78
C THR A 19 1.31 8.55 9.13
N LYS A 20 0.19 8.00 8.67
CA LYS A 20 -0.14 6.60 8.94
C LYS A 20 0.88 5.67 8.29
N THR A 21 1.76 5.11 9.12
CA THR A 21 2.79 4.20 8.62
C THR A 21 2.25 2.78 8.49
N GLY A 22 2.53 2.15 7.36
CA GLY A 22 2.06 0.79 7.13
C GLY A 22 2.94 0.04 6.14
N VAL A 23 2.88 -1.29 6.21
CA VAL A 23 3.67 -2.13 5.32
C VAL A 23 2.91 -2.46 4.04
N VAL A 24 3.61 -2.44 2.92
CA VAL A 24 3.00 -2.73 1.63
C VAL A 24 2.59 -4.21 1.54
N ARG A 25 1.34 -4.45 1.18
CA ARG A 25 0.83 -5.81 1.06
C ARG A 25 0.55 -6.15 -0.41
N TYR A 26 0.18 -5.14 -1.19
CA TYR A 26 -0.11 -5.34 -2.60
C TYR A 26 0.56 -4.27 -3.45
N VAL A 27 1.13 -4.68 -4.58
CA VAL A 27 1.80 -3.76 -5.48
C VAL A 27 1.55 -4.11 -6.93
N GLY A 28 1.29 -3.10 -7.76
CA GLY A 28 1.02 -3.33 -9.17
C GLY A 28 -0.28 -2.71 -9.63
N GLU A 29 -0.98 -3.39 -10.52
CA GLU A 29 -2.25 -2.91 -11.04
C GLU A 29 -3.41 -3.45 -10.22
N THR A 30 -4.63 -3.12 -10.63
CA THR A 30 -5.83 -3.58 -9.94
C THR A 30 -6.88 -4.05 -10.94
N ASP A 31 -8.04 -4.47 -10.42
CA ASP A 31 -9.13 -4.94 -11.26
C ASP A 31 -10.35 -4.04 -11.12
N PHE A 32 -10.12 -2.77 -10.87
CA PHE A 32 -11.20 -1.80 -10.72
C PHE A 32 -10.81 -0.43 -11.25
N ALA A 33 -9.61 0.02 -10.87
CA ALA A 33 -9.11 1.31 -11.31
C ALA A 33 -7.88 1.15 -12.21
N LYS A 34 -7.66 2.13 -13.09
CA LYS A 34 -6.52 2.08 -14.00
C LYS A 34 -5.25 2.55 -13.29
N GLY A 35 -4.13 2.48 -14.01
CA GLY A 35 -2.87 2.89 -13.44
C GLY A 35 -2.26 1.83 -12.54
N GLU A 36 -1.77 2.26 -11.37
CA GLU A 36 -1.17 1.35 -10.41
C GLU A 36 -1.46 1.78 -8.99
N TRP A 37 -1.84 0.82 -8.14
CA TRP A 37 -2.15 1.12 -6.75
C TRP A 37 -1.33 0.23 -5.81
N CYS A 38 -1.19 0.66 -4.57
CA CYS A 38 -0.42 -0.09 -3.58
C CYS A 38 -1.21 -0.23 -2.28
N GLY A 39 -1.50 -1.47 -1.89
CA GLY A 39 -2.24 -1.71 -0.66
C GLY A 39 -1.34 -1.70 0.56
N VAL A 40 -1.54 -0.71 1.42
CA VAL A 40 -0.74 -0.60 2.65
C VAL A 40 -1.50 -1.17 3.84
N GLU A 41 -0.76 -1.77 4.77
CA GLU A 41 -1.35 -2.35 5.96
C GLU A 41 -0.99 -1.55 7.20
N LEU A 42 -1.99 -0.93 7.82
CA LEU A 42 -1.77 -0.12 9.02
C LEU A 42 -1.97 -0.95 10.28
N ASP A 43 -1.16 -0.68 11.30
CA ASP A 43 -1.25 -1.40 12.56
C ASP A 43 -2.52 -1.03 13.31
N GLU A 44 -2.89 0.25 13.27
CA GLU A 44 -4.07 0.73 13.94
C GLU A 44 -5.29 0.70 13.01
N PRO A 45 -6.49 0.51 13.57
CA PRO A 45 -7.73 0.46 12.77
C PRO A 45 -8.11 1.82 12.20
N LEU A 46 -7.34 2.27 11.21
CA LEU A 46 -7.59 3.56 10.58
C LEU A 46 -7.75 3.40 9.07
N GLY A 47 -8.25 2.25 8.64
CA GLY A 47 -8.45 2.00 7.23
C GLY A 47 -9.91 2.01 6.83
N LYS A 48 -10.16 1.76 5.55
CA LYS A 48 -11.53 1.74 5.03
C LYS A 48 -11.93 0.34 4.59
N ASN A 49 -10.98 -0.39 4.03
CA ASN A 49 -11.23 -1.75 3.57
C ASN A 49 -10.24 -2.74 4.18
N ASP A 50 -10.36 -4.00 3.81
CA ASP A 50 -9.47 -5.04 4.31
C ASP A 50 -8.75 -5.75 3.17
N GLY A 51 -8.41 -5.01 2.13
CA GLY A 51 -7.73 -5.59 0.99
C GLY A 51 -8.68 -6.33 0.07
N ALA A 52 -9.94 -5.90 0.04
CA ALA A 52 -10.94 -6.54 -0.80
C ALA A 52 -11.77 -5.49 -1.54
N VAL A 53 -11.56 -5.38 -2.84
CA VAL A 53 -12.29 -4.42 -3.66
C VAL A 53 -13.40 -5.11 -4.45
N ALA A 54 -14.64 -4.72 -4.17
CA ALA A 54 -15.80 -5.29 -4.86
C ALA A 54 -15.89 -6.80 -4.62
N GLY A 55 -15.40 -7.23 -3.46
CA GLY A 55 -15.44 -8.64 -3.13
C GLY A 55 -14.13 -9.35 -3.45
N THR A 56 -13.42 -8.84 -4.45
CA THR A 56 -12.15 -9.43 -4.86
C THR A 56 -11.05 -9.07 -3.87
N ARG A 57 -10.56 -10.09 -3.16
CA ARG A 57 -9.49 -9.89 -2.18
C ARG A 57 -8.16 -10.40 -2.71
N TYR A 58 -7.18 -9.51 -2.78
CA TYR A 58 -5.85 -9.86 -3.28
C TYR A 58 -4.97 -10.34 -2.14
N PHE A 59 -5.11 -9.73 -0.97
CA PHE A 59 -4.32 -10.09 0.19
C PHE A 59 -5.19 -10.12 1.44
N GLN A 60 -4.93 -11.11 2.31
CA GLN A 60 -5.69 -11.26 3.55
C GLN A 60 -5.21 -10.27 4.60
N CYS A 61 -6.10 -9.37 5.02
CA CYS A 61 -5.76 -8.37 6.02
C CYS A 61 -6.94 -8.13 6.97
N PRO A 62 -6.66 -7.81 8.25
CA PRO A 62 -7.71 -7.56 9.24
C PRO A 62 -8.68 -6.48 8.79
N PRO A 63 -9.79 -6.29 9.52
CA PRO A 63 -10.80 -5.29 9.19
C PRO A 63 -10.32 -3.86 9.44
N LYS A 64 -10.43 -3.01 8.43
CA LYS A 64 -10.00 -1.62 8.55
C LYS A 64 -8.50 -1.53 8.81
N PHE A 65 -7.75 -2.45 8.20
CA PHE A 65 -6.30 -2.47 8.36
C PHE A 65 -5.60 -2.16 7.05
N GLY A 66 -6.19 -2.60 5.94
CA GLY A 66 -5.60 -2.37 4.63
C GLY A 66 -6.28 -1.23 3.89
N LEU A 67 -5.48 -0.41 3.23
CA LEU A 67 -6.01 0.73 2.48
C LEU A 67 -5.36 0.81 1.10
N PHE A 68 -6.19 0.97 0.07
CA PHE A 68 -5.70 1.06 -1.30
C PHE A 68 -5.45 2.52 -1.68
N ALA A 69 -4.17 2.88 -1.85
CA ALA A 69 -3.80 4.24 -2.22
C ALA A 69 -2.88 4.24 -3.45
N PRO A 70 -3.02 5.26 -4.31
CA PRO A 70 -2.19 5.37 -5.52
C PRO A 70 -0.70 5.31 -5.21
N ILE A 71 0.07 4.73 -6.13
CA ILE A 71 1.51 4.61 -5.95
C ILE A 71 2.16 5.98 -5.77
N HIS A 72 1.78 6.93 -6.61
CA HIS A 72 2.33 8.28 -6.54
C HIS A 72 1.99 8.94 -5.20
N LYS A 73 0.92 8.46 -4.57
CA LYS A 73 0.50 9.00 -3.28
C LYS A 73 1.29 8.37 -2.14
N VAL A 74 1.80 7.16 -2.36
CA VAL A 74 2.58 6.45 -1.35
C VAL A 74 3.94 7.13 -1.13
N ILE A 75 4.32 7.27 0.13
CA ILE A 75 5.59 7.89 0.48
C ILE A 75 6.48 6.92 1.25
N ARG A 76 7.48 6.37 0.55
CA ARG A 76 8.40 5.42 1.16
C ARG A 76 9.14 6.07 2.33
N ILE A 77 9.55 5.24 3.29
CA ILE A 77 10.28 5.72 4.46
C ILE A 77 11.61 5.01 4.61
N GLY A 78 12.21 4.64 3.49
CA GLY A 78 13.49 3.95 3.52
C GLY A 78 14.61 4.78 2.93
N SER A 79 15.80 4.20 2.85
CA SER A 79 16.96 4.89 2.28
C SER A 79 17.50 4.15 1.07
N GLY A 80 17.59 2.82 1.17
CA GLY A 80 18.09 2.03 0.07
C GLY A 80 18.29 0.57 0.46
N PRO A 81 17.21 -0.13 0.86
CA PRO A 81 17.28 -1.54 1.24
C PRO A 81 17.55 -2.45 0.05
N SER A 82 18.82 -2.69 -0.24
CA SER A 82 19.21 -3.54 -1.35
C SER A 82 20.12 -4.67 -0.88
N SER A 83 21.11 -4.32 -0.07
CA SER A 83 22.05 -5.30 0.45
C SER A 83 21.43 -6.09 1.60
N GLY A 84 20.71 -5.38 2.48
CA GLY A 84 20.08 -6.04 3.60
C GLY A 84 20.02 -5.15 4.82
N GLY A 1 2.21 10.94 -18.68
CA GLY A 1 3.37 10.94 -17.73
C GLY A 1 3.19 11.92 -16.60
N SER A 2 3.99 11.76 -15.55
CA SER A 2 3.92 12.66 -14.40
C SER A 2 5.24 12.65 -13.63
N SER A 3 5.68 11.47 -13.20
CA SER A 3 6.92 11.33 -12.46
C SER A 3 8.02 10.73 -13.33
N GLY A 4 7.76 9.54 -13.87
CA GLY A 4 8.73 8.88 -14.71
C GLY A 4 9.55 7.85 -13.96
N SER A 5 9.75 8.09 -12.67
CA SER A 5 10.52 7.17 -11.83
C SER A 5 9.78 6.86 -10.54
N SER A 6 9.31 5.62 -10.42
CA SER A 6 8.59 5.19 -9.22
C SER A 6 8.56 3.67 -9.13
N GLY A 7 7.91 3.16 -8.09
CA GLY A 7 7.82 1.73 -7.90
C GLY A 7 8.13 1.31 -6.48
N LEU A 8 7.29 0.46 -5.90
CA LEU A 8 7.48 -0.02 -4.54
C LEU A 8 7.69 -1.53 -4.52
N ARG A 9 8.30 -2.02 -3.45
CA ARG A 9 8.55 -3.45 -3.30
C ARG A 9 7.57 -4.08 -2.31
N LEU A 10 7.61 -5.41 -2.23
CA LEU A 10 6.72 -6.14 -1.33
C LEU A 10 7.33 -6.26 0.06
N GLY A 11 6.53 -5.95 1.08
CA GLY A 11 7.01 -6.04 2.45
C GLY A 11 7.92 -4.88 2.82
N ASP A 12 7.39 -3.67 2.74
CA ASP A 12 8.17 -2.48 3.05
C ASP A 12 7.30 -1.44 3.78
N ARG A 13 7.81 -0.94 4.90
CA ARG A 13 7.09 0.05 5.69
C ARG A 13 6.98 1.37 4.93
N VAL A 14 5.76 1.71 4.51
CA VAL A 14 5.54 2.95 3.78
C VAL A 14 4.57 3.85 4.52
N LEU A 15 4.34 5.04 3.97
CA LEU A 15 3.43 6.01 4.59
C LEU A 15 2.21 6.24 3.71
N VAL A 16 1.05 6.37 4.34
CA VAL A 16 -0.20 6.59 3.61
C VAL A 16 -0.98 7.76 4.20
N GLY A 17 -1.13 8.82 3.42
CA GLY A 17 -1.86 9.99 3.88
C GLY A 17 -0.93 11.06 4.42
N GLY A 18 0.13 10.64 5.10
CA GLY A 18 1.07 11.58 5.65
C GLY A 18 1.55 11.19 7.04
N THR A 19 0.75 10.38 7.73
CA THR A 19 1.11 9.93 9.08
C THR A 19 0.88 8.43 9.24
N LYS A 20 -0.25 7.94 8.75
CA LYS A 20 -0.58 6.53 8.85
C LYS A 20 0.50 5.66 8.20
N THR A 21 1.26 4.96 9.03
CA THR A 21 2.33 4.10 8.55
C THR A 21 1.82 2.69 8.28
N GLY A 22 2.15 2.14 7.13
CA GLY A 22 1.72 0.80 6.78
C GLY A 22 2.67 0.11 5.82
N VAL A 23 2.65 -1.23 5.83
CA VAL A 23 3.51 -2.00 4.96
C VAL A 23 2.82 -2.30 3.63
N VAL A 24 3.62 -2.39 2.56
CA VAL A 24 3.09 -2.67 1.23
C VAL A 24 2.64 -4.12 1.12
N ARG A 25 1.33 -4.32 0.92
CA ARG A 25 0.77 -5.66 0.79
C ARG A 25 0.58 -6.03 -0.67
N TYR A 26 0.29 -5.03 -1.49
CA TYR A 26 0.08 -5.26 -2.92
C TYR A 26 0.74 -4.14 -3.74
N VAL A 27 1.16 -4.50 -4.95
CA VAL A 27 1.81 -3.53 -5.84
C VAL A 27 1.55 -3.87 -7.30
N GLY A 28 0.70 -3.07 -7.95
CA GLY A 28 0.39 -3.30 -9.34
C GLY A 28 -0.94 -2.68 -9.75
N GLU A 29 -1.44 -3.06 -10.92
CA GLU A 29 -2.70 -2.53 -11.42
C GLU A 29 -3.84 -2.87 -10.47
N THR A 30 -5.06 -2.48 -10.86
CA THR A 30 -6.23 -2.75 -10.04
C THR A 30 -7.39 -3.27 -10.89
N ASP A 31 -8.48 -3.63 -10.24
CA ASP A 31 -9.66 -4.14 -10.94
C ASP A 31 -10.88 -3.28 -10.66
N PHE A 32 -10.65 -1.98 -10.45
CA PHE A 32 -11.73 -1.05 -10.17
C PHE A 32 -11.38 0.35 -10.68
N ALA A 33 -10.18 0.80 -10.36
CA ALA A 33 -9.73 2.12 -10.79
C ALA A 33 -9.31 2.12 -12.25
N LYS A 34 -8.69 3.21 -12.69
CA LYS A 34 -8.25 3.34 -14.07
C LYS A 34 -6.73 3.55 -14.14
N GLY A 35 -6.03 3.22 -13.07
CA GLY A 35 -4.60 3.39 -13.03
C GLY A 35 -3.92 2.40 -12.11
N GLU A 36 -2.66 2.67 -11.77
CA GLU A 36 -1.90 1.80 -10.89
C GLU A 36 -2.06 2.21 -9.44
N TRP A 37 -2.22 1.23 -8.55
CA TRP A 37 -2.39 1.50 -7.13
C TRP A 37 -1.49 0.59 -6.30
N CYS A 38 -1.51 0.79 -4.99
CA CYS A 38 -0.70 -0.02 -4.08
C CYS A 38 -1.40 -0.20 -2.74
N GLY A 39 -1.45 -1.45 -2.27
CA GLY A 39 -2.10 -1.73 -1.00
C GLY A 39 -1.17 -1.52 0.18
N VAL A 40 -1.70 -0.88 1.23
CA VAL A 40 -0.91 -0.62 2.43
C VAL A 40 -1.68 -0.99 3.69
N GLU A 41 -1.04 -1.76 4.56
CA GLU A 41 -1.68 -2.19 5.80
C GLU A 41 -1.18 -1.35 6.98
N LEU A 42 -2.09 -0.59 7.58
CA LEU A 42 -1.75 0.26 8.72
C LEU A 42 -1.91 -0.51 10.03
N ASP A 43 -0.97 -0.30 10.94
CA ASP A 43 -1.00 -0.97 12.24
C ASP A 43 -2.26 -0.57 13.03
N GLU A 44 -2.66 0.69 12.89
CA GLU A 44 -3.83 1.19 13.60
C GLU A 44 -5.09 0.98 12.76
N PRO A 45 -6.24 0.74 13.42
CA PRO A 45 -7.52 0.51 12.73
C PRO A 45 -8.08 1.80 12.12
N LEU A 46 -7.33 2.37 11.18
CA LEU A 46 -7.76 3.60 10.52
C LEU A 46 -8.16 3.34 9.07
N GLY A 47 -7.76 2.19 8.53
CA GLY A 47 -8.09 1.85 7.16
C GLY A 47 -9.59 1.86 6.90
N LYS A 48 -9.97 1.57 5.66
CA LYS A 48 -11.37 1.55 5.28
C LYS A 48 -11.83 0.12 4.97
N ASN A 49 -10.95 -0.66 4.38
CA ASN A 49 -11.26 -2.03 4.02
C ASN A 49 -10.19 -2.99 4.52
N ASP A 50 -10.34 -4.27 4.20
CA ASP A 50 -9.37 -5.28 4.62
C ASP A 50 -8.58 -5.80 3.42
N GLY A 51 -8.10 -4.87 2.60
CA GLY A 51 -7.32 -5.25 1.43
C GLY A 51 -8.16 -5.98 0.40
N ALA A 52 -9.46 -5.71 0.38
CA ALA A 52 -10.36 -6.34 -0.57
C ALA A 52 -11.27 -5.32 -1.24
N VAL A 53 -11.15 -5.20 -2.55
CA VAL A 53 -11.97 -4.26 -3.32
C VAL A 53 -12.86 -4.99 -4.32
N ALA A 54 -14.11 -4.55 -4.41
CA ALA A 54 -15.07 -5.15 -5.33
C ALA A 54 -15.28 -6.63 -5.00
N GLY A 55 -15.31 -6.95 -3.71
CA GLY A 55 -15.51 -8.33 -3.29
C GLY A 55 -14.36 -9.22 -3.68
N THR A 56 -13.17 -8.64 -3.78
CA THR A 56 -11.97 -9.40 -4.15
C THR A 56 -10.81 -9.06 -3.22
N ARG A 57 -10.39 -10.06 -2.43
CA ARG A 57 -9.28 -9.88 -1.50
C ARG A 57 -8.02 -10.53 -2.02
N TYR A 58 -7.03 -9.72 -2.39
CA TYR A 58 -5.77 -10.23 -2.91
C TYR A 58 -4.86 -10.70 -1.76
N PHE A 59 -4.79 -9.90 -0.71
CA PHE A 59 -3.97 -10.24 0.44
C PHE A 59 -4.81 -10.29 1.72
N GLN A 60 -4.73 -11.42 2.41
CA GLN A 60 -5.48 -11.60 3.65
C GLN A 60 -5.09 -10.55 4.69
N CYS A 61 -6.10 -9.94 5.31
CA CYS A 61 -5.86 -8.92 6.32
C CYS A 61 -7.14 -8.61 7.10
N PRO A 62 -7.01 -8.13 8.35
CA PRO A 62 -8.16 -7.80 9.19
C PRO A 62 -8.90 -6.55 8.72
N PRO A 63 -10.08 -6.27 9.29
CA PRO A 63 -10.88 -5.09 8.92
C PRO A 63 -10.25 -3.79 9.40
N LYS A 64 -10.43 -2.73 8.61
CA LYS A 64 -9.89 -1.42 8.96
C LYS A 64 -8.36 -1.46 9.02
N PHE A 65 -7.76 -2.32 8.20
CA PHE A 65 -6.32 -2.45 8.17
C PHE A 65 -5.79 -2.35 6.74
N GLY A 66 -6.45 -3.06 5.83
CA GLY A 66 -6.04 -3.05 4.43
C GLY A 66 -6.57 -1.85 3.69
N LEU A 67 -5.72 -0.85 3.46
CA LEU A 67 -6.12 0.35 2.76
C LEU A 67 -5.38 0.47 1.42
N PHE A 68 -6.12 0.81 0.37
CA PHE A 68 -5.53 0.95 -0.95
C PHE A 68 -5.32 2.43 -1.29
N ALA A 69 -4.10 2.79 -1.66
CA ALA A 69 -3.77 4.16 -2.01
C ALA A 69 -2.89 4.21 -3.26
N PRO A 70 -3.04 5.27 -4.08
CA PRO A 70 -2.26 5.44 -5.31
C PRO A 70 -0.76 5.35 -5.05
N ILE A 71 -0.01 4.92 -6.07
CA ILE A 71 1.44 4.80 -5.95
C ILE A 71 2.08 6.14 -5.60
N HIS A 72 1.65 7.18 -6.30
CA HIS A 72 2.19 8.53 -6.07
C HIS A 72 1.87 9.01 -4.67
N LYS A 73 0.85 8.40 -4.05
CA LYS A 73 0.44 8.77 -2.70
C LYS A 73 1.07 7.86 -1.66
N VAL A 74 2.20 7.26 -2.01
CA VAL A 74 2.90 6.36 -1.10
C VAL A 74 4.35 6.82 -0.88
N ILE A 75 4.68 7.13 0.37
CA ILE A 75 6.02 7.58 0.71
C ILE A 75 6.76 6.54 1.55
N ARG A 76 7.93 6.15 1.07
CA ARG A 76 8.73 5.15 1.78
C ARG A 76 9.27 5.71 3.09
N ILE A 77 9.29 4.87 4.12
CA ILE A 77 9.79 5.28 5.43
C ILE A 77 11.23 4.84 5.63
N GLY A 78 11.48 3.55 5.48
CA GLY A 78 12.81 3.01 5.65
C GLY A 78 13.43 2.55 4.35
N SER A 79 13.74 1.26 4.27
CA SER A 79 14.34 0.69 3.06
C SER A 79 15.65 1.40 2.73
N GLY A 80 16.38 0.86 1.75
CA GLY A 80 17.64 1.45 1.35
C GLY A 80 17.82 1.48 -0.16
N PRO A 81 18.67 0.60 -0.72
CA PRO A 81 18.91 0.55 -2.16
C PRO A 81 17.74 -0.06 -2.92
N SER A 82 17.32 0.62 -3.98
CA SER A 82 16.20 0.15 -4.80
C SER A 82 16.18 0.86 -6.15
N SER A 83 15.71 0.15 -7.17
CA SER A 83 15.63 0.70 -8.52
C SER A 83 17.02 1.09 -9.03
N GLY A 84 17.07 1.59 -10.26
CA GLY A 84 18.33 1.99 -10.84
C GLY A 84 18.21 3.21 -11.72
N GLY A 1 5.64 7.81 -25.61
CA GLY A 1 6.46 7.04 -24.62
C GLY A 1 5.78 6.96 -23.26
N SER A 2 6.43 6.29 -22.33
CA SER A 2 5.88 6.13 -20.98
C SER A 2 6.90 5.50 -20.04
N SER A 3 7.75 6.32 -19.44
CA SER A 3 8.77 5.84 -18.52
C SER A 3 8.74 6.62 -17.21
N GLY A 4 7.55 7.07 -16.82
CA GLY A 4 7.41 7.83 -15.59
C GLY A 4 6.63 7.06 -14.53
N SER A 5 6.99 5.80 -14.35
CA SER A 5 6.32 4.96 -13.36
C SER A 5 7.26 4.62 -12.20
N SER A 6 6.72 4.62 -10.98
CA SER A 6 7.50 4.31 -9.80
C SER A 6 6.90 3.14 -9.03
N GLY A 7 7.32 1.93 -9.40
CA GLY A 7 6.82 0.74 -8.73
C GLY A 7 7.55 0.44 -7.44
N LEU A 8 6.78 0.19 -6.38
CA LEU A 8 7.37 -0.12 -5.07
C LEU A 8 7.58 -1.62 -4.90
N ARG A 9 8.24 -2.00 -3.83
CA ARG A 9 8.51 -3.41 -3.55
C ARG A 9 7.55 -3.95 -2.49
N LEU A 10 7.61 -5.25 -2.25
CA LEU A 10 6.75 -5.89 -1.26
C LEU A 10 7.43 -5.93 0.10
N GLY A 11 6.62 -5.93 1.16
CA GLY A 11 7.16 -5.97 2.51
C GLY A 11 8.00 -4.75 2.83
N ASP A 12 7.49 -3.57 2.47
CA ASP A 12 8.19 -2.32 2.73
C ASP A 12 7.33 -1.38 3.55
N ARG A 13 7.97 -0.62 4.45
CA ARG A 13 7.26 0.34 5.29
C ARG A 13 7.02 1.65 4.55
N VAL A 14 5.76 1.97 4.32
CA VAL A 14 5.39 3.20 3.61
C VAL A 14 4.47 4.05 4.46
N LEU A 15 4.44 5.35 4.17
CA LEU A 15 3.59 6.29 4.90
C LEU A 15 2.37 6.69 4.06
N VAL A 16 1.19 6.35 4.56
CA VAL A 16 -0.05 6.68 3.86
C VAL A 16 -0.74 7.89 4.49
N GLY A 17 -0.80 8.99 3.74
CA GLY A 17 -1.44 10.19 4.25
C GLY A 17 -0.44 11.16 4.83
N GLY A 18 0.67 10.64 5.35
CA GLY A 18 1.69 11.49 5.93
C GLY A 18 1.71 11.42 7.45
N THR A 19 1.36 10.25 7.99
CA THR A 19 1.34 10.06 9.43
C THR A 19 1.10 8.59 9.78
N LYS A 20 0.17 7.96 9.06
CA LYS A 20 -0.15 6.57 9.29
C LYS A 20 0.88 5.65 8.64
N THR A 21 1.69 5.00 9.47
CA THR A 21 2.73 4.10 8.98
C THR A 21 2.15 2.71 8.69
N GLY A 22 2.35 2.22 7.48
CA GLY A 22 1.84 0.92 7.10
C GLY A 22 2.77 0.18 6.17
N VAL A 23 2.78 -1.15 6.27
CA VAL A 23 3.63 -1.98 5.42
C VAL A 23 2.93 -2.34 4.12
N VAL A 24 3.68 -2.35 3.02
CA VAL A 24 3.13 -2.69 1.72
C VAL A 24 2.83 -4.18 1.62
N ARG A 25 1.55 -4.51 1.42
CA ARG A 25 1.13 -5.90 1.31
C ARG A 25 0.82 -6.26 -0.14
N TYR A 26 0.35 -5.28 -0.90
CA TYR A 26 0.02 -5.49 -2.31
C TYR A 26 0.69 -4.44 -3.19
N VAL A 27 1.17 -4.88 -4.36
CA VAL A 27 1.84 -3.98 -5.29
C VAL A 27 1.62 -4.43 -6.73
N GLY A 28 0.74 -3.74 -7.44
CA GLY A 28 0.45 -4.08 -8.82
C GLY A 28 -0.63 -3.21 -9.43
N GLU A 29 -1.47 -3.80 -10.26
CA GLU A 29 -2.54 -3.07 -10.92
C GLU A 29 -3.89 -3.41 -10.29
N THR A 30 -4.89 -2.57 -10.55
CA THR A 30 -6.23 -2.78 -10.01
C THR A 30 -7.23 -3.07 -11.12
N ASP A 31 -8.45 -3.40 -10.74
CA ASP A 31 -9.50 -3.70 -11.71
C ASP A 31 -10.61 -2.66 -11.66
N PHE A 32 -10.85 -2.12 -10.47
CA PHE A 32 -11.89 -1.10 -10.29
C PHE A 32 -11.44 0.24 -10.85
N ALA A 33 -10.21 0.64 -10.53
CA ALA A 33 -9.66 1.90 -11.00
C ALA A 33 -8.63 1.69 -12.11
N LYS A 34 -8.11 0.47 -12.20
CA LYS A 34 -7.12 0.14 -13.22
C LYS A 34 -5.87 1.00 -13.06
N GLY A 35 -4.89 0.78 -13.93
CA GLY A 35 -3.66 1.54 -13.87
C GLY A 35 -2.60 0.88 -13.00
N GLU A 36 -2.38 1.44 -11.82
CA GLU A 36 -1.39 0.90 -10.90
C GLU A 36 -1.57 1.48 -9.50
N TRP A 37 -1.96 0.64 -8.55
CA TRP A 37 -2.17 1.08 -7.17
C TRP A 37 -1.35 0.24 -6.21
N CYS A 38 -1.38 0.62 -4.93
CA CYS A 38 -0.63 -0.10 -3.91
C CYS A 38 -1.45 -0.24 -2.63
N GLY A 39 -1.48 -1.44 -2.08
CA GLY A 39 -2.24 -1.68 -0.86
C GLY A 39 -1.35 -1.67 0.37
N VAL A 40 -1.56 -0.68 1.24
CA VAL A 40 -0.77 -0.57 2.46
C VAL A 40 -1.58 -1.03 3.68
N GLU A 41 -0.99 -1.95 4.45
CA GLU A 41 -1.65 -2.48 5.64
C GLU A 41 -1.19 -1.73 6.89
N LEU A 42 -2.07 -0.88 7.42
CA LEU A 42 -1.75 -0.10 8.61
C LEU A 42 -1.66 -1.01 9.84
N ASP A 43 -1.12 -0.47 10.93
CA ASP A 43 -0.97 -1.23 12.17
C ASP A 43 -2.16 -1.00 13.08
N GLU A 44 -2.76 0.18 13.00
CA GLU A 44 -3.91 0.53 13.83
C GLU A 44 -5.19 0.54 13.00
N PRO A 45 -6.33 0.18 13.61
CA PRO A 45 -7.62 0.17 12.92
C PRO A 45 -7.97 1.51 12.28
N LEU A 46 -7.48 1.72 11.06
CA LEU A 46 -7.73 2.95 10.34
C LEU A 46 -7.87 2.70 8.84
N GLY A 47 -8.35 1.51 8.49
CA GLY A 47 -8.51 1.16 7.10
C GLY A 47 -9.97 1.04 6.70
N LYS A 48 -10.27 1.40 5.45
CA LYS A 48 -11.63 1.33 4.95
C LYS A 48 -12.02 -0.11 4.62
N ASN A 49 -11.03 -0.91 4.22
CA ASN A 49 -11.26 -2.30 3.87
C ASN A 49 -10.13 -3.19 4.40
N ASP A 50 -10.22 -4.48 4.11
CA ASP A 50 -9.20 -5.43 4.54
C ASP A 50 -8.40 -5.96 3.35
N GLY A 51 -8.09 -5.07 2.42
CA GLY A 51 -7.33 -5.47 1.24
C GLY A 51 -8.20 -6.11 0.18
N ALA A 52 -9.47 -5.72 0.15
CA ALA A 52 -10.41 -6.26 -0.82
C ALA A 52 -11.31 -5.16 -1.38
N VAL A 53 -11.58 -5.24 -2.69
CA VAL A 53 -12.42 -4.25 -3.34
C VAL A 53 -13.57 -4.92 -4.08
N ALA A 54 -14.80 -4.64 -3.63
CA ALA A 54 -15.99 -5.21 -4.25
C ALA A 54 -15.95 -6.74 -4.19
N GLY A 55 -15.34 -7.27 -3.13
CA GLY A 55 -15.25 -8.70 -2.97
C GLY A 55 -13.91 -9.26 -3.41
N THR A 56 -13.28 -8.58 -4.35
CA THR A 56 -11.98 -9.01 -4.87
C THR A 56 -10.88 -8.77 -3.83
N ARG A 57 -10.44 -9.85 -3.19
CA ARG A 57 -9.39 -9.75 -2.18
C ARG A 57 -8.07 -10.32 -2.71
N TYR A 58 -7.15 -9.41 -3.05
CA TYR A 58 -5.85 -9.82 -3.56
C TYR A 58 -4.95 -10.36 -2.45
N PHE A 59 -4.94 -9.67 -1.31
CA PHE A 59 -4.14 -10.10 -0.18
C PHE A 59 -4.99 -10.22 1.08
N GLN A 60 -4.82 -11.33 1.79
CA GLN A 60 -5.57 -11.58 3.01
C GLN A 60 -5.16 -10.61 4.11
N CYS A 61 -6.16 -10.00 4.76
CA CYS A 61 -5.90 -9.04 5.83
C CYS A 61 -7.10 -8.94 6.76
N PRO A 62 -6.88 -8.53 8.03
CA PRO A 62 -7.95 -8.38 9.01
C PRO A 62 -8.89 -7.23 8.68
N PRO A 63 -10.16 -7.33 9.13
CA PRO A 63 -11.17 -6.29 8.87
C PRO A 63 -10.69 -4.91 9.30
N LYS A 64 -10.85 -3.93 8.41
CA LYS A 64 -10.43 -2.56 8.70
C LYS A 64 -8.94 -2.49 8.99
N PHE A 65 -8.13 -2.64 7.96
CA PHE A 65 -6.68 -2.59 8.09
C PHE A 65 -6.00 -2.27 6.77
N GLY A 66 -6.40 -2.97 5.71
CA GLY A 66 -5.83 -2.75 4.41
C GLY A 66 -6.42 -1.53 3.72
N LEU A 67 -5.54 -0.65 3.23
CA LEU A 67 -5.98 0.56 2.56
C LEU A 67 -5.44 0.62 1.13
N PHE A 68 -6.30 0.96 0.18
CA PHE A 68 -5.90 1.04 -1.21
C PHE A 68 -5.68 2.49 -1.63
N ALA A 69 -4.42 2.86 -1.82
CA ALA A 69 -4.07 4.22 -2.23
C ALA A 69 -3.23 4.22 -3.49
N PRO A 70 -3.40 5.24 -4.37
CA PRO A 70 -2.65 5.35 -5.61
C PRO A 70 -1.14 5.26 -5.39
N ILE A 71 -0.43 4.71 -6.36
CA ILE A 71 1.01 4.57 -6.27
C ILE A 71 1.69 5.93 -6.09
N HIS A 72 1.27 6.90 -6.90
CA HIS A 72 1.83 8.25 -6.83
C HIS A 72 1.51 8.91 -5.50
N LYS A 73 0.52 8.37 -4.79
CA LYS A 73 0.12 8.92 -3.49
C LYS A 73 0.74 8.12 -2.34
N VAL A 74 1.83 7.43 -2.62
CA VAL A 74 2.52 6.63 -1.61
C VAL A 74 3.91 7.18 -1.33
N ILE A 75 4.34 7.09 -0.07
CA ILE A 75 5.64 7.58 0.33
C ILE A 75 6.43 6.49 1.07
N ARG A 76 7.56 6.09 0.50
CA ARG A 76 8.40 5.06 1.09
C ARG A 76 9.24 5.65 2.23
N ILE A 77 9.70 4.77 3.12
CA ILE A 77 10.51 5.18 4.25
C ILE A 77 11.91 4.61 4.17
N GLY A 78 12.01 3.29 4.06
CA GLY A 78 13.30 2.63 3.97
C GLY A 78 14.08 2.73 5.26
N SER A 79 14.57 3.92 5.58
CA SER A 79 15.34 4.13 6.80
C SER A 79 14.70 5.22 7.66
N GLY A 80 14.32 6.32 7.03
CA GLY A 80 13.68 7.41 7.75
C GLY A 80 13.17 8.50 6.83
N PRO A 81 12.06 9.16 7.20
CA PRO A 81 11.46 10.22 6.39
C PRO A 81 12.47 11.31 6.03
N SER A 82 11.98 12.38 5.43
CA SER A 82 12.84 13.49 5.03
C SER A 82 13.10 14.42 6.22
N SER A 83 14.23 15.12 6.18
CA SER A 83 14.59 16.04 7.25
C SER A 83 13.64 17.22 7.30
N GLY A 84 13.21 17.58 8.50
CA GLY A 84 12.29 18.69 8.67
C GLY A 84 12.09 19.07 10.13
N GLY A 1 14.90 -1.83 -18.52
CA GLY A 1 13.45 -2.03 -18.22
C GLY A 1 12.62 -0.79 -18.47
N SER A 2 12.35 -0.51 -19.73
CA SER A 2 11.56 0.66 -20.10
C SER A 2 10.10 0.48 -19.68
N SER A 3 9.50 -0.61 -20.13
CA SER A 3 8.11 -0.90 -19.80
C SER A 3 8.01 -1.86 -18.62
N GLY A 4 8.89 -1.66 -17.63
CA GLY A 4 8.88 -2.51 -16.45
C GLY A 4 9.38 -1.79 -15.21
N SER A 5 8.82 -0.62 -14.95
CA SER A 5 9.21 0.17 -13.78
C SER A 5 8.12 0.16 -12.73
N SER A 6 8.47 0.56 -11.51
CA SER A 6 7.52 0.60 -10.41
C SER A 6 8.02 1.50 -9.29
N GLY A 7 9.14 1.11 -8.68
CA GLY A 7 9.70 1.89 -7.59
C GLY A 7 9.61 1.18 -6.25
N LEU A 8 8.38 0.95 -5.80
CA LEU A 8 8.16 0.27 -4.52
C LEU A 8 8.02 -1.24 -4.72
N ARG A 9 8.46 -2.00 -3.72
CA ARG A 9 8.38 -3.46 -3.78
C ARG A 9 7.47 -4.00 -2.69
N LEU A 10 7.34 -5.33 -2.63
CA LEU A 10 6.50 -5.98 -1.64
C LEU A 10 7.14 -5.90 -0.25
N GLY A 11 6.31 -5.77 0.77
CA GLY A 11 6.81 -5.69 2.13
C GLY A 11 7.69 -4.48 2.35
N ASP A 12 7.09 -3.30 2.32
CA ASP A 12 7.83 -2.05 2.52
C ASP A 12 7.04 -1.08 3.39
N ARG A 13 7.68 -0.57 4.44
CA ARG A 13 7.03 0.36 5.34
C ARG A 13 6.90 1.74 4.70
N VAL A 14 5.67 2.10 4.33
CA VAL A 14 5.42 3.40 3.69
C VAL A 14 4.54 4.27 4.58
N LEU A 15 4.24 5.48 4.10
CA LEU A 15 3.41 6.41 4.85
C LEU A 15 2.17 6.79 4.04
N VAL A 16 1.00 6.53 4.61
CA VAL A 16 -0.26 6.85 3.95
C VAL A 16 -0.88 8.13 4.51
N GLY A 17 -0.78 9.20 3.74
CA GLY A 17 -1.33 10.48 4.18
C GLY A 17 -0.29 11.37 4.82
N GLY A 18 0.71 10.75 5.43
CA GLY A 18 1.76 11.52 6.09
C GLY A 18 1.75 11.34 7.60
N THR A 19 1.29 10.18 8.05
CA THR A 19 1.22 9.89 9.48
C THR A 19 0.98 8.41 9.72
N LYS A 20 0.02 7.85 8.99
CA LYS A 20 -0.32 6.44 9.13
C LYS A 20 0.72 5.56 8.46
N THR A 21 1.49 4.84 9.27
CA THR A 21 2.53 3.95 8.75
C THR A 21 1.98 2.56 8.50
N GLY A 22 2.24 2.04 7.30
CA GLY A 22 1.76 0.71 6.96
C GLY A 22 2.68 0.01 5.98
N VAL A 23 2.67 -1.32 6.02
CA VAL A 23 3.50 -2.12 5.13
C VAL A 23 2.77 -2.44 3.84
N VAL A 24 3.50 -2.41 2.72
CA VAL A 24 2.91 -2.71 1.42
C VAL A 24 2.68 -4.21 1.25
N ARG A 25 1.43 -4.59 1.02
CA ARG A 25 1.08 -6.00 0.84
C ARG A 25 0.70 -6.28 -0.61
N TYR A 26 0.17 -5.26 -1.28
CA TYR A 26 -0.23 -5.40 -2.69
C TYR A 26 0.43 -4.35 -3.55
N VAL A 27 1.00 -4.78 -4.67
CA VAL A 27 1.67 -3.86 -5.59
C VAL A 27 1.38 -4.22 -7.04
N GLY A 28 0.83 -3.27 -7.78
CA GLY A 28 0.51 -3.51 -9.17
C GLY A 28 -0.81 -2.88 -9.59
N GLU A 29 -1.19 -3.08 -10.85
CA GLU A 29 -2.44 -2.53 -11.35
C GLU A 29 -3.64 -3.09 -10.60
N THR A 30 -4.81 -2.49 -10.81
CA THR A 30 -6.03 -2.94 -10.16
C THR A 30 -7.12 -3.25 -11.17
N ASP A 31 -8.30 -3.59 -10.68
CA ASP A 31 -9.43 -3.92 -11.55
C ASP A 31 -10.50 -2.84 -11.48
N PHE A 32 -10.69 -2.27 -10.28
CA PHE A 32 -11.69 -1.23 -10.08
C PHE A 32 -11.19 0.10 -10.65
N ALA A 33 -9.93 0.43 -10.38
CA ALA A 33 -9.34 1.67 -10.87
C ALA A 33 -8.32 1.40 -11.96
N LYS A 34 -7.61 2.46 -12.37
CA LYS A 34 -6.59 2.33 -13.41
C LYS A 34 -5.28 2.97 -12.96
N GLY A 35 -4.22 2.72 -13.72
CA GLY A 35 -2.92 3.29 -13.39
C GLY A 35 -2.08 2.35 -12.56
N GLU A 36 -1.94 2.67 -11.27
CA GLU A 36 -1.15 1.85 -10.36
C GLU A 36 -1.55 2.13 -8.91
N TRP A 37 -1.73 1.06 -8.13
CA TRP A 37 -2.11 1.19 -6.74
C TRP A 37 -1.23 0.32 -5.85
N CYS A 38 -1.08 0.71 -4.59
CA CYS A 38 -0.26 -0.04 -3.64
C CYS A 38 -1.01 -0.26 -2.34
N GLY A 39 -1.31 -1.52 -2.04
CA GLY A 39 -2.01 -1.84 -0.81
C GLY A 39 -1.14 -1.71 0.42
N VAL A 40 -1.50 -0.77 1.30
CA VAL A 40 -0.73 -0.55 2.52
C VAL A 40 -1.50 -1.03 3.74
N GLU A 41 -0.86 -1.89 4.53
CA GLU A 41 -1.48 -2.42 5.74
C GLU A 41 -1.11 -1.60 6.96
N LEU A 42 -2.03 -0.76 7.42
CA LEU A 42 -1.80 0.09 8.58
C LEU A 42 -1.91 -0.73 9.87
N ASP A 43 -1.25 -0.25 10.92
CA ASP A 43 -1.28 -0.93 12.21
C ASP A 43 -2.57 -0.62 12.97
N GLU A 44 -2.98 0.65 12.94
CA GLU A 44 -4.20 1.07 13.61
C GLU A 44 -5.42 0.81 12.74
N PRO A 45 -6.58 0.57 13.36
CA PRO A 45 -7.83 0.31 12.63
C PRO A 45 -8.38 1.57 11.96
N LEU A 46 -7.60 2.12 11.03
CA LEU A 46 -8.02 3.33 10.31
C LEU A 46 -8.05 3.07 8.81
N GLY A 47 -8.30 1.83 8.42
CA GLY A 47 -8.35 1.48 7.01
C GLY A 47 -9.76 1.51 6.46
N LYS A 48 -9.93 0.98 5.25
CA LYS A 48 -11.24 0.93 4.61
C LYS A 48 -11.76 -0.49 4.52
N ASN A 49 -10.84 -1.45 4.40
CA ASN A 49 -11.21 -2.85 4.30
C ASN A 49 -9.99 -3.74 4.46
N ASP A 50 -10.20 -5.05 4.44
CA ASP A 50 -9.12 -6.02 4.60
C ASP A 50 -8.50 -6.36 3.24
N GLY A 51 -8.01 -5.34 2.54
CA GLY A 51 -7.40 -5.56 1.24
C GLY A 51 -8.34 -6.20 0.26
N ALA A 52 -9.64 -5.98 0.45
CA ALA A 52 -10.65 -6.54 -0.44
C ALA A 52 -11.59 -5.46 -0.97
N VAL A 53 -11.63 -5.30 -2.29
CA VAL A 53 -12.48 -4.30 -2.91
C VAL A 53 -13.65 -4.96 -3.64
N ALA A 54 -14.87 -4.67 -3.17
CA ALA A 54 -16.07 -5.23 -3.79
C ALA A 54 -16.07 -6.75 -3.69
N GLY A 55 -15.45 -7.28 -2.65
CA GLY A 55 -15.39 -8.72 -2.47
C GLY A 55 -14.09 -9.31 -2.99
N THR A 56 -13.49 -8.66 -3.98
CA THR A 56 -12.24 -9.12 -4.56
C THR A 56 -11.06 -8.84 -3.63
N ARG A 57 -10.49 -9.90 -3.06
CA ARG A 57 -9.36 -9.76 -2.15
C ARG A 57 -8.07 -10.21 -2.82
N TYR A 58 -7.05 -9.35 -2.77
CA TYR A 58 -5.76 -9.66 -3.37
C TYR A 58 -4.83 -10.30 -2.35
N PHE A 59 -4.76 -9.72 -1.15
CA PHE A 59 -3.91 -10.23 -0.08
C PHE A 59 -4.69 -10.40 1.21
N GLN A 60 -4.42 -11.48 1.93
CA GLN A 60 -5.09 -11.76 3.19
C GLN A 60 -4.64 -10.80 4.27
N CYS A 61 -5.60 -10.27 5.02
CA CYS A 61 -5.30 -9.32 6.10
C CYS A 61 -6.54 -9.03 6.93
N PRO A 62 -6.36 -8.39 8.10
CA PRO A 62 -7.48 -8.06 8.99
C PRO A 62 -8.32 -6.90 8.46
N PRO A 63 -9.55 -6.74 8.97
CA PRO A 63 -10.46 -5.67 8.55
C PRO A 63 -10.01 -4.30 9.06
N LYS A 64 -10.26 -3.27 8.26
CA LYS A 64 -9.88 -1.91 8.63
C LYS A 64 -8.37 -1.79 8.82
N PHE A 65 -7.62 -2.48 7.98
CA PHE A 65 -6.16 -2.45 8.05
C PHE A 65 -5.56 -2.24 6.67
N GLY A 66 -6.05 -2.98 5.69
CA GLY A 66 -5.54 -2.85 4.33
C GLY A 66 -6.12 -1.65 3.61
N LEU A 67 -5.24 -0.79 3.09
CA LEU A 67 -5.67 0.41 2.38
C LEU A 67 -5.07 0.44 0.98
N PHE A 68 -5.90 0.80 0.00
CA PHE A 68 -5.46 0.88 -1.39
C PHE A 68 -5.25 2.33 -1.82
N ALA A 69 -3.99 2.75 -1.89
CA ALA A 69 -3.66 4.11 -2.29
C ALA A 69 -2.73 4.12 -3.49
N PRO A 70 -2.85 5.13 -4.36
CA PRO A 70 -2.01 5.26 -5.56
C PRO A 70 -0.52 5.23 -5.23
N ILE A 71 0.28 4.69 -6.15
CA ILE A 71 1.72 4.60 -5.94
C ILE A 71 2.32 5.99 -5.68
N HIS A 72 1.92 6.96 -6.50
CA HIS A 72 2.42 8.33 -6.35
C HIS A 72 2.03 8.90 -5.00
N LYS A 73 0.94 8.40 -4.43
CA LYS A 73 0.46 8.86 -3.14
C LYS A 73 1.26 8.24 -2.00
N VAL A 74 1.82 7.06 -2.26
CA VAL A 74 2.62 6.37 -1.24
C VAL A 74 3.94 7.08 -1.00
N ILE A 75 4.39 7.07 0.24
CA ILE A 75 5.65 7.71 0.62
C ILE A 75 6.52 6.77 1.45
N ARG A 76 7.70 6.46 0.94
CA ARG A 76 8.63 5.57 1.64
C ARG A 76 9.37 6.33 2.74
N ILE A 77 9.22 5.85 3.97
CA ILE A 77 9.88 6.49 5.11
C ILE A 77 10.67 5.46 5.92
N GLY A 78 11.83 5.08 5.41
CA GLY A 78 12.66 4.10 6.09
C GLY A 78 13.71 4.76 6.97
N SER A 79 13.50 4.74 8.27
CA SER A 79 14.44 5.33 9.21
C SER A 79 14.60 4.46 10.45
N GLY A 80 15.79 4.50 11.05
CA GLY A 80 16.05 3.70 12.23
C GLY A 80 17.51 3.34 12.38
N PRO A 81 18.32 4.23 12.98
CA PRO A 81 19.76 3.99 13.17
C PRO A 81 20.03 2.90 14.20
N SER A 82 20.39 1.71 13.73
CA SER A 82 20.68 0.59 14.61
C SER A 82 21.99 -0.09 14.23
N SER A 83 22.09 -0.49 12.97
CA SER A 83 23.30 -1.16 12.48
C SER A 83 23.80 -0.48 11.21
N GLY A 84 25.09 -0.67 10.92
CA GLY A 84 25.68 -0.07 9.74
C GLY A 84 27.19 0.02 9.83
N GLY A 1 16.96 12.76 -15.87
CA GLY A 1 16.36 12.64 -14.52
C GLY A 1 15.23 13.62 -14.29
N SER A 2 14.27 13.62 -15.21
CA SER A 2 13.12 14.52 -15.12
C SER A 2 11.93 13.80 -14.49
N SER A 3 11.35 12.85 -15.24
CA SER A 3 10.20 12.11 -14.76
C SER A 3 10.54 10.62 -14.63
N GLY A 4 10.55 10.13 -13.39
CA GLY A 4 10.87 8.74 -13.15
C GLY A 4 9.93 8.09 -12.15
N SER A 5 9.74 6.79 -12.28
CA SER A 5 8.85 6.05 -11.37
C SER A 5 9.58 5.70 -10.08
N SER A 6 8.86 5.78 -8.96
CA SER A 6 9.43 5.46 -7.66
C SER A 6 9.77 3.98 -7.55
N GLY A 7 8.76 3.14 -7.76
CA GLY A 7 8.97 1.70 -7.68
C GLY A 7 9.05 1.20 -6.24
N LEU A 8 8.02 0.47 -5.82
CA LEU A 8 7.98 -0.06 -4.47
C LEU A 8 8.20 -1.58 -4.47
N ARG A 9 8.33 -2.15 -3.28
CA ARG A 9 8.56 -3.59 -3.15
C ARG A 9 7.50 -4.22 -2.25
N LEU A 10 7.21 -5.49 -2.49
CA LEU A 10 6.22 -6.22 -1.70
C LEU A 10 6.72 -6.48 -0.29
N GLY A 11 6.31 -5.63 0.64
CA GLY A 11 6.73 -5.80 2.02
C GLY A 11 7.68 -4.70 2.47
N ASP A 12 7.20 -3.46 2.49
CA ASP A 12 8.00 -2.33 2.91
C ASP A 12 7.15 -1.27 3.60
N ARG A 13 7.73 -0.61 4.60
CA ARG A 13 7.03 0.42 5.35
C ARG A 13 6.85 1.68 4.50
N VAL A 14 5.61 2.13 4.37
CA VAL A 14 5.32 3.32 3.58
C VAL A 14 4.26 4.19 4.29
N LEU A 15 4.50 5.50 4.28
CA LEU A 15 3.57 6.44 4.92
C LEU A 15 2.36 6.69 4.02
N VAL A 16 1.17 6.63 4.62
CA VAL A 16 -0.06 6.86 3.87
C VAL A 16 -0.79 8.10 4.39
N GLY A 17 -0.75 9.18 3.61
CA GLY A 17 -1.40 10.40 4.00
C GLY A 17 -0.45 11.39 4.66
N GLY A 18 0.56 10.86 5.34
CA GLY A 18 1.53 11.71 6.01
C GLY A 18 1.49 11.55 7.51
N THR A 19 1.22 10.34 7.97
CA THR A 19 1.16 10.05 9.40
C THR A 19 0.90 8.57 9.65
N LYS A 20 -0.02 7.99 8.89
CA LYS A 20 -0.35 6.58 9.03
C LYS A 20 0.72 5.69 8.39
N THR A 21 1.51 5.04 9.23
CA THR A 21 2.57 4.15 8.75
C THR A 21 2.04 2.75 8.53
N GLY A 22 2.30 2.19 7.34
CA GLY A 22 1.85 0.85 7.04
C GLY A 22 2.74 0.16 6.02
N VAL A 23 2.83 -1.15 6.10
CA VAL A 23 3.66 -1.93 5.18
C VAL A 23 2.87 -2.31 3.94
N VAL A 24 3.57 -2.35 2.80
CA VAL A 24 2.93 -2.71 1.53
C VAL A 24 2.69 -4.20 1.43
N ARG A 25 1.45 -4.58 1.18
CA ARG A 25 1.08 -5.99 1.06
C ARG A 25 0.75 -6.35 -0.39
N TYR A 26 0.26 -5.36 -1.13
CA TYR A 26 -0.11 -5.57 -2.53
C TYR A 26 0.55 -4.53 -3.43
N VAL A 27 1.00 -4.95 -4.59
CA VAL A 27 1.65 -4.06 -5.54
C VAL A 27 1.35 -4.46 -6.97
N GLY A 28 0.41 -3.77 -7.60
CA GLY A 28 0.04 -4.07 -8.97
C GLY A 28 -1.07 -3.17 -9.49
N GLU A 29 -1.81 -3.65 -10.48
CA GLU A 29 -2.90 -2.88 -11.07
C GLU A 29 -4.19 -3.10 -10.31
N THR A 30 -5.27 -2.51 -10.79
CA THR A 30 -6.58 -2.64 -10.16
C THR A 30 -7.67 -2.89 -11.20
N ASP A 31 -8.87 -3.22 -10.74
CA ASP A 31 -9.99 -3.48 -11.63
C ASP A 31 -11.10 -2.45 -11.42
N PHE A 32 -10.71 -1.23 -11.05
CA PHE A 32 -11.67 -0.16 -10.81
C PHE A 32 -11.07 1.19 -11.20
N ALA A 33 -9.84 1.45 -10.76
CA ALA A 33 -9.17 2.70 -11.06
C ALA A 33 -8.12 2.51 -12.16
N LYS A 34 -8.07 3.46 -13.08
CA LYS A 34 -7.12 3.40 -14.19
C LYS A 34 -5.72 3.75 -13.71
N GLY A 35 -4.79 2.81 -13.85
CA GLY A 35 -3.42 3.04 -13.43
C GLY A 35 -2.90 1.95 -12.51
N GLU A 36 -2.07 2.34 -11.55
CA GLU A 36 -1.51 1.38 -10.60
C GLU A 36 -1.71 1.86 -9.16
N TRP A 37 -2.20 0.96 -8.31
CA TRP A 37 -2.44 1.29 -6.91
C TRP A 37 -1.74 0.29 -5.99
N CYS A 38 -1.17 0.80 -4.90
CA CYS A 38 -0.48 -0.05 -3.94
C CYS A 38 -1.26 -0.14 -2.64
N GLY A 39 -1.31 -1.35 -2.07
CA GLY A 39 -2.02 -1.55 -0.82
C GLY A 39 -1.12 -1.50 0.39
N VAL A 40 -1.50 -0.70 1.38
CA VAL A 40 -0.71 -0.56 2.60
C VAL A 40 -1.51 -1.03 3.83
N GLU A 41 -0.91 -1.93 4.58
CA GLU A 41 -1.55 -2.46 5.78
C GLU A 41 -1.08 -1.73 7.03
N LEU A 42 -1.92 -0.85 7.56
CA LEU A 42 -1.59 -0.08 8.74
C LEU A 42 -1.54 -0.97 9.98
N ASP A 43 -1.07 -0.41 11.09
CA ASP A 43 -0.97 -1.16 12.34
C ASP A 43 -2.24 -1.01 13.17
N GLU A 44 -2.78 0.20 13.21
CA GLU A 44 -3.99 0.48 13.96
C GLU A 44 -5.21 0.56 13.04
N PRO A 45 -6.42 0.40 13.60
CA PRO A 45 -7.66 0.46 12.83
C PRO A 45 -7.89 1.82 12.18
N LEU A 46 -7.13 2.11 11.13
CA LEU A 46 -7.25 3.38 10.43
C LEU A 46 -7.42 3.15 8.93
N GLY A 47 -8.02 2.02 8.57
CA GLY A 47 -8.23 1.71 7.16
C GLY A 47 -9.69 1.72 6.79
N LYS A 48 -9.99 1.27 5.56
CA LYS A 48 -11.36 1.22 5.08
C LYS A 48 -11.78 -0.21 4.75
N ASN A 49 -10.86 -0.96 4.15
CA ASN A 49 -11.13 -2.35 3.79
C ASN A 49 -10.01 -3.27 4.27
N ASP A 50 -10.10 -4.55 3.91
CA ASP A 50 -9.09 -5.53 4.30
C ASP A 50 -8.34 -6.06 3.08
N GLY A 51 -8.06 -5.16 2.12
CA GLY A 51 -7.36 -5.55 0.92
C GLY A 51 -8.27 -6.25 -0.08
N ALA A 52 -9.54 -5.86 -0.09
CA ALA A 52 -10.51 -6.45 -1.01
C ALA A 52 -11.36 -5.38 -1.67
N VAL A 53 -11.76 -5.62 -2.91
CA VAL A 53 -12.58 -4.68 -3.65
C VAL A 53 -13.66 -5.39 -4.46
N ALA A 54 -14.89 -4.93 -4.35
CA ALA A 54 -16.00 -5.53 -5.08
C ALA A 54 -16.21 -6.99 -4.68
N GLY A 55 -15.81 -7.31 -3.44
CA GLY A 55 -15.96 -8.67 -2.96
C GLY A 55 -14.71 -9.51 -3.17
N THR A 56 -13.88 -9.11 -4.13
CA THR A 56 -12.64 -9.83 -4.42
C THR A 56 -11.52 -9.37 -3.51
N ARG A 57 -10.78 -10.33 -2.97
CA ARG A 57 -9.66 -10.03 -2.07
C ARG A 57 -8.34 -10.45 -2.70
N TYR A 58 -7.42 -9.50 -2.81
CA TYR A 58 -6.11 -9.77 -3.39
C TYR A 58 -5.16 -10.34 -2.36
N PHE A 59 -5.03 -9.66 -1.23
CA PHE A 59 -4.15 -10.11 -0.16
C PHE A 59 -4.92 -10.27 1.15
N GLN A 60 -4.72 -11.41 1.81
CA GLN A 60 -5.39 -11.69 3.07
C GLN A 60 -4.92 -10.74 4.16
N CYS A 61 -5.86 -9.97 4.72
CA CYS A 61 -5.54 -9.02 5.77
C CYS A 61 -6.75 -8.77 6.67
N PRO A 62 -6.53 -8.24 7.88
CA PRO A 62 -7.61 -7.96 8.83
C PRO A 62 -8.43 -6.74 8.42
N PRO A 63 -9.64 -6.58 9.00
CA PRO A 63 -10.52 -5.46 8.70
C PRO A 63 -9.99 -4.13 9.23
N LYS A 64 -10.23 -3.06 8.48
CA LYS A 64 -9.77 -1.73 8.89
C LYS A 64 -8.25 -1.68 8.97
N PHE A 65 -7.59 -2.40 8.07
CA PHE A 65 -6.12 -2.43 8.05
C PHE A 65 -5.60 -2.25 6.63
N GLY A 66 -6.16 -3.01 5.69
CA GLY A 66 -5.74 -2.91 4.31
C GLY A 66 -6.28 -1.69 3.61
N LEU A 67 -5.39 -0.77 3.24
CA LEU A 67 -5.79 0.45 2.57
C LEU A 67 -5.25 0.50 1.14
N PHE A 68 -6.02 1.10 0.25
CA PHE A 68 -5.61 1.21 -1.16
C PHE A 68 -5.38 2.67 -1.54
N ALA A 69 -4.12 3.03 -1.75
CA ALA A 69 -3.76 4.39 -2.12
C ALA A 69 -2.87 4.40 -3.36
N PRO A 70 -2.97 5.45 -4.19
CA PRO A 70 -2.18 5.59 -5.41
C PRO A 70 -0.68 5.41 -5.15
N ILE A 71 0.00 4.75 -6.08
CA ILE A 71 1.44 4.52 -5.95
C ILE A 71 2.20 5.84 -5.86
N HIS A 72 1.86 6.77 -6.74
CA HIS A 72 2.52 8.07 -6.77
C HIS A 72 2.21 8.86 -5.50
N LYS A 73 1.17 8.45 -4.77
CA LYS A 73 0.79 9.12 -3.54
C LYS A 73 1.33 8.39 -2.31
N VAL A 74 2.38 7.59 -2.52
CA VAL A 74 2.99 6.84 -1.43
C VAL A 74 4.34 7.44 -1.03
N ILE A 75 4.74 7.18 0.21
CA ILE A 75 6.01 7.70 0.73
C ILE A 75 6.81 6.60 1.41
N ARG A 76 8.07 6.44 0.99
CA ARG A 76 8.94 5.43 1.57
C ARG A 76 9.55 5.92 2.88
N ILE A 77 9.12 5.33 3.99
CA ILE A 77 9.63 5.70 5.30
C ILE A 77 11.01 5.09 5.55
N GLY A 78 11.24 3.91 4.98
CA GLY A 78 12.52 3.24 5.16
C GLY A 78 13.09 2.74 3.85
N SER A 79 14.19 1.99 3.93
CA SER A 79 14.83 1.45 2.74
C SER A 79 14.83 -0.08 2.76
N GLY A 80 15.29 -0.68 1.68
CA GLY A 80 15.33 -2.14 1.60
C GLY A 80 16.00 -2.63 0.33
N PRO A 81 17.32 -2.86 0.37
CA PRO A 81 18.07 -3.34 -0.80
C PRO A 81 17.71 -4.78 -1.17
N SER A 82 17.30 -5.56 -0.17
CA SER A 82 16.93 -6.94 -0.40
C SER A 82 18.10 -7.74 -0.95
N SER A 83 18.68 -8.59 -0.11
CA SER A 83 19.81 -9.41 -0.52
C SER A 83 20.20 -10.39 0.59
N GLY A 84 20.57 -11.61 0.18
CA GLY A 84 20.95 -12.62 1.15
C GLY A 84 22.37 -13.11 0.94
N GLY A 1 4.34 10.30 -17.82
CA GLY A 1 5.20 9.25 -17.19
C GLY A 1 6.12 8.58 -18.19
N SER A 2 7.35 8.28 -17.76
CA SER A 2 8.32 7.64 -18.62
C SER A 2 8.50 6.17 -18.24
N SER A 3 9.40 5.49 -18.95
CA SER A 3 9.66 4.08 -18.68
C SER A 3 10.65 3.91 -17.54
N GLY A 4 10.13 3.61 -16.35
CA GLY A 4 10.99 3.43 -15.19
C GLY A 4 11.08 4.68 -14.34
N SER A 5 10.32 4.71 -13.25
CA SER A 5 10.32 5.87 -12.35
C SER A 5 9.98 5.44 -10.93
N SER A 6 8.83 4.77 -10.78
CA SER A 6 8.38 4.31 -9.47
C SER A 6 8.29 2.79 -9.44
N GLY A 7 7.90 2.25 -8.28
CA GLY A 7 7.78 0.82 -8.14
C GLY A 7 8.18 0.33 -6.75
N LEU A 8 7.19 -0.05 -5.95
CA LEU A 8 7.43 -0.53 -4.60
C LEU A 8 7.50 -2.04 -4.57
N ARG A 9 7.96 -2.59 -3.44
CA ARG A 9 8.08 -4.03 -3.28
C ARG A 9 7.02 -4.56 -2.32
N LEU A 10 6.88 -5.88 -2.27
CA LEU A 10 5.89 -6.51 -1.39
C LEU A 10 6.46 -6.68 0.01
N GLY A 11 6.03 -5.82 0.92
CA GLY A 11 6.51 -5.89 2.29
C GLY A 11 7.47 -4.77 2.64
N ASP A 12 7.01 -3.53 2.47
CA ASP A 12 7.83 -2.36 2.77
C ASP A 12 7.07 -1.35 3.62
N ARG A 13 7.78 -0.71 4.55
CA ARG A 13 7.17 0.27 5.42
C ARG A 13 7.02 1.62 4.72
N VAL A 14 5.80 1.92 4.29
CA VAL A 14 5.53 3.18 3.61
C VAL A 14 4.49 4.02 4.37
N LEU A 15 4.62 5.33 4.27
CA LEU A 15 3.70 6.24 4.95
C LEU A 15 2.51 6.58 4.05
N VAL A 16 1.31 6.29 4.52
CA VAL A 16 0.10 6.57 3.77
C VAL A 16 -0.64 7.77 4.34
N GLY A 17 -0.66 8.86 3.57
CA GLY A 17 -1.33 10.07 4.02
C GLY A 17 -0.39 11.06 4.66
N GLY A 18 0.69 10.55 5.25
CA GLY A 18 1.65 11.42 5.90
C GLY A 18 1.57 11.35 7.42
N THR A 19 1.12 10.20 7.92
CA THR A 19 1.00 10.01 9.36
C THR A 19 0.74 8.54 9.70
N LYS A 20 -0.14 7.92 8.93
CA LYS A 20 -0.49 6.52 9.15
C LYS A 20 0.61 5.60 8.60
N THR A 21 1.26 4.87 9.48
CA THR A 21 2.32 3.95 9.09
C THR A 21 1.76 2.57 8.75
N GLY A 22 2.10 2.07 7.57
CA GLY A 22 1.62 0.77 7.14
C GLY A 22 2.56 0.10 6.17
N VAL A 23 2.60 -1.23 6.21
CA VAL A 23 3.47 -2.00 5.32
C VAL A 23 2.76 -2.34 4.02
N VAL A 24 3.52 -2.39 2.93
CA VAL A 24 2.96 -2.70 1.62
C VAL A 24 2.57 -4.17 1.54
N ARG A 25 1.28 -4.42 1.25
CA ARG A 25 0.78 -5.79 1.14
C ARG A 25 0.52 -6.15 -0.32
N TYR A 26 0.17 -5.14 -1.12
CA TYR A 26 -0.11 -5.37 -2.54
C TYR A 26 0.47 -4.24 -3.38
N VAL A 27 0.99 -4.59 -4.55
CA VAL A 27 1.58 -3.61 -5.45
C VAL A 27 1.25 -3.93 -6.91
N GLY A 28 0.75 -2.94 -7.63
CA GLY A 28 0.41 -3.13 -9.03
C GLY A 28 -0.76 -2.27 -9.46
N GLU A 29 -1.51 -2.75 -10.45
CA GLU A 29 -2.66 -2.00 -10.96
C GLU A 29 -3.97 -2.64 -10.49
N THR A 30 -4.99 -1.81 -10.29
CA THR A 30 -6.28 -2.29 -9.84
C THR A 30 -7.24 -2.46 -11.02
N ASP A 31 -8.44 -2.93 -10.74
CA ASP A 31 -9.45 -3.14 -11.78
C ASP A 31 -10.60 -2.15 -11.63
N PHE A 32 -10.95 -1.83 -10.39
CA PHE A 32 -12.03 -0.90 -10.10
C PHE A 32 -11.62 0.53 -10.45
N ALA A 33 -10.37 0.87 -10.15
CA ALA A 33 -9.85 2.21 -10.44
C ALA A 33 -8.72 2.15 -11.45
N LYS A 34 -8.77 3.05 -12.43
CA LYS A 34 -7.74 3.10 -13.46
C LYS A 34 -6.44 3.67 -12.90
N GLY A 35 -5.32 3.27 -13.50
CA GLY A 35 -4.03 3.75 -13.05
C GLY A 35 -3.30 2.74 -12.18
N GLU A 36 -2.34 3.21 -11.40
CA GLU A 36 -1.57 2.35 -10.52
C GLU A 36 -2.02 2.53 -9.06
N TRP A 37 -2.01 1.43 -8.31
CA TRP A 37 -2.41 1.47 -6.90
C TRP A 37 -1.49 0.58 -6.07
N CYS A 38 -1.45 0.85 -4.76
CA CYS A 38 -0.63 0.08 -3.85
C CYS A 38 -1.34 -0.14 -2.52
N GLY A 39 -1.56 -1.42 -2.19
CA GLY A 39 -2.24 -1.74 -0.94
C GLY A 39 -1.30 -1.71 0.25
N VAL A 40 -1.50 -0.73 1.13
CA VAL A 40 -0.67 -0.60 2.32
C VAL A 40 -1.47 -0.87 3.58
N GLU A 41 -1.04 -1.88 4.34
CA GLU A 41 -1.73 -2.25 5.58
C GLU A 41 -1.10 -1.53 6.77
N LEU A 42 -1.92 -0.76 7.49
CA LEU A 42 -1.46 -0.03 8.66
C LEU A 42 -1.31 -0.96 9.86
N ASP A 43 -0.75 -0.43 10.94
CA ASP A 43 -0.55 -1.21 12.16
C ASP A 43 -1.67 -0.94 13.16
N GLU A 44 -2.20 0.28 13.14
CA GLU A 44 -3.27 0.67 14.04
C GLU A 44 -4.59 0.81 13.29
N PRO A 45 -5.73 0.65 13.99
CA PRO A 45 -7.05 0.76 13.38
C PRO A 45 -7.35 2.18 12.90
N LEU A 46 -6.80 2.53 11.74
CA LEU A 46 -7.01 3.86 11.17
C LEU A 46 -7.23 3.78 9.66
N GLY A 47 -7.83 2.67 9.22
CA GLY A 47 -8.07 2.48 7.80
C GLY A 47 -9.56 2.46 7.48
N LYS A 48 -9.95 1.54 6.61
CA LYS A 48 -11.35 1.41 6.21
C LYS A 48 -11.56 0.15 5.38
N ASN A 49 -10.63 -0.13 4.48
CA ASN A 49 -10.71 -1.31 3.62
C ASN A 49 -10.04 -2.50 4.28
N ASP A 50 -10.11 -3.66 3.62
CA ASP A 50 -9.51 -4.88 4.14
C ASP A 50 -8.82 -5.66 3.04
N GLY A 51 -8.12 -4.94 2.16
CA GLY A 51 -7.43 -5.59 1.06
C GLY A 51 -8.37 -6.36 0.16
N ALA A 52 -9.62 -5.92 0.09
CA ALA A 52 -10.62 -6.57 -0.75
C ALA A 52 -11.53 -5.55 -1.42
N VAL A 53 -11.75 -5.71 -2.72
CA VAL A 53 -12.60 -4.80 -3.48
C VAL A 53 -13.56 -5.58 -4.38
N ALA A 54 -14.84 -5.25 -4.29
CA ALA A 54 -15.86 -5.91 -5.09
C ALA A 54 -15.88 -7.41 -4.83
N GLY A 55 -15.45 -7.81 -3.64
CA GLY A 55 -15.44 -9.21 -3.29
C GLY A 55 -14.09 -9.86 -3.53
N THR A 56 -13.36 -9.35 -4.51
CA THR A 56 -12.04 -9.87 -4.85
C THR A 56 -11.01 -9.45 -3.81
N ARG A 57 -10.56 -10.40 -2.99
CA ARG A 57 -9.57 -10.11 -1.96
C ARG A 57 -8.18 -10.49 -2.42
N TYR A 58 -7.40 -9.50 -2.86
CA TYR A 58 -6.05 -9.75 -3.34
C TYR A 58 -5.17 -10.31 -2.22
N PHE A 59 -5.27 -9.71 -1.05
CA PHE A 59 -4.49 -10.15 0.10
C PHE A 59 -5.34 -10.19 1.37
N GLN A 60 -5.18 -11.24 2.17
CA GLN A 60 -5.93 -11.39 3.40
C GLN A 60 -5.50 -10.35 4.43
N CYS A 61 -6.47 -9.59 4.94
CA CYS A 61 -6.18 -8.56 5.93
C CYS A 61 -7.47 -8.13 6.65
N PRO A 62 -7.39 -7.94 7.98
CA PRO A 62 -8.56 -7.52 8.77
C PRO A 62 -9.10 -6.16 8.34
N PRO A 63 -10.29 -5.78 8.82
CA PRO A 63 -10.92 -4.50 8.49
C PRO A 63 -10.23 -3.33 9.19
N LYS A 64 -10.29 -2.15 8.56
CA LYS A 64 -9.68 -0.95 9.12
C LYS A 64 -8.17 -1.14 9.27
N PHE A 65 -7.59 -1.93 8.38
CA PHE A 65 -6.15 -2.19 8.41
C PHE A 65 -5.52 -1.96 7.03
N GLY A 66 -6.18 -2.46 6.00
CA GLY A 66 -5.68 -2.30 4.65
C GLY A 66 -6.24 -1.07 3.96
N LEU A 67 -5.35 -0.29 3.34
CA LEU A 67 -5.75 0.92 2.65
C LEU A 67 -5.14 0.98 1.25
N PHE A 68 -6.01 1.10 0.25
CA PHE A 68 -5.55 1.18 -1.15
C PHE A 68 -5.33 2.61 -1.57
N ALA A 69 -4.11 2.94 -1.95
CA ALA A 69 -3.76 4.29 -2.39
C ALA A 69 -2.87 4.25 -3.62
N PRO A 70 -2.96 5.29 -4.48
CA PRO A 70 -2.16 5.38 -5.70
C PRO A 70 -0.67 5.23 -5.43
N ILE A 71 0.06 4.70 -6.40
CA ILE A 71 1.50 4.51 -6.26
C ILE A 71 2.21 5.83 -5.99
N HIS A 72 1.86 6.86 -6.76
CA HIS A 72 2.46 8.17 -6.60
C HIS A 72 2.12 8.77 -5.24
N LYS A 73 1.06 8.26 -4.62
CA LYS A 73 0.64 8.76 -3.31
C LYS A 73 1.19 7.88 -2.19
N VAL A 74 2.28 7.18 -2.47
CA VAL A 74 2.91 6.30 -1.47
C VAL A 74 4.31 6.79 -1.13
N ILE A 75 4.47 7.33 0.07
CA ILE A 75 5.76 7.83 0.53
C ILE A 75 6.56 6.72 1.19
N ARG A 76 7.87 6.70 0.91
CA ARG A 76 8.76 5.69 1.49
C ARG A 76 9.40 6.21 2.77
N ILE A 77 9.43 5.36 3.79
CA ILE A 77 10.02 5.73 5.08
C ILE A 77 10.62 4.51 5.77
N GLY A 78 11.10 3.56 4.99
CA GLY A 78 11.69 2.37 5.55
C GLY A 78 13.21 2.46 5.63
N SER A 79 13.82 3.05 4.61
CA SER A 79 15.27 3.19 4.57
C SER A 79 15.96 1.83 4.52
N GLY A 80 16.06 1.18 5.67
CA GLY A 80 16.70 -0.13 5.72
C GLY A 80 15.70 -1.27 5.66
N PRO A 81 16.05 -2.39 5.01
CA PRO A 81 15.16 -3.55 4.90
C PRO A 81 15.11 -4.38 6.17
N SER A 82 14.70 -3.74 7.27
CA SER A 82 14.61 -4.41 8.55
C SER A 82 14.09 -3.46 9.63
N SER A 83 14.91 -2.49 9.99
CA SER A 83 14.54 -1.51 11.01
C SER A 83 14.30 -2.18 12.34
N GLY A 84 15.32 -2.17 13.21
CA GLY A 84 15.19 -2.78 14.51
C GLY A 84 16.54 -3.14 15.11
N GLY A 1 17.11 -11.17 -6.72
CA GLY A 1 16.87 -11.36 -8.17
C GLY A 1 15.91 -10.33 -8.74
N SER A 2 16.42 -9.13 -9.00
CA SER A 2 15.61 -8.05 -9.55
C SER A 2 16.00 -7.76 -11.00
N SER A 3 15.00 -7.54 -11.84
CA SER A 3 15.24 -7.25 -13.25
C SER A 3 14.37 -6.09 -13.72
N GLY A 4 13.09 -6.13 -13.38
CA GLY A 4 12.17 -5.07 -13.77
C GLY A 4 11.10 -4.82 -12.73
N SER A 5 11.21 -3.69 -12.04
CA SER A 5 10.24 -3.33 -11.01
C SER A 5 9.72 -1.91 -11.22
N SER A 6 8.81 -1.48 -10.36
CA SER A 6 8.23 -0.15 -10.45
C SER A 6 8.98 0.82 -9.54
N GLY A 7 9.49 0.31 -8.42
CA GLY A 7 10.22 1.15 -7.49
C GLY A 7 10.07 0.67 -6.06
N LEU A 8 8.86 0.27 -5.69
CA LEU A 8 8.59 -0.20 -4.33
C LEU A 8 8.70 -1.72 -4.26
N ARG A 9 8.82 -2.23 -3.04
CA ARG A 9 8.94 -3.67 -2.83
C ARG A 9 7.81 -4.19 -1.95
N LEU A 10 7.38 -5.42 -2.21
CA LEU A 10 6.30 -6.02 -1.44
C LEU A 10 6.73 -6.25 0.01
N GLY A 11 6.28 -5.35 0.89
CA GLY A 11 6.63 -5.47 2.30
C GLY A 11 7.58 -4.39 2.75
N ASP A 12 7.14 -3.14 2.66
CA ASP A 12 7.96 -1.99 3.06
C ASP A 12 7.12 -0.95 3.77
N ARG A 13 7.58 -0.52 4.94
CA ARG A 13 6.87 0.48 5.73
C ARG A 13 6.83 1.82 4.99
N VAL A 14 5.63 2.24 4.60
CA VAL A 14 5.45 3.49 3.88
C VAL A 14 4.46 4.39 4.60
N LEU A 15 4.46 5.68 4.26
CA LEU A 15 3.56 6.65 4.87
C LEU A 15 2.38 6.94 3.94
N VAL A 16 1.18 6.62 4.42
CA VAL A 16 -0.03 6.85 3.64
C VAL A 16 -0.83 8.02 4.20
N GLY A 17 -0.87 9.12 3.45
CA GLY A 17 -1.61 10.29 3.89
C GLY A 17 -0.71 11.31 4.57
N GLY A 18 0.32 10.83 5.27
CA GLY A 18 1.23 11.72 5.95
C GLY A 18 1.49 11.31 7.39
N THR A 19 0.73 10.33 7.87
CA THR A 19 0.89 9.85 9.24
C THR A 19 0.68 8.34 9.33
N LYS A 20 -0.38 7.86 8.69
CA LYS A 20 -0.70 6.43 8.69
C LYS A 20 0.47 5.61 8.14
N THR A 21 1.25 5.03 9.04
CA THR A 21 2.40 4.22 8.66
C THR A 21 1.99 2.76 8.48
N GLY A 22 2.22 2.22 7.29
CA GLY A 22 1.88 0.83 7.03
C GLY A 22 2.79 0.20 5.99
N VAL A 23 2.88 -1.12 6.03
CA VAL A 23 3.72 -1.86 5.08
C VAL A 23 2.93 -2.23 3.83
N VAL A 24 3.59 -2.16 2.68
CA VAL A 24 2.96 -2.50 1.41
C VAL A 24 2.71 -4.00 1.30
N ARG A 25 1.46 -4.37 0.99
CA ARG A 25 1.09 -5.77 0.86
C ARG A 25 0.81 -6.12 -0.60
N TYR A 26 0.29 -5.14 -1.35
CA TYR A 26 -0.02 -5.34 -2.76
C TYR A 26 0.63 -4.27 -3.62
N VAL A 27 1.04 -4.65 -4.83
CA VAL A 27 1.68 -3.73 -5.75
C VAL A 27 1.44 -4.14 -7.20
N GLY A 28 0.91 -3.21 -7.99
CA GLY A 28 0.63 -3.49 -9.38
C GLY A 28 -0.61 -2.80 -9.89
N GLU A 29 -1.03 -3.14 -11.11
CA GLU A 29 -2.21 -2.53 -11.71
C GLU A 29 -3.48 -3.23 -11.22
N THR A 30 -4.56 -2.47 -11.10
CA THR A 30 -5.83 -3.02 -10.64
C THR A 30 -6.78 -3.22 -11.81
N ASP A 31 -7.99 -3.69 -11.51
CA ASP A 31 -9.00 -3.94 -12.53
C ASP A 31 -10.12 -2.90 -12.46
N PHE A 32 -10.40 -2.43 -11.25
CA PHE A 32 -11.43 -1.44 -11.04
C PHE A 32 -10.94 -0.04 -11.37
N ALA A 33 -9.72 0.28 -10.94
CA ALA A 33 -9.12 1.58 -11.19
C ALA A 33 -7.91 1.46 -12.11
N LYS A 34 -7.95 2.18 -13.23
CA LYS A 34 -6.84 2.15 -14.18
C LYS A 34 -5.60 2.81 -13.61
N GLY A 35 -4.54 2.03 -13.42
CA GLY A 35 -3.31 2.56 -12.89
C GLY A 35 -2.63 1.58 -11.94
N GLU A 36 -1.41 1.91 -11.53
CA GLU A 36 -0.65 1.06 -10.63
C GLU A 36 -0.92 1.42 -9.18
N TRP A 37 -1.88 0.74 -8.56
CA TRP A 37 -2.23 1.01 -7.17
C TRP A 37 -1.32 0.23 -6.23
N CYS A 38 -1.50 0.46 -4.93
CA CYS A 38 -0.69 -0.22 -3.92
C CYS A 38 -1.44 -0.32 -2.60
N GLY A 39 -1.50 -1.52 -2.05
CA GLY A 39 -2.19 -1.74 -0.78
C GLY A 39 -1.25 -1.67 0.41
N VAL A 40 -1.55 -0.78 1.34
CA VAL A 40 -0.73 -0.62 2.54
C VAL A 40 -1.45 -1.13 3.77
N GLU A 41 -0.76 -1.96 4.56
CA GLU A 41 -1.33 -2.52 5.78
C GLU A 41 -0.89 -1.72 7.00
N LEU A 42 -1.88 -1.25 7.77
CA LEU A 42 -1.59 -0.47 8.97
C LEU A 42 -1.65 -1.34 10.22
N ASP A 43 -0.86 -0.98 11.22
CA ASP A 43 -0.82 -1.74 12.48
C ASP A 43 -2.06 -1.45 13.33
N GLU A 44 -2.52 -0.20 13.28
CA GLU A 44 -3.69 0.20 14.04
C GLU A 44 -4.92 0.34 13.14
N PRO A 45 -6.12 0.04 13.66
CA PRO A 45 -7.37 0.14 12.89
C PRO A 45 -7.57 1.53 12.29
N LEU A 46 -6.98 1.74 11.11
CA LEU A 46 -7.09 3.03 10.43
C LEU A 46 -7.37 2.84 8.94
N GLY A 47 -8.03 1.73 8.61
CA GLY A 47 -8.35 1.44 7.22
C GLY A 47 -9.84 1.29 6.98
N LYS A 48 -10.22 1.09 5.73
CA LYS A 48 -11.62 0.93 5.37
C LYS A 48 -11.92 -0.51 5.00
N ASN A 49 -10.96 -1.18 4.36
CA ASN A 49 -11.13 -2.57 3.96
C ASN A 49 -9.96 -3.42 4.45
N ASP A 50 -10.02 -4.71 4.15
CA ASP A 50 -8.97 -5.64 4.56
C ASP A 50 -8.21 -6.17 3.35
N GLY A 51 -8.07 -5.33 2.33
CA GLY A 51 -7.36 -5.74 1.13
C GLY A 51 -8.30 -6.31 0.08
N ALA A 52 -9.53 -5.82 0.04
CA ALA A 52 -10.51 -6.29 -0.92
C ALA A 52 -11.26 -5.12 -1.56
N VAL A 53 -11.62 -5.29 -2.83
CA VAL A 53 -12.34 -4.25 -3.56
C VAL A 53 -13.44 -4.84 -4.43
N ALA A 54 -14.65 -4.31 -4.29
CA ALA A 54 -15.79 -4.79 -5.07
C ALA A 54 -16.07 -6.26 -4.77
N GLY A 55 -15.78 -6.67 -3.54
CA GLY A 55 -16.01 -8.06 -3.14
C GLY A 55 -14.94 -8.99 -3.66
N THR A 56 -13.73 -8.47 -3.82
CA THR A 56 -12.60 -9.27 -4.30
C THR A 56 -11.35 -9.00 -3.48
N ARG A 57 -10.98 -9.97 -2.64
CA ARG A 57 -9.80 -9.84 -1.81
C ARG A 57 -8.56 -10.39 -2.52
N TYR A 58 -7.55 -9.53 -2.68
CA TYR A 58 -6.32 -9.93 -3.34
C TYR A 58 -5.31 -10.49 -2.34
N PHE A 59 -5.01 -9.70 -1.31
CA PHE A 59 -4.06 -10.11 -0.28
C PHE A 59 -4.77 -10.28 1.07
N GLN A 60 -4.54 -11.42 1.71
CA GLN A 60 -5.14 -11.70 3.00
C GLN A 60 -4.62 -10.74 4.07
N CYS A 61 -5.55 -10.21 4.88
CA CYS A 61 -5.18 -9.28 5.94
C CYS A 61 -6.34 -9.08 6.91
N PRO A 62 -6.04 -8.85 8.20
CA PRO A 62 -7.07 -8.64 9.23
C PRO A 62 -8.03 -7.52 8.85
N PRO A 63 -9.15 -7.40 9.60
CA PRO A 63 -10.15 -6.36 9.35
C PRO A 63 -9.63 -4.96 9.64
N LYS A 64 -9.90 -4.02 8.73
CA LYS A 64 -9.44 -2.65 8.89
C LYS A 64 -7.93 -2.58 8.94
N PHE A 65 -7.28 -3.52 8.26
CA PHE A 65 -5.82 -3.55 8.23
C PHE A 65 -5.32 -3.55 6.78
N GLY A 66 -6.07 -2.92 5.90
CA GLY A 66 -5.69 -2.85 4.50
C GLY A 66 -6.22 -1.61 3.80
N LEU A 67 -5.32 -0.74 3.39
CA LEU A 67 -5.70 0.50 2.72
C LEU A 67 -5.25 0.47 1.26
N PHE A 68 -6.09 1.00 0.37
CA PHE A 68 -5.77 1.04 -1.05
C PHE A 68 -5.52 2.47 -1.51
N ALA A 69 -4.31 2.73 -2.01
CA ALA A 69 -3.94 4.06 -2.48
C ALA A 69 -2.96 3.97 -3.64
N PRO A 70 -3.01 4.95 -4.57
CA PRO A 70 -2.12 4.98 -5.73
C PRO A 70 -0.65 4.87 -5.34
N ILE A 71 0.16 4.30 -6.24
CA ILE A 71 1.58 4.14 -5.98
C ILE A 71 2.26 5.48 -5.78
N HIS A 72 1.95 6.45 -6.64
CA HIS A 72 2.54 7.77 -6.55
C HIS A 72 2.13 8.47 -5.25
N LYS A 73 1.08 7.96 -4.60
CA LYS A 73 0.60 8.53 -3.35
C LYS A 73 1.20 7.80 -2.15
N VAL A 74 2.33 7.14 -2.36
CA VAL A 74 3.00 6.40 -1.29
C VAL A 74 4.38 6.99 -1.00
N ILE A 75 4.69 7.15 0.29
CA ILE A 75 5.98 7.70 0.70
C ILE A 75 6.79 6.67 1.48
N ARG A 76 8.10 6.67 1.26
CA ARG A 76 8.99 5.73 1.94
C ARG A 76 9.70 6.42 3.11
N ILE A 77 9.49 5.88 4.31
CA ILE A 77 10.12 6.43 5.51
C ILE A 77 10.58 5.32 6.45
N GLY A 78 11.89 5.10 6.49
CA GLY A 78 12.43 4.07 7.36
C GLY A 78 13.53 4.60 8.26
N SER A 79 13.17 4.95 9.49
CA SER A 79 14.12 5.46 10.45
C SER A 79 13.95 4.78 11.81
N GLY A 80 14.85 3.86 12.12
CA GLY A 80 14.79 3.15 13.39
C GLY A 80 15.77 2.00 13.47
N PRO A 81 15.79 1.26 14.59
CA PRO A 81 16.71 0.14 14.78
C PRO A 81 16.64 -0.85 13.62
N SER A 82 17.55 -1.83 13.63
CA SER A 82 17.60 -2.85 12.59
C SER A 82 17.65 -4.24 13.19
N SER A 83 17.66 -5.26 12.32
CA SER A 83 17.71 -6.64 12.77
C SER A 83 18.26 -7.54 11.67
N GLY A 84 17.51 -7.67 10.58
CA GLY A 84 17.94 -8.51 9.47
C GLY A 84 16.94 -9.60 9.15
N GLY A 1 14.03 16.06 -18.36
CA GLY A 1 12.67 15.65 -18.81
C GLY A 1 12.11 14.49 -18.04
N SER A 2 11.88 13.37 -18.72
CA SER A 2 11.36 12.17 -18.09
C SER A 2 9.98 12.44 -17.48
N SER A 3 9.34 11.38 -16.99
CA SER A 3 8.03 11.50 -16.37
C SER A 3 8.10 11.23 -14.87
N GLY A 4 8.85 10.20 -14.50
CA GLY A 4 8.99 9.86 -13.10
C GLY A 4 9.19 8.38 -12.88
N SER A 5 9.27 7.97 -11.61
CA SER A 5 9.45 6.56 -11.27
C SER A 5 8.40 6.10 -10.27
N SER A 6 8.09 4.81 -10.30
CA SER A 6 7.10 4.24 -9.40
C SER A 6 7.25 2.72 -9.30
N GLY A 7 7.37 2.22 -8.08
CA GLY A 7 7.52 0.80 -7.88
C GLY A 7 8.11 0.46 -6.52
N LEU A 8 7.26 0.05 -5.59
CA LEU A 8 7.69 -0.30 -4.24
C LEU A 8 7.98 -1.80 -4.14
N ARG A 9 8.55 -2.21 -3.00
CA ARG A 9 8.86 -3.61 -2.77
C ARG A 9 7.77 -4.29 -1.95
N LEU A 10 7.50 -5.56 -2.26
CA LEU A 10 6.48 -6.32 -1.55
C LEU A 10 6.85 -6.50 -0.08
N GLY A 11 6.19 -5.74 0.79
CA GLY A 11 6.48 -5.83 2.21
C GLY A 11 7.44 -4.76 2.68
N ASP A 12 7.15 -3.51 2.33
CA ASP A 12 8.00 -2.38 2.71
C ASP A 12 7.20 -1.35 3.50
N ARG A 13 7.86 -0.70 4.45
CA ARG A 13 7.21 0.32 5.28
C ARG A 13 6.97 1.59 4.48
N VAL A 14 5.70 1.93 4.29
CA VAL A 14 5.34 3.13 3.54
C VAL A 14 4.42 4.03 4.37
N LEU A 15 4.14 5.22 3.84
CA LEU A 15 3.28 6.17 4.53
C LEU A 15 2.13 6.62 3.63
N VAL A 16 0.91 6.24 4.00
CA VAL A 16 -0.27 6.60 3.23
C VAL A 16 -0.92 7.86 3.78
N GLY A 17 -0.78 8.96 3.04
CA GLY A 17 -1.36 10.22 3.47
C GLY A 17 -0.37 11.11 4.19
N GLY A 18 0.59 10.49 4.88
CA GLY A 18 1.60 11.24 5.59
C GLY A 18 1.40 11.19 7.09
N THR A 19 0.88 10.06 7.58
CA THR A 19 0.65 9.88 9.00
C THR A 19 0.43 8.41 9.34
N LYS A 20 -0.36 7.74 8.53
CA LYS A 20 -0.66 6.32 8.74
C LYS A 20 0.49 5.45 8.23
N THR A 21 1.33 4.99 9.15
CA THR A 21 2.47 4.15 8.79
C THR A 21 2.04 2.68 8.64
N GLY A 22 2.39 2.09 7.51
CA GLY A 22 2.04 0.70 7.27
C GLY A 22 2.92 0.05 6.22
N VAL A 23 2.94 -1.27 6.21
CA VAL A 23 3.76 -2.02 5.26
C VAL A 23 2.98 -2.31 3.98
N VAL A 24 3.70 -2.42 2.87
CA VAL A 24 3.08 -2.70 1.58
C VAL A 24 2.63 -4.16 1.49
N ARG A 25 1.38 -4.36 1.08
CA ARG A 25 0.83 -5.71 0.96
C ARG A 25 0.56 -6.05 -0.51
N TYR A 26 0.18 -5.05 -1.29
CA TYR A 26 -0.11 -5.24 -2.70
C TYR A 26 0.65 -4.22 -3.56
N VAL A 27 1.12 -4.69 -4.72
CA VAL A 27 1.87 -3.82 -5.62
C VAL A 27 1.61 -4.21 -7.08
N GLY A 28 0.95 -3.31 -7.81
CA GLY A 28 0.65 -3.59 -9.21
C GLY A 28 -0.55 -2.80 -9.70
N GLU A 29 -1.16 -3.28 -10.77
CA GLU A 29 -2.33 -2.62 -11.35
C GLU A 29 -3.61 -3.10 -10.68
N THR A 30 -4.75 -2.65 -11.20
CA THR A 30 -6.04 -3.04 -10.65
C THR A 30 -7.08 -3.20 -11.75
N ASP A 31 -8.31 -3.55 -11.36
CA ASP A 31 -9.39 -3.74 -12.33
C ASP A 31 -10.65 -3.02 -11.87
N PHE A 32 -10.48 -1.94 -11.13
CA PHE A 32 -11.61 -1.17 -10.63
C PHE A 32 -11.37 0.33 -10.79
N ALA A 33 -10.16 0.77 -10.43
CA ALA A 33 -9.80 2.17 -10.54
C ALA A 33 -8.69 2.40 -11.55
N LYS A 34 -8.29 1.33 -12.23
CA LYS A 34 -7.23 1.41 -13.24
C LYS A 34 -5.93 1.95 -12.61
N GLY A 35 -4.91 2.09 -13.44
CA GLY A 35 -3.63 2.60 -12.96
C GLY A 35 -2.95 1.63 -12.02
N GLU A 36 -1.94 2.11 -11.31
CA GLU A 36 -1.20 1.28 -10.37
C GLU A 36 -1.54 1.65 -8.94
N TRP A 37 -2.13 0.69 -8.21
CA TRP A 37 -2.52 0.91 -6.82
C TRP A 37 -1.66 0.06 -5.89
N CYS A 38 -1.53 0.52 -4.64
CA CYS A 38 -0.74 -0.20 -3.64
C CYS A 38 -1.47 -0.24 -2.30
N GLY A 39 -1.55 -1.44 -1.72
CA GLY A 39 -2.23 -1.59 -0.45
C GLY A 39 -1.26 -1.58 0.72
N VAL A 40 -1.60 -0.82 1.76
CA VAL A 40 -0.75 -0.73 2.94
C VAL A 40 -1.46 -1.30 4.17
N GLU A 41 -0.71 -1.98 5.03
CA GLU A 41 -1.26 -2.57 6.24
C GLU A 41 -0.85 -1.77 7.47
N LEU A 42 -1.82 -1.14 8.11
CA LEU A 42 -1.55 -0.35 9.30
C LEU A 42 -1.72 -1.19 10.57
N ASP A 43 -0.97 -0.84 11.62
CA ASP A 43 -1.03 -1.57 12.87
C ASP A 43 -2.24 -1.14 13.69
N GLU A 44 -2.52 0.17 13.68
CA GLU A 44 -3.66 0.70 14.43
C GLU A 44 -4.86 0.91 13.51
N PRO A 45 -6.08 0.68 14.04
CA PRO A 45 -7.31 0.85 13.25
C PRO A 45 -7.42 2.24 12.62
N LEU A 46 -6.89 2.37 11.41
CA LEU A 46 -6.91 3.64 10.69
C LEU A 46 -7.06 3.42 9.19
N GLY A 47 -7.75 2.34 8.82
CA GLY A 47 -7.95 2.04 7.41
C GLY A 47 -9.40 2.19 6.99
N LYS A 48 -9.70 1.81 5.76
CA LYS A 48 -11.05 1.91 5.22
C LYS A 48 -11.42 0.67 4.42
N ASN A 49 -10.69 -0.42 4.64
CA ASN A 49 -10.95 -1.67 3.93
C ASN A 49 -10.11 -2.80 4.50
N ASP A 50 -10.32 -4.01 3.99
CA ASP A 50 -9.59 -5.18 4.45
C ASP A 50 -8.84 -5.84 3.30
N GLY A 51 -8.43 -5.03 2.33
CA GLY A 51 -7.71 -5.55 1.18
C GLY A 51 -8.62 -6.19 0.15
N ALA A 52 -9.86 -5.71 0.09
CA ALA A 52 -10.83 -6.23 -0.85
C ALA A 52 -11.53 -5.09 -1.60
N VAL A 53 -11.83 -5.33 -2.88
CA VAL A 53 -12.49 -4.33 -3.71
C VAL A 53 -13.44 -4.99 -4.70
N ALA A 54 -14.74 -4.81 -4.48
CA ALA A 54 -15.75 -5.38 -5.36
C ALA A 54 -15.63 -6.89 -5.43
N GLY A 55 -15.49 -7.52 -4.25
CA GLY A 55 -15.37 -8.97 -4.19
C GLY A 55 -14.03 -9.45 -4.72
N THR A 56 -13.01 -8.62 -4.59
CA THR A 56 -11.66 -8.97 -5.05
C THR A 56 -10.63 -8.70 -3.97
N ARG A 57 -10.24 -9.76 -3.26
CA ARG A 57 -9.25 -9.64 -2.19
C ARG A 57 -7.87 -10.08 -2.67
N TYR A 58 -6.91 -9.16 -2.61
CA TYR A 58 -5.55 -9.45 -3.04
C TYR A 58 -4.72 -10.00 -1.88
N PHE A 59 -4.80 -9.32 -0.73
CA PHE A 59 -4.06 -9.72 0.45
C PHE A 59 -4.99 -9.91 1.64
N GLN A 60 -4.91 -11.08 2.26
CA GLN A 60 -5.76 -11.40 3.41
C GLN A 60 -5.43 -10.49 4.59
N CYS A 61 -6.39 -9.67 5.01
CA CYS A 61 -6.19 -8.76 6.12
C CYS A 61 -7.52 -8.50 6.86
N PRO A 62 -7.45 -8.26 8.18
CA PRO A 62 -8.64 -8.01 8.99
C PRO A 62 -9.26 -6.65 8.70
N PRO A 63 -10.51 -6.42 9.15
CA PRO A 63 -11.21 -5.15 8.94
C PRO A 63 -10.46 -3.96 9.52
N LYS A 64 -10.35 -2.90 8.74
CA LYS A 64 -9.65 -1.70 9.17
C LYS A 64 -8.16 -1.97 9.37
N PHE A 65 -7.58 -2.75 8.47
CA PHE A 65 -6.16 -3.09 8.56
C PHE A 65 -5.55 -3.18 7.16
N GLY A 66 -6.08 -2.39 6.23
CA GLY A 66 -5.57 -2.39 4.88
C GLY A 66 -6.13 -1.24 4.05
N LEU A 67 -5.25 -0.35 3.61
CA LEU A 67 -5.67 0.79 2.80
C LEU A 67 -5.41 0.54 1.33
N PHE A 68 -5.92 1.42 0.48
CA PHE A 68 -5.75 1.29 -0.97
C PHE A 68 -5.56 2.66 -1.62
N ALA A 69 -4.31 2.98 -1.93
CA ALA A 69 -3.99 4.26 -2.56
C ALA A 69 -3.04 4.07 -3.74
N PRO A 70 -3.05 5.01 -4.70
CA PRO A 70 -2.19 4.94 -5.88
C PRO A 70 -0.72 4.83 -5.51
N ILE A 71 0.05 4.11 -6.32
CA ILE A 71 1.48 3.93 -6.08
C ILE A 71 2.20 5.28 -6.02
N HIS A 72 1.90 6.16 -6.98
CA HIS A 72 2.52 7.47 -7.02
C HIS A 72 2.14 8.30 -5.79
N LYS A 73 1.06 7.92 -5.13
CA LYS A 73 0.61 8.64 -3.93
C LYS A 73 1.12 7.95 -2.66
N VAL A 74 2.21 7.20 -2.78
CA VAL A 74 2.79 6.51 -1.63
C VAL A 74 4.18 7.02 -1.33
N ILE A 75 4.37 7.54 -0.12
CA ILE A 75 5.67 8.06 0.29
C ILE A 75 6.45 7.02 1.08
N ARG A 76 7.65 6.69 0.59
CA ARG A 76 8.49 5.70 1.25
C ARG A 76 9.28 6.33 2.39
N ILE A 77 9.18 5.74 3.57
CA ILE A 77 9.88 6.25 4.75
C ILE A 77 10.81 5.20 5.33
N GLY A 78 11.35 4.35 4.46
CA GLY A 78 12.26 3.31 4.90
C GLY A 78 13.65 3.83 5.16
N SER A 79 14.41 3.12 6.00
CA SER A 79 15.77 3.51 6.32
C SER A 79 16.75 2.38 6.05
N GLY A 80 18.00 2.73 5.74
CA GLY A 80 19.00 1.73 5.45
C GLY A 80 20.21 1.83 6.39
N PRO A 81 20.13 1.20 7.57
CA PRO A 81 21.23 1.23 8.55
C PRO A 81 22.45 0.44 8.07
N SER A 82 22.21 -0.57 7.24
CA SER A 82 23.28 -1.39 6.71
C SER A 82 22.93 -1.95 5.34
N SER A 83 21.85 -2.73 5.30
CA SER A 83 21.39 -3.32 4.04
C SER A 83 20.09 -4.10 4.25
N GLY A 84 19.37 -4.34 3.15
CA GLY A 84 18.12 -5.06 3.24
C GLY A 84 18.32 -6.55 3.43
N GLY A 1 2.32 6.97 -23.59
CA GLY A 1 3.05 5.88 -24.30
C GLY A 1 4.19 5.31 -23.48
N SER A 2 4.75 6.13 -22.60
CA SER A 2 5.85 5.70 -21.75
C SER A 2 5.44 4.54 -20.86
N SER A 3 6.17 3.42 -20.98
CA SER A 3 5.87 2.23 -20.18
C SER A 3 6.78 2.16 -18.96
N GLY A 4 6.19 1.83 -17.81
CA GLY A 4 6.96 1.73 -16.58
C GLY A 4 6.50 0.59 -15.71
N SER A 5 7.35 0.17 -14.78
CA SER A 5 7.03 -0.92 -13.87
C SER A 5 6.85 -0.42 -12.44
N SER A 6 6.62 -1.34 -11.52
CA SER A 6 6.44 -0.98 -10.12
C SER A 6 7.70 -1.29 -9.31
N GLY A 7 8.17 -0.31 -8.55
CA GLY A 7 9.35 -0.49 -7.74
C GLY A 7 9.03 -0.96 -6.34
N LEU A 8 7.93 -0.45 -5.78
CA LEU A 8 7.52 -0.81 -4.44
C LEU A 8 7.25 -2.31 -4.33
N ARG A 9 8.06 -2.99 -3.51
CA ARG A 9 7.91 -4.43 -3.33
C ARG A 9 7.18 -4.73 -2.03
N LEU A 10 6.85 -6.01 -1.82
CA LEU A 10 6.14 -6.44 -0.62
C LEU A 10 7.04 -6.31 0.61
N GLY A 11 6.44 -5.91 1.73
CA GLY A 11 7.20 -5.77 2.96
C GLY A 11 7.97 -4.46 3.01
N ASP A 12 7.40 -3.41 2.42
CA ASP A 12 8.05 -2.11 2.39
C ASP A 12 7.28 -1.11 3.24
N ARG A 13 7.95 -0.53 4.23
CA ARG A 13 7.33 0.44 5.11
C ARG A 13 7.08 1.76 4.39
N VAL A 14 5.81 2.05 4.13
CA VAL A 14 5.43 3.28 3.43
C VAL A 14 4.53 4.14 4.30
N LEU A 15 4.27 5.36 3.84
CA LEU A 15 3.41 6.29 4.58
C LEU A 15 2.11 6.53 3.81
N VAL A 16 0.99 6.24 4.46
CA VAL A 16 -0.33 6.43 3.85
C VAL A 16 -0.91 7.79 4.22
N GLY A 17 -1.21 8.59 3.20
CA GLY A 17 -1.78 9.91 3.43
C GLY A 17 -0.84 10.81 4.21
N GLY A 18 0.46 10.53 4.13
CA GLY A 18 1.44 11.33 4.85
C GLY A 18 1.17 11.36 6.34
N THR A 19 0.78 10.23 6.89
CA THR A 19 0.49 10.14 8.33
C THR A 19 0.48 8.69 8.79
N LYS A 20 -0.57 7.96 8.39
CA LYS A 20 -0.71 6.56 8.76
C LYS A 20 0.44 5.72 8.20
N THR A 21 1.28 5.21 9.08
CA THR A 21 2.42 4.40 8.68
C THR A 21 2.01 2.94 8.50
N GLY A 22 2.31 2.38 7.34
CA GLY A 22 1.97 1.00 7.08
C GLY A 22 2.86 0.36 6.03
N VAL A 23 3.00 -0.96 6.09
CA VAL A 23 3.84 -1.68 5.14
C VAL A 23 3.05 -2.12 3.92
N VAL A 24 3.70 -2.18 2.77
CA VAL A 24 3.06 -2.58 1.53
C VAL A 24 2.63 -4.03 1.59
N ARG A 25 1.36 -4.29 1.24
CA ARG A 25 0.82 -5.64 1.26
C ARG A 25 0.54 -6.13 -0.16
N TYR A 26 0.20 -5.20 -1.05
CA TYR A 26 -0.09 -5.55 -2.44
C TYR A 26 0.53 -4.53 -3.38
N VAL A 27 0.88 -4.98 -4.58
CA VAL A 27 1.48 -4.11 -5.59
C VAL A 27 1.11 -4.56 -7.00
N GLY A 28 0.71 -3.61 -7.83
CA GLY A 28 0.34 -3.93 -9.20
C GLY A 28 -0.79 -3.04 -9.71
N GLU A 29 -1.21 -3.29 -10.95
CA GLU A 29 -2.28 -2.51 -11.56
C GLU A 29 -3.62 -2.80 -10.89
N THR A 30 -4.67 -2.14 -11.36
CA THR A 30 -6.00 -2.32 -10.81
C THR A 30 -7.06 -2.36 -11.92
N ASP A 31 -8.32 -2.50 -11.53
CA ASP A 31 -9.41 -2.55 -12.49
C ASP A 31 -10.37 -1.39 -12.29
N PHE A 32 -10.65 -1.07 -11.02
CA PHE A 32 -11.56 0.02 -10.69
C PHE A 32 -11.03 1.35 -11.22
N ALA A 33 -9.71 1.48 -11.28
CA ALA A 33 -9.08 2.69 -11.77
C ALA A 33 -7.85 2.37 -12.62
N LYS A 34 -7.26 3.41 -13.21
CA LYS A 34 -6.08 3.24 -14.04
C LYS A 34 -4.81 3.38 -13.21
N GLY A 35 -3.66 3.27 -13.88
CA GLY A 35 -2.40 3.39 -13.18
C GLY A 35 -2.12 2.22 -12.27
N GLU A 36 -1.07 2.33 -11.46
CA GLU A 36 -0.70 1.27 -10.53
C GLU A 36 -0.90 1.72 -9.09
N TRP A 37 -1.72 0.96 -8.34
CA TRP A 37 -2.00 1.28 -6.95
C TRP A 37 -1.22 0.36 -6.03
N CYS A 38 -1.22 0.69 -4.73
CA CYS A 38 -0.51 -0.10 -3.74
C CYS A 38 -1.31 -0.19 -2.44
N GLY A 39 -1.51 -1.41 -1.96
CA GLY A 39 -2.26 -1.60 -0.73
C GLY A 39 -1.37 -1.59 0.51
N VAL A 40 -1.65 -0.67 1.42
CA VAL A 40 -0.86 -0.55 2.65
C VAL A 40 -1.61 -1.15 3.83
N GLU A 41 -0.87 -1.80 4.73
CA GLU A 41 -1.46 -2.42 5.91
C GLU A 41 -1.06 -1.65 7.17
N LEU A 42 -2.06 -1.15 7.89
CA LEU A 42 -1.81 -0.40 9.12
C LEU A 42 -1.91 -1.30 10.34
N ASP A 43 -0.98 -1.12 11.28
CA ASP A 43 -0.96 -1.93 12.50
C ASP A 43 -2.19 -1.66 13.35
N GLU A 44 -2.71 -0.44 13.25
CA GLU A 44 -3.89 -0.04 14.01
C GLU A 44 -5.13 -0.04 13.13
N PRO A 45 -6.33 -0.23 13.74
CA PRO A 45 -7.59 -0.26 13.01
C PRO A 45 -7.96 1.12 12.45
N LEU A 46 -7.30 1.51 11.37
CA LEU A 46 -7.56 2.80 10.74
C LEU A 46 -7.63 2.66 9.23
N GLY A 47 -8.10 1.51 8.77
CA GLY A 47 -8.22 1.26 7.34
C GLY A 47 -9.62 1.49 6.83
N LYS A 48 -9.83 1.22 5.54
CA LYS A 48 -11.15 1.39 4.93
C LYS A 48 -11.81 0.05 4.67
N ASN A 49 -11.02 -0.92 4.20
CA ASN A 49 -11.54 -2.25 3.91
C ASN A 49 -10.51 -3.32 4.29
N ASP A 50 -10.85 -4.58 4.01
CA ASP A 50 -9.95 -5.69 4.32
C ASP A 50 -9.12 -6.07 3.10
N GLY A 51 -8.61 -5.06 2.39
CA GLY A 51 -7.81 -5.31 1.22
C GLY A 51 -8.58 -6.00 0.11
N ALA A 52 -9.89 -5.80 0.10
CA ALA A 52 -10.75 -6.40 -0.91
C ALA A 52 -11.62 -5.35 -1.59
N VAL A 53 -11.74 -5.46 -2.92
CA VAL A 53 -12.53 -4.53 -3.70
C VAL A 53 -13.54 -5.26 -4.59
N ALA A 54 -14.81 -4.92 -4.45
CA ALA A 54 -15.86 -5.55 -5.24
C ALA A 54 -15.93 -7.05 -4.99
N GLY A 55 -15.53 -7.46 -3.78
CA GLY A 55 -15.56 -8.86 -3.45
C GLY A 55 -14.21 -9.53 -3.65
N THR A 56 -13.43 -9.03 -4.60
CA THR A 56 -12.12 -9.59 -4.90
C THR A 56 -11.10 -9.14 -3.87
N ARG A 57 -10.51 -10.10 -3.17
CA ARG A 57 -9.51 -9.79 -2.15
C ARG A 57 -8.11 -10.18 -2.62
N TYR A 58 -7.24 -9.18 -2.75
CA TYR A 58 -5.86 -9.41 -3.20
C TYR A 58 -5.01 -10.00 -2.07
N PHE A 59 -4.91 -9.25 -0.97
CA PHE A 59 -4.13 -9.68 0.18
C PHE A 59 -5.02 -9.89 1.40
N GLN A 60 -4.96 -11.08 1.97
CA GLN A 60 -5.78 -11.41 3.14
C GLN A 60 -5.39 -10.54 4.33
N CYS A 61 -6.38 -9.95 4.98
CA CYS A 61 -6.14 -9.09 6.14
C CYS A 61 -7.45 -8.76 6.84
N PRO A 62 -7.47 -8.82 8.18
CA PRO A 62 -8.67 -8.52 8.97
C PRO A 62 -9.27 -7.15 8.63
N PRO A 63 -10.47 -6.86 9.14
CA PRO A 63 -11.15 -5.59 8.88
C PRO A 63 -10.38 -4.39 9.44
N LYS A 64 -10.32 -3.32 8.67
CA LYS A 64 -9.61 -2.11 9.07
C LYS A 64 -8.12 -2.38 9.21
N PHE A 65 -7.58 -3.16 8.28
CA PHE A 65 -6.15 -3.50 8.29
C PHE A 65 -5.58 -3.48 6.88
N GLY A 66 -6.12 -2.60 6.04
CA GLY A 66 -5.65 -2.50 4.67
C GLY A 66 -6.26 -1.32 3.93
N LEU A 67 -5.45 -0.31 3.66
CA LEU A 67 -5.92 0.88 2.97
C LEU A 67 -5.26 1.01 1.60
N PHE A 68 -6.08 1.11 0.56
CA PHE A 68 -5.57 1.24 -0.81
C PHE A 68 -5.24 2.69 -1.13
N ALA A 69 -4.13 2.90 -1.83
CA ALA A 69 -3.72 4.24 -2.22
C ALA A 69 -2.85 4.20 -3.47
N PRO A 70 -2.98 5.21 -4.36
CA PRO A 70 -2.20 5.29 -5.60
C PRO A 70 -0.70 5.21 -5.34
N ILE A 71 0.05 4.72 -6.33
CA ILE A 71 1.49 4.60 -6.21
C ILE A 71 2.14 5.95 -5.94
N HIS A 72 1.74 6.96 -6.70
CA HIS A 72 2.28 8.30 -6.53
C HIS A 72 1.95 8.87 -5.15
N LYS A 73 0.94 8.30 -4.51
CA LYS A 73 0.52 8.75 -3.18
C LYS A 73 1.15 7.89 -2.08
N VAL A 74 2.28 7.26 -2.40
CA VAL A 74 2.97 6.41 -1.44
C VAL A 74 4.37 6.95 -1.13
N ILE A 75 4.73 6.95 0.14
CA ILE A 75 6.04 7.44 0.56
C ILE A 75 6.79 6.39 1.37
N ARG A 76 7.89 5.89 0.82
CA ARG A 76 8.70 4.89 1.50
C ARG A 76 9.36 5.46 2.74
N ILE A 77 9.62 4.59 3.72
CA ILE A 77 10.26 5.03 4.97
C ILE A 77 11.33 4.04 5.39
N GLY A 78 11.98 3.41 4.41
CA GLY A 78 13.02 2.45 4.72
C GLY A 78 14.27 3.10 5.29
N SER A 79 15.43 2.57 4.94
CA SER A 79 16.70 3.10 5.42
C SER A 79 17.01 4.45 4.78
N GLY A 80 17.35 5.43 5.61
CA GLY A 80 17.67 6.75 5.11
C GLY A 80 17.48 7.83 6.15
N PRO A 81 18.39 7.90 7.14
CA PRO A 81 18.30 8.91 8.21
C PRO A 81 18.65 10.31 7.71
N SER A 82 17.86 10.81 6.78
CA SER A 82 18.08 12.14 6.22
C SER A 82 16.87 13.05 6.45
N SER A 83 16.17 12.82 7.57
CA SER A 83 15.00 13.60 7.90
C SER A 83 14.88 13.79 9.41
N GLY A 84 15.03 12.70 10.14
CA GLY A 84 14.94 12.75 11.59
C GLY A 84 15.35 11.45 12.25
N GLY A 1 8.39 16.58 -3.14
CA GLY A 1 9.46 16.74 -2.11
C GLY A 1 10.69 15.89 -2.43
N SER A 2 10.48 14.59 -2.58
CA SER A 2 11.57 13.68 -2.88
C SER A 2 11.15 12.64 -3.90
N SER A 3 10.25 13.04 -4.81
CA SER A 3 9.76 12.14 -5.84
C SER A 3 10.68 12.16 -7.06
N GLY A 4 10.60 11.11 -7.86
CA GLY A 4 11.44 11.02 -9.06
C GLY A 4 11.32 9.69 -9.75
N SER A 5 11.14 8.63 -8.97
CA SER A 5 11.00 7.28 -9.52
C SER A 5 9.72 6.61 -9.02
N SER A 6 9.41 5.46 -9.60
CA SER A 6 8.22 4.71 -9.22
C SER A 6 8.43 3.21 -9.37
N GLY A 7 8.20 2.47 -8.30
CA GLY A 7 8.37 1.03 -8.34
C GLY A 7 8.90 0.48 -7.03
N LEU A 8 8.05 0.49 -6.01
CA LEU A 8 8.44 -0.02 -4.69
C LEU A 8 8.52 -1.54 -4.70
N ARG A 9 8.65 -2.13 -3.52
CA ARG A 9 8.75 -3.58 -3.39
C ARG A 9 7.83 -4.10 -2.29
N LEU A 10 7.26 -5.28 -2.50
CA LEU A 10 6.36 -5.88 -1.53
C LEU A 10 7.11 -6.21 -0.24
N GLY A 11 6.58 -5.72 0.88
CA GLY A 11 7.20 -5.97 2.16
C GLY A 11 8.07 -4.80 2.62
N ASP A 12 7.54 -3.59 2.51
CA ASP A 12 8.26 -2.40 2.92
C ASP A 12 7.34 -1.41 3.62
N ARG A 13 7.77 -0.90 4.77
CA ARG A 13 6.98 0.05 5.53
C ARG A 13 6.92 1.40 4.83
N VAL A 14 5.72 1.86 4.53
CA VAL A 14 5.52 3.14 3.86
C VAL A 14 4.57 4.03 4.63
N LEU A 15 4.49 5.29 4.23
CA LEU A 15 3.62 6.26 4.89
C LEU A 15 2.44 6.62 4.01
N VAL A 16 1.24 6.57 4.58
CA VAL A 16 0.03 6.89 3.84
C VAL A 16 -0.59 8.21 4.33
N GLY A 17 -0.39 9.27 3.57
CA GLY A 17 -0.93 10.57 3.93
C GLY A 17 0.09 11.43 4.66
N GLY A 18 1.03 10.79 5.34
CA GLY A 18 2.05 11.52 6.07
C GLY A 18 1.93 11.35 7.57
N THR A 19 1.42 10.19 7.99
CA THR A 19 1.25 9.90 9.40
C THR A 19 0.89 8.43 9.62
N LYS A 20 -0.06 7.95 8.83
CA LYS A 20 -0.50 6.56 8.93
C LYS A 20 0.57 5.61 8.39
N THR A 21 1.26 4.93 9.30
CA THR A 21 2.30 3.99 8.91
C THR A 21 1.72 2.61 8.60
N GLY A 22 2.14 2.04 7.48
CA GLY A 22 1.65 0.73 7.09
C GLY A 22 2.58 0.03 6.12
N VAL A 23 2.59 -1.31 6.17
CA VAL A 23 3.44 -2.10 5.29
C VAL A 23 2.73 -2.42 3.98
N VAL A 24 3.45 -2.29 2.88
CA VAL A 24 2.89 -2.57 1.56
C VAL A 24 2.57 -4.05 1.40
N ARG A 25 1.35 -4.35 1.02
CA ARG A 25 0.91 -5.73 0.83
C ARG A 25 0.69 -6.04 -0.65
N TYR A 26 0.37 -5.02 -1.42
CA TYR A 26 0.13 -5.17 -2.86
C TYR A 26 0.91 -4.13 -3.65
N VAL A 27 1.35 -4.52 -4.85
CA VAL A 27 2.10 -3.61 -5.71
C VAL A 27 1.83 -3.91 -7.18
N GLY A 28 1.03 -3.05 -7.81
CA GLY A 28 0.72 -3.24 -9.22
C GLY A 28 -0.53 -2.47 -9.64
N GLU A 29 -1.23 -2.98 -10.64
CA GLU A 29 -2.44 -2.35 -11.13
C GLU A 29 -3.67 -2.98 -10.51
N THR A 30 -4.83 -2.36 -10.74
CA THR A 30 -6.09 -2.85 -10.20
C THR A 30 -7.10 -3.09 -11.32
N ASP A 31 -8.29 -3.56 -10.94
CA ASP A 31 -9.34 -3.82 -11.91
C ASP A 31 -10.43 -2.76 -11.83
N PHE A 32 -10.67 -2.25 -10.63
CA PHE A 32 -11.68 -1.22 -10.42
C PHE A 32 -11.19 0.14 -10.89
N ALA A 33 -9.92 0.44 -10.61
CA ALA A 33 -9.33 1.70 -11.01
C ALA A 33 -8.09 1.48 -11.87
N LYS A 34 -7.88 2.38 -12.84
CA LYS A 34 -6.74 2.27 -13.74
C LYS A 34 -5.47 2.78 -13.06
N GLY A 35 -4.39 2.88 -13.82
CA GLY A 35 -3.13 3.35 -13.28
C GLY A 35 -2.46 2.33 -12.38
N GLU A 36 -1.79 2.80 -11.33
CA GLU A 36 -1.10 1.93 -10.40
C GLU A 36 -1.54 2.21 -8.97
N TRP A 37 -1.77 1.14 -8.20
CA TRP A 37 -2.19 1.28 -6.81
C TRP A 37 -1.42 0.31 -5.92
N CYS A 38 -1.22 0.71 -4.67
CA CYS A 38 -0.49 -0.11 -3.71
C CYS A 38 -1.28 -0.26 -2.42
N GLY A 39 -1.58 -1.51 -2.06
CA GLY A 39 -2.34 -1.78 -0.85
C GLY A 39 -1.46 -1.80 0.38
N VAL A 40 -1.52 -0.73 1.17
CA VAL A 40 -0.73 -0.63 2.39
C VAL A 40 -1.53 -1.08 3.60
N GLU A 41 -0.91 -1.89 4.46
CA GLU A 41 -1.56 -2.39 5.66
C GLU A 41 -1.09 -1.62 6.89
N LEU A 42 -1.90 -0.67 7.33
CA LEU A 42 -1.57 0.13 8.50
C LEU A 42 -1.44 -0.75 9.75
N ASP A 43 -0.81 -0.21 10.79
CA ASP A 43 -0.61 -0.95 12.03
C ASP A 43 -1.76 -0.69 13.00
N GLU A 44 -2.31 0.53 12.96
CA GLU A 44 -3.41 0.90 13.84
C GLU A 44 -4.72 0.96 13.06
N PRO A 45 -5.85 0.65 13.73
CA PRO A 45 -7.17 0.67 13.09
C PRO A 45 -7.46 1.99 12.37
N LEU A 46 -7.08 2.06 11.10
CA LEU A 46 -7.29 3.27 10.31
C LEU A 46 -7.51 2.92 8.84
N GLY A 47 -8.06 1.74 8.59
CA GLY A 47 -8.32 1.31 7.23
C GLY A 47 -9.80 1.32 6.89
N LYS A 48 -10.11 1.08 5.61
CA LYS A 48 -11.50 1.06 5.16
C LYS A 48 -11.92 -0.35 4.75
N ASN A 49 -10.98 -1.11 4.20
CA ASN A 49 -11.25 -2.48 3.77
C ASN A 49 -10.16 -3.43 4.24
N ASP A 50 -10.40 -4.73 4.08
CA ASP A 50 -9.43 -5.74 4.48
C ASP A 50 -8.64 -6.24 3.28
N GLY A 51 -8.35 -5.34 2.35
CA GLY A 51 -7.60 -5.72 1.16
C GLY A 51 -8.46 -6.39 0.13
N ALA A 52 -9.75 -6.06 0.12
CA ALA A 52 -10.68 -6.66 -0.83
C ALA A 52 -11.70 -5.62 -1.32
N VAL A 53 -11.83 -5.51 -2.64
CA VAL A 53 -12.76 -4.56 -3.24
C VAL A 53 -13.62 -5.23 -4.30
N ALA A 54 -14.88 -4.82 -4.38
CA ALA A 54 -15.80 -5.38 -5.36
C ALA A 54 -15.98 -6.89 -5.16
N GLY A 55 -15.87 -7.32 -3.90
CA GLY A 55 -16.01 -8.74 -3.60
C GLY A 55 -14.83 -9.56 -4.07
N THR A 56 -13.64 -8.94 -4.09
CA THR A 56 -12.43 -9.62 -4.51
C THR A 56 -11.25 -9.22 -3.63
N ARG A 57 -10.67 -10.21 -2.95
CA ARG A 57 -9.53 -9.95 -2.07
C ARG A 57 -8.24 -10.41 -2.72
N TYR A 58 -7.21 -9.57 -2.64
CA TYR A 58 -5.91 -9.88 -3.23
C TYR A 58 -4.97 -10.45 -2.18
N PHE A 59 -4.94 -9.81 -1.01
CA PHE A 59 -4.07 -10.25 0.08
C PHE A 59 -4.85 -10.36 1.38
N GLN A 60 -4.74 -11.51 2.04
CA GLN A 60 -5.44 -11.75 3.31
C GLN A 60 -4.99 -10.74 4.37
N CYS A 61 -5.96 -10.14 5.05
CA CYS A 61 -5.66 -9.16 6.09
C CYS A 61 -6.90 -8.91 6.95
N PRO A 62 -6.69 -8.43 8.20
CA PRO A 62 -7.79 -8.16 9.12
C PRO A 62 -8.63 -6.96 8.68
N PRO A 63 -9.85 -6.83 9.21
CA PRO A 63 -10.76 -5.73 8.86
C PRO A 63 -10.28 -4.40 9.44
N LYS A 64 -10.44 -3.34 8.65
CA LYS A 64 -10.04 -2.00 9.09
C LYS A 64 -8.53 -1.95 9.33
N PHE A 65 -7.76 -2.45 8.38
CA PHE A 65 -6.30 -2.46 8.49
C PHE A 65 -5.65 -2.10 7.16
N GLY A 66 -6.12 -2.72 6.08
CA GLY A 66 -5.57 -2.45 4.77
C GLY A 66 -6.21 -1.24 4.10
N LEU A 67 -5.41 -0.47 3.39
CA LEU A 67 -5.91 0.71 2.70
C LEU A 67 -5.28 0.85 1.32
N PHE A 68 -6.12 0.86 0.29
CA PHE A 68 -5.66 0.98 -1.09
C PHE A 68 -5.43 2.44 -1.46
N ALA A 69 -4.30 2.71 -2.10
CA ALA A 69 -3.96 4.07 -2.51
C ALA A 69 -2.99 4.07 -3.68
N PRO A 70 -3.08 5.09 -4.56
CA PRO A 70 -2.19 5.19 -5.73
C PRO A 70 -0.71 5.11 -5.35
N ILE A 71 0.09 4.56 -6.25
CA ILE A 71 1.53 4.43 -6.01
C ILE A 71 2.18 5.79 -5.78
N HIS A 72 1.84 6.75 -6.63
CA HIS A 72 2.40 8.10 -6.51
C HIS A 72 1.95 8.76 -5.21
N LYS A 73 0.90 8.23 -4.59
CA LYS A 73 0.40 8.78 -3.34
C LYS A 73 0.95 8.02 -2.14
N VAL A 74 2.08 7.36 -2.34
CA VAL A 74 2.72 6.60 -1.27
C VAL A 74 4.12 7.09 -0.99
N ILE A 75 4.42 7.32 0.29
CA ILE A 75 5.74 7.81 0.69
C ILE A 75 6.62 6.66 1.18
N ARG A 76 7.94 6.87 1.13
CA ARG A 76 8.89 5.85 1.57
C ARG A 76 9.55 6.25 2.88
N ILE A 77 9.27 5.48 3.93
CA ILE A 77 9.83 5.75 5.25
C ILE A 77 10.87 4.70 5.64
N GLY A 78 11.71 4.33 4.68
CA GLY A 78 12.73 3.33 4.94
C GLY A 78 13.21 2.64 3.67
N SER A 79 14.43 2.11 3.71
CA SER A 79 14.99 1.42 2.56
C SER A 79 15.81 0.21 3.00
N GLY A 80 15.39 -0.97 2.56
CA GLY A 80 16.11 -2.19 2.92
C GLY A 80 16.62 -2.95 1.71
N PRO A 81 17.44 -2.30 0.87
CA PRO A 81 17.99 -2.92 -0.33
C PRO A 81 19.03 -4.00 0.01
N SER A 82 19.58 -4.63 -1.03
CA SER A 82 20.58 -5.67 -0.84
C SER A 82 20.00 -6.83 -0.04
N SER A 83 19.59 -7.88 -0.75
CA SER A 83 19.02 -9.07 -0.11
C SER A 83 19.89 -10.29 -0.34
N GLY A 84 19.97 -10.73 -1.59
CA GLY A 84 20.78 -11.89 -1.92
C GLY A 84 22.17 -11.52 -2.38
#